data_5AJ2
# 
_entry.id   5AJ2 
# 
_audit_conform.dict_name       mmcif_pdbx.dic 
_audit_conform.dict_version    5.391 
_audit_conform.dict_location   http://mmcif.pdb.org/dictionaries/ascii/mmcif_pdbx.dic 
# 
loop_
_database_2.database_id 
_database_2.database_code 
_database_2.pdbx_database_accession 
_database_2.pdbx_DOI 
PDB   5AJ2         pdb_00005aj2 10.2210/pdb5aj2/pdb 
PDBE  EBI-63100    ?            ?                   
WWPDB D_1290063100 ?            ?                   
# 
loop_
_pdbx_audit_revision_history.ordinal 
_pdbx_audit_revision_history.data_content_type 
_pdbx_audit_revision_history.major_revision 
_pdbx_audit_revision_history.minor_revision 
_pdbx_audit_revision_history.revision_date 
1 'Structure model' 1 0 2015-11-11 
2 'Structure model' 1 1 2016-05-18 
3 'Structure model' 1 2 2017-08-23 
4 'Structure model' 1 3 2024-05-08 
# 
_pdbx_audit_revision_details.ordinal             1 
_pdbx_audit_revision_details.revision_ordinal    1 
_pdbx_audit_revision_details.data_content_type   'Structure model' 
_pdbx_audit_revision_details.provider            repository 
_pdbx_audit_revision_details.type                'Initial release' 
_pdbx_audit_revision_details.description         ? 
_pdbx_audit_revision_details.details             ? 
# 
loop_
_pdbx_audit_revision_group.ordinal 
_pdbx_audit_revision_group.revision_ordinal 
_pdbx_audit_revision_group.data_content_type 
_pdbx_audit_revision_group.group 
1 2 'Structure model' 'Database references'    
2 3 'Structure model' 'Data collection'        
3 4 'Structure model' 'Data collection'        
4 4 'Structure model' 'Database references'    
5 4 'Structure model' 'Refinement description' 
# 
loop_
_pdbx_audit_revision_category.ordinal 
_pdbx_audit_revision_category.revision_ordinal 
_pdbx_audit_revision_category.data_content_type 
_pdbx_audit_revision_category.category 
1 3 'Structure model' em_software                   
2 4 'Structure model' chem_comp_atom                
3 4 'Structure model' chem_comp_bond                
4 4 'Structure model' database_2                    
5 4 'Structure model' em_3d_fitting_list            
6 4 'Structure model' pdbx_initial_refinement_model 
# 
loop_
_pdbx_audit_revision_item.ordinal 
_pdbx_audit_revision_item.revision_ordinal 
_pdbx_audit_revision_item.data_content_type 
_pdbx_audit_revision_item.item 
1 3 'Structure model' '_em_software.fitting_id'                         
2 3 'Structure model' '_em_software.image_processing_id'                
3 4 'Structure model' '_database_2.pdbx_DOI'                            
4 4 'Structure model' '_database_2.pdbx_database_accession'             
5 4 'Structure model' '_em_3d_fitting_list.accession_code'              
6 4 'Structure model' '_em_3d_fitting_list.initial_refinement_model_id' 
7 4 'Structure model' '_em_3d_fitting_list.source_name'                 
8 4 'Structure model' '_em_3d_fitting_list.type'                        
# 
_pdbx_database_status.status_code                     REL 
_pdbx_database_status.entry_id                        5AJ2 
_pdbx_database_status.deposit_site                    PDBE 
_pdbx_database_status.process_site                    PDBE 
_pdbx_database_status.SG_entry                        . 
_pdbx_database_status.recvd_initial_deposition_date   2015-02-20 
_pdbx_database_status.pdb_format_compatible           Y 
_pdbx_database_status.status_code_sf                  ? 
_pdbx_database_status.status_code_mr                  ? 
_pdbx_database_status.status_code_cs                  ? 
_pdbx_database_status.methods_development_category    ? 
_pdbx_database_status.status_code_nmr_data            ? 
# 
_pdbx_database_related.db_name        EMDB 
_pdbx_database_related.db_id          EMD-2901 
_pdbx_database_related.content_type   'associated EM volume' 
_pdbx_database_related.details        . 
# 
loop_
_audit_author.name 
_audit_author.pdbx_ordinal 
'Diebolder, C.A.' 1 
'Halff, E.F.'     2 
'Koster, A.J.'    3 
'Huizinga, E.G.'  4 
'Koning, R.I.'    5 
# 
_citation.id                        primary 
_citation.title                     'Cryoelectron Tomography of the Naip5/Nlrc4 Inflammasome: Implications for Nlr Activation.' 
_citation.journal_abbrev            Structure 
_citation.journal_volume            23 
_citation.page_first                2349 
_citation.page_last                 ? 
_citation.year                      2015 
_citation.journal_id_ASTM           STRUE6 
_citation.country                   UK 
_citation.journal_id_ISSN           0969-2126 
_citation.journal_id_CSD            2005 
_citation.book_publisher            ? 
_citation.pdbx_database_id_PubMed   26585513 
_citation.pdbx_database_id_DOI      10.1016/J.STR.2015.10.001 
# 
loop_
_citation_author.citation_id 
_citation_author.name 
_citation_author.ordinal 
_citation_author.identifier_ORCID 
primary 'Diebolder, C.A.' 1 ? 
primary 'Halff, E.F.'     2 ? 
primary 'Koster, A.J.'    3 ? 
primary 'Huizinga, E.G.'  4 ? 
primary 'Koning, R.I.'    5 ? 
# 
loop_
_entity.id 
_entity.type 
_entity.src_method 
_entity.pdbx_description 
_entity.formula_weight 
_entity.pdbx_number_of_molecules 
_entity.pdbx_ec 
_entity.pdbx_mutation 
_entity.pdbx_fragment 
_entity.details 
1 polymer man 'NLR FAMILY CARD DOMAIN-CONTAINING PROTEIN 4' 40914.316 1 ? ? 'RESIDUES 1-355'    ? 
2 polymer man 'NLR FAMILY CARD DOMAIN-CONTAINING PROTEIN 4' 25524.809 1 ? ? 'RESIDUES 356-580'  ? 
3 polymer man 'NLR FAMILY CARD DOMAIN-CONTAINING PROTEIN 4' 50610.996 1 ? ? 'RESIDUES 580-1024' ? 
# 
loop_
_entity_name_com.entity_id 
_entity_name_com.name 
1 'CASPASE RECRUITMENT DOMAIN-CONTAINING PROTEIN 12, ICE PROTEASE-ACTIVATING FACTOR, IPAF' 
2 'CASPASE RECRUITMENT DOMAIN-CONTAINING PROTEIN 12, ICE PROTEASE-ACTIVATING FACTOR, IPAF' 
3 'CASPASE RECRUITMENT DOMAIN-CONTAINING PROTEIN 12, ICE PROTEASE-ACTIVATING FACTOR, IPAF' 
# 
loop_
_entity_poly.entity_id 
_entity_poly.type 
_entity_poly.nstd_linkage 
_entity_poly.nstd_monomer 
_entity_poly.pdbx_seq_one_letter_code 
_entity_poly.pdbx_seq_one_letter_code_can 
_entity_poly.pdbx_strand_id 
_entity_poly.pdbx_target_identifier 
1 'polypeptide(L)' no no 
;MNFIRNNRRALIQRMGLTVTKQICDDLFALNVLNNQEANVIYCEPLEQEAARKIIHMTMQKGSAACNLFLKSLENWDYFV
YQDLTGQNLSYQVTEEDLNVLAQNLKDLYNSPAFLNFYPLGEDIDIIFNLEKTFTEPIMWKKDHRHHRVEQLTLGSLLEA
LKSPCLIEGESGKGKSTLLQRIAMLWASGGCRALKGFRLVFFIHLRSARGGLFETLYDQLLNIPDFISKPTFKALLLKLH
KEVLFLLDGYNEFHPQNCPEIEALIKENHRFKNMVIVTTTTECLRHIRHVGALTAEVGDMTEDSAKDLIEAVLVPDQVER
LWAQIQESRCLRNLMKTPLFVVITCAIQMGRQEFQ
;
;MNFIRNNRRALIQRMGLTVTKQICDDLFALNVLNNQEANVIYCEPLEQEAARKIIHMTMQKGSAACNLFLKSLENWDYFV
YQDLTGQNLSYQVTEEDLNVLAQNLKDLYNSPAFLNFYPLGEDIDIIFNLEKTFTEPIMWKKDHRHHRVEQLTLGSLLEA
LKSPCLIEGESGKGKSTLLQRIAMLWASGGCRALKGFRLVFFIHLRSARGGLFETLYDQLLNIPDFISKPTFKALLLKLH
KEVLFLLDGYNEFHPQNCPEIEALIKENHRFKNMVIVTTTTECLRHIRHVGALTAEVGDMTEDSAKDLIEAVLVPDQVER
LWAQIQESRCLRNLMKTPLFVVITCAIQMGRQEFQ
;
A ? 
2 'polypeptide(L)' no no 
;AHTQTMLFQTFYDLLIQKNSHRYRGGASGDFARSLDYCGDLALEGVFAHKFDFEPEHGSSMNEDVLVTIGLLCKYTAQRL
KPTYKFFHKSFQEYTAGRRLSSLLTSKEPEEVSKGNSYLNKMVSISDITSLYGNLLLYTCGSSTEATRAVMRHLAMVYQH
GSLQGLSVTKRPLWRQESIQSLRNTTEQDVLKAINVNSFVECGINLFSESMSKSDLSQEFEAFFQ
;
;AHTQTMLFQTFYDLLIQKNSHRYRGGASGDFARSLDYCGDLALEGVFAHKFDFEPEHGSSMNEDVLVTIGLLCKYTAQRL
KPTYKFFHKSFQEYTAGRRLSSLLTSKEPEEVSKGNSYLNKMVSISDITSLYGNLLLYTCGSSTEATRAVMRHLAMVYQH
GSLQGLSVTKRPLWRQESIQSLRNTTEQDVLKAINVNSFVECGINLFSESMSKSDLSQEFEAFFQ
;
B ? 
3 'polypeptide(L)' no no 
;QGKSLYINSENIPDYLFDFFEYLPNCASALDFVKLDFYERATESQDKAEENVPGVHTEGPSETYIPPRAVSLFFNWKQEF
KTLEVTLRDINKLNKQDIKYLGKIFSSATNLRLHIKRCAAMAGRLSSVLRTCKNMHTLMVEASPLTTDDEQYITSVTGLQ
NLSIHRLHTQQLPGGLIDSLGNLKNLERLILDDIRMNEEDAKNLAEGLRSLKKMRLLHLTHLSDIGEGMDYIVKSLSEES
CDLQEMKLVACCLTANSVKVLAQNLHNLIKLSILDISENYLEKDGNEALQELIGRLGVLGELTTLMLPWCWDVHTSLPKL
LKQLEGTPGLAKLGLKNWRLRDEEIKSLGEFLEMNPLRDLQQLDLAGHCVSSDGWLYFMNVFENLKQLVFFDFSTEEFLP
DAALVRKLSQVLSKLTLLQEVKLTGWEFDDYDISAIKGTFKLVTA
;
;QGKSLYINSENIPDYLFDFFEYLPNCASALDFVKLDFYERATESQDKAEENVPGVHTEGPSETYIPPRAVSLFFNWKQEF
KTLEVTLRDINKLNKQDIKYLGKIFSSATNLRLHIKRCAAMAGRLSSVLRTCKNMHTLMVEASPLTTDDEQYITSVTGLQ
NLSIHRLHTQQLPGGLIDSLGNLKNLERLILDDIRMNEEDAKNLAEGLRSLKKMRLLHLTHLSDIGEGMDYIVKSLSEES
CDLQEMKLVACCLTANSVKVLAQNLHNLIKLSILDISENYLEKDGNEALQELIGRLGVLGELTTLMLPWCWDVHTSLPKL
LKQLEGTPGLAKLGLKNWRLRDEEIKSLGEFLEMNPLRDLQQLDLAGHCVSSDGWLYFMNVFENLKQLVFFDFSTEEFLP
DAALVRKLSQVLSKLTLLQEVKLTGWEFDDYDISAIKGTFKLVTA
;
C ? 
# 
loop_
_entity_poly_seq.entity_id 
_entity_poly_seq.num 
_entity_poly_seq.mon_id 
_entity_poly_seq.hetero 
1 1   MET n 
1 2   ASN n 
1 3   PHE n 
1 4   ILE n 
1 5   ARG n 
1 6   ASN n 
1 7   ASN n 
1 8   ARG n 
1 9   ARG n 
1 10  ALA n 
1 11  LEU n 
1 12  ILE n 
1 13  GLN n 
1 14  ARG n 
1 15  MET n 
1 16  GLY n 
1 17  LEU n 
1 18  THR n 
1 19  VAL n 
1 20  THR n 
1 21  LYS n 
1 22  GLN n 
1 23  ILE n 
1 24  CYS n 
1 25  ASP n 
1 26  ASP n 
1 27  LEU n 
1 28  PHE n 
1 29  ALA n 
1 30  LEU n 
1 31  ASN n 
1 32  VAL n 
1 33  LEU n 
1 34  ASN n 
1 35  ASN n 
1 36  GLN n 
1 37  GLU n 
1 38  ALA n 
1 39  ASN n 
1 40  VAL n 
1 41  ILE n 
1 42  TYR n 
1 43  CYS n 
1 44  GLU n 
1 45  PRO n 
1 46  LEU n 
1 47  GLU n 
1 48  GLN n 
1 49  GLU n 
1 50  ALA n 
1 51  ALA n 
1 52  ARG n 
1 53  LYS n 
1 54  ILE n 
1 55  ILE n 
1 56  HIS n 
1 57  MET n 
1 58  THR n 
1 59  MET n 
1 60  GLN n 
1 61  LYS n 
1 62  GLY n 
1 63  SER n 
1 64  ALA n 
1 65  ALA n 
1 66  CYS n 
1 67  ASN n 
1 68  LEU n 
1 69  PHE n 
1 70  LEU n 
1 71  LYS n 
1 72  SER n 
1 73  LEU n 
1 74  GLU n 
1 75  ASN n 
1 76  TRP n 
1 77  ASP n 
1 78  TYR n 
1 79  PHE n 
1 80  VAL n 
1 81  TYR n 
1 82  GLN n 
1 83  ASP n 
1 84  LEU n 
1 85  THR n 
1 86  GLY n 
1 87  GLN n 
1 88  ASN n 
1 89  LEU n 
1 90  SER n 
1 91  TYR n 
1 92  GLN n 
1 93  VAL n 
1 94  THR n 
1 95  GLU n 
1 96  GLU n 
1 97  ASP n 
1 98  LEU n 
1 99  ASN n 
1 100 VAL n 
1 101 LEU n 
1 102 ALA n 
1 103 GLN n 
1 104 ASN n 
1 105 LEU n 
1 106 LYS n 
1 107 ASP n 
1 108 LEU n 
1 109 TYR n 
1 110 ASN n 
1 111 SER n 
1 112 PRO n 
1 113 ALA n 
1 114 PHE n 
1 115 LEU n 
1 116 ASN n 
1 117 PHE n 
1 118 TYR n 
1 119 PRO n 
1 120 LEU n 
1 121 GLY n 
1 122 GLU n 
1 123 ASP n 
1 124 ILE n 
1 125 ASP n 
1 126 ILE n 
1 127 ILE n 
1 128 PHE n 
1 129 ASN n 
1 130 LEU n 
1 131 GLU n 
1 132 LYS n 
1 133 THR n 
1 134 PHE n 
1 135 THR n 
1 136 GLU n 
1 137 PRO n 
1 138 ILE n 
1 139 MET n 
1 140 TRP n 
1 141 LYS n 
1 142 LYS n 
1 143 ASP n 
1 144 HIS n 
1 145 ARG n 
1 146 HIS n 
1 147 HIS n 
1 148 ARG n 
1 149 VAL n 
1 150 GLU n 
1 151 GLN n 
1 152 LEU n 
1 153 THR n 
1 154 LEU n 
1 155 GLY n 
1 156 SER n 
1 157 LEU n 
1 158 LEU n 
1 159 GLU n 
1 160 ALA n 
1 161 LEU n 
1 162 LYS n 
1 163 SER n 
1 164 PRO n 
1 165 CYS n 
1 166 LEU n 
1 167 ILE n 
1 168 GLU n 
1 169 GLY n 
1 170 GLU n 
1 171 SER n 
1 172 GLY n 
1 173 LYS n 
1 174 GLY n 
1 175 LYS n 
1 176 SER n 
1 177 THR n 
1 178 LEU n 
1 179 LEU n 
1 180 GLN n 
1 181 ARG n 
1 182 ILE n 
1 183 ALA n 
1 184 MET n 
1 185 LEU n 
1 186 TRP n 
1 187 ALA n 
1 188 SER n 
1 189 GLY n 
1 190 GLY n 
1 191 CYS n 
1 192 ARG n 
1 193 ALA n 
1 194 LEU n 
1 195 LYS n 
1 196 GLY n 
1 197 PHE n 
1 198 ARG n 
1 199 LEU n 
1 200 VAL n 
1 201 PHE n 
1 202 PHE n 
1 203 ILE n 
1 204 HIS n 
1 205 LEU n 
1 206 ARG n 
1 207 SER n 
1 208 ALA n 
1 209 ARG n 
1 210 GLY n 
1 211 GLY n 
1 212 LEU n 
1 213 PHE n 
1 214 GLU n 
1 215 THR n 
1 216 LEU n 
1 217 TYR n 
1 218 ASP n 
1 219 GLN n 
1 220 LEU n 
1 221 LEU n 
1 222 ASN n 
1 223 ILE n 
1 224 PRO n 
1 225 ASP n 
1 226 PHE n 
1 227 ILE n 
1 228 SER n 
1 229 LYS n 
1 230 PRO n 
1 231 THR n 
1 232 PHE n 
1 233 LYS n 
1 234 ALA n 
1 235 LEU n 
1 236 LEU n 
1 237 LEU n 
1 238 LYS n 
1 239 LEU n 
1 240 HIS n 
1 241 LYS n 
1 242 GLU n 
1 243 VAL n 
1 244 LEU n 
1 245 PHE n 
1 246 LEU n 
1 247 LEU n 
1 248 ASP n 
1 249 GLY n 
1 250 TYR n 
1 251 ASN n 
1 252 GLU n 
1 253 PHE n 
1 254 HIS n 
1 255 PRO n 
1 256 GLN n 
1 257 ASN n 
1 258 CYS n 
1 259 PRO n 
1 260 GLU n 
1 261 ILE n 
1 262 GLU n 
1 263 ALA n 
1 264 LEU n 
1 265 ILE n 
1 266 LYS n 
1 267 GLU n 
1 268 ASN n 
1 269 HIS n 
1 270 ARG n 
1 271 PHE n 
1 272 LYS n 
1 273 ASN n 
1 274 MET n 
1 275 VAL n 
1 276 ILE n 
1 277 VAL n 
1 278 THR n 
1 279 THR n 
1 280 THR n 
1 281 THR n 
1 282 GLU n 
1 283 CYS n 
1 284 LEU n 
1 285 ARG n 
1 286 HIS n 
1 287 ILE n 
1 288 ARG n 
1 289 HIS n 
1 290 VAL n 
1 291 GLY n 
1 292 ALA n 
1 293 LEU n 
1 294 THR n 
1 295 ALA n 
1 296 GLU n 
1 297 VAL n 
1 298 GLY n 
1 299 ASP n 
1 300 MET n 
1 301 THR n 
1 302 GLU n 
1 303 ASP n 
1 304 SER n 
1 305 ALA n 
1 306 LYS n 
1 307 ASP n 
1 308 LEU n 
1 309 ILE n 
1 310 GLU n 
1 311 ALA n 
1 312 VAL n 
1 313 LEU n 
1 314 VAL n 
1 315 PRO n 
1 316 ASP n 
1 317 GLN n 
1 318 VAL n 
1 319 GLU n 
1 320 ARG n 
1 321 LEU n 
1 322 TRP n 
1 323 ALA n 
1 324 GLN n 
1 325 ILE n 
1 326 GLN n 
1 327 GLU n 
1 328 SER n 
1 329 ARG n 
1 330 CYS n 
1 331 LEU n 
1 332 ARG n 
1 333 ASN n 
1 334 LEU n 
1 335 MET n 
1 336 LYS n 
1 337 THR n 
1 338 PRO n 
1 339 LEU n 
1 340 PHE n 
1 341 VAL n 
1 342 VAL n 
1 343 ILE n 
1 344 THR n 
1 345 CYS n 
1 346 ALA n 
1 347 ILE n 
1 348 GLN n 
1 349 MET n 
1 350 GLY n 
1 351 ARG n 
1 352 GLN n 
1 353 GLU n 
1 354 PHE n 
1 355 GLN n 
2 1   ALA n 
2 2   HIS n 
2 3   THR n 
2 4   GLN n 
2 5   THR n 
2 6   MET n 
2 7   LEU n 
2 8   PHE n 
2 9   GLN n 
2 10  THR n 
2 11  PHE n 
2 12  TYR n 
2 13  ASP n 
2 14  LEU n 
2 15  LEU n 
2 16  ILE n 
2 17  GLN n 
2 18  LYS n 
2 19  ASN n 
2 20  SER n 
2 21  HIS n 
2 22  ARG n 
2 23  TYR n 
2 24  ARG n 
2 25  GLY n 
2 26  GLY n 
2 27  ALA n 
2 28  SER n 
2 29  GLY n 
2 30  ASP n 
2 31  PHE n 
2 32  ALA n 
2 33  ARG n 
2 34  SER n 
2 35  LEU n 
2 36  ASP n 
2 37  TYR n 
2 38  CYS n 
2 39  GLY n 
2 40  ASP n 
2 41  LEU n 
2 42  ALA n 
2 43  LEU n 
2 44  GLU n 
2 45  GLY n 
2 46  VAL n 
2 47  PHE n 
2 48  ALA n 
2 49  HIS n 
2 50  LYS n 
2 51  PHE n 
2 52  ASP n 
2 53  PHE n 
2 54  GLU n 
2 55  PRO n 
2 56  GLU n 
2 57  HIS n 
2 58  GLY n 
2 59  SER n 
2 60  SER n 
2 61  MET n 
2 62  ASN n 
2 63  GLU n 
2 64  ASP n 
2 65  VAL n 
2 66  LEU n 
2 67  VAL n 
2 68  THR n 
2 69  ILE n 
2 70  GLY n 
2 71  LEU n 
2 72  LEU n 
2 73  CYS n 
2 74  LYS n 
2 75  TYR n 
2 76  THR n 
2 77  ALA n 
2 78  GLN n 
2 79  ARG n 
2 80  LEU n 
2 81  LYS n 
2 82  PRO n 
2 83  THR n 
2 84  TYR n 
2 85  LYS n 
2 86  PHE n 
2 87  PHE n 
2 88  HIS n 
2 89  LYS n 
2 90  SER n 
2 91  PHE n 
2 92  GLN n 
2 93  GLU n 
2 94  TYR n 
2 95  THR n 
2 96  ALA n 
2 97  GLY n 
2 98  ARG n 
2 99  ARG n 
2 100 LEU n 
2 101 SER n 
2 102 SER n 
2 103 LEU n 
2 104 LEU n 
2 105 THR n 
2 106 SER n 
2 107 LYS n 
2 108 GLU n 
2 109 PRO n 
2 110 GLU n 
2 111 GLU n 
2 112 VAL n 
2 113 SER n 
2 114 LYS n 
2 115 GLY n 
2 116 ASN n 
2 117 SER n 
2 118 TYR n 
2 119 LEU n 
2 120 ASN n 
2 121 LYS n 
2 122 MET n 
2 123 VAL n 
2 124 SER n 
2 125 ILE n 
2 126 SER n 
2 127 ASP n 
2 128 ILE n 
2 129 THR n 
2 130 SER n 
2 131 LEU n 
2 132 TYR n 
2 133 GLY n 
2 134 ASN n 
2 135 LEU n 
2 136 LEU n 
2 137 LEU n 
2 138 TYR n 
2 139 THR n 
2 140 CYS n 
2 141 GLY n 
2 142 SER n 
2 143 SER n 
2 144 THR n 
2 145 GLU n 
2 146 ALA n 
2 147 THR n 
2 148 ARG n 
2 149 ALA n 
2 150 VAL n 
2 151 MET n 
2 152 ARG n 
2 153 HIS n 
2 154 LEU n 
2 155 ALA n 
2 156 MET n 
2 157 VAL n 
2 158 TYR n 
2 159 GLN n 
2 160 HIS n 
2 161 GLY n 
2 162 SER n 
2 163 LEU n 
2 164 GLN n 
2 165 GLY n 
2 166 LEU n 
2 167 SER n 
2 168 VAL n 
2 169 THR n 
2 170 LYS n 
2 171 ARG n 
2 172 PRO n 
2 173 LEU n 
2 174 TRP n 
2 175 ARG n 
2 176 GLN n 
2 177 GLU n 
2 178 SER n 
2 179 ILE n 
2 180 GLN n 
2 181 SER n 
2 182 LEU n 
2 183 ARG n 
2 184 ASN n 
2 185 THR n 
2 186 THR n 
2 187 GLU n 
2 188 GLN n 
2 189 ASP n 
2 190 VAL n 
2 191 LEU n 
2 192 LYS n 
2 193 ALA n 
2 194 ILE n 
2 195 ASN n 
2 196 VAL n 
2 197 ASN n 
2 198 SER n 
2 199 PHE n 
2 200 VAL n 
2 201 GLU n 
2 202 CYS n 
2 203 GLY n 
2 204 ILE n 
2 205 ASN n 
2 206 LEU n 
2 207 PHE n 
2 208 SER n 
2 209 GLU n 
2 210 SER n 
2 211 MET n 
2 212 SER n 
2 213 LYS n 
2 214 SER n 
2 215 ASP n 
2 216 LEU n 
2 217 SER n 
2 218 GLN n 
2 219 GLU n 
2 220 PHE n 
2 221 GLU n 
2 222 ALA n 
2 223 PHE n 
2 224 PHE n 
2 225 GLN n 
3 1   GLN n 
3 2   GLY n 
3 3   LYS n 
3 4   SER n 
3 5   LEU n 
3 6   TYR n 
3 7   ILE n 
3 8   ASN n 
3 9   SER n 
3 10  GLU n 
3 11  ASN n 
3 12  ILE n 
3 13  PRO n 
3 14  ASP n 
3 15  TYR n 
3 16  LEU n 
3 17  PHE n 
3 18  ASP n 
3 19  PHE n 
3 20  PHE n 
3 21  GLU n 
3 22  TYR n 
3 23  LEU n 
3 24  PRO n 
3 25  ASN n 
3 26  CYS n 
3 27  ALA n 
3 28  SER n 
3 29  ALA n 
3 30  LEU n 
3 31  ASP n 
3 32  PHE n 
3 33  VAL n 
3 34  LYS n 
3 35  LEU n 
3 36  ASP n 
3 37  PHE n 
3 38  TYR n 
3 39  GLU n 
3 40  ARG n 
3 41  ALA n 
3 42  THR n 
3 43  GLU n 
3 44  SER n 
3 45  GLN n 
3 46  ASP n 
3 47  LYS n 
3 48  ALA n 
3 49  GLU n 
3 50  GLU n 
3 51  ASN n 
3 52  VAL n 
3 53  PRO n 
3 54  GLY n 
3 55  VAL n 
3 56  HIS n 
3 57  THR n 
3 58  GLU n 
3 59  GLY n 
3 60  PRO n 
3 61  SER n 
3 62  GLU n 
3 63  THR n 
3 64  TYR n 
3 65  ILE n 
3 66  PRO n 
3 67  PRO n 
3 68  ARG n 
3 69  ALA n 
3 70  VAL n 
3 71  SER n 
3 72  LEU n 
3 73  PHE n 
3 74  PHE n 
3 75  ASN n 
3 76  TRP n 
3 77  LYS n 
3 78  GLN n 
3 79  GLU n 
3 80  PHE n 
3 81  LYS n 
3 82  THR n 
3 83  LEU n 
3 84  GLU n 
3 85  VAL n 
3 86  THR n 
3 87  LEU n 
3 88  ARG n 
3 89  ASP n 
3 90  ILE n 
3 91  ASN n 
3 92  LYS n 
3 93  LEU n 
3 94  ASN n 
3 95  LYS n 
3 96  GLN n 
3 97  ASP n 
3 98  ILE n 
3 99  LYS n 
3 100 TYR n 
3 101 LEU n 
3 102 GLY n 
3 103 LYS n 
3 104 ILE n 
3 105 PHE n 
3 106 SER n 
3 107 SER n 
3 108 ALA n 
3 109 THR n 
3 110 ASN n 
3 111 LEU n 
3 112 ARG n 
3 113 LEU n 
3 114 HIS n 
3 115 ILE n 
3 116 LYS n 
3 117 ARG n 
3 118 CYS n 
3 119 ALA n 
3 120 ALA n 
3 121 MET n 
3 122 ALA n 
3 123 GLY n 
3 124 ARG n 
3 125 LEU n 
3 126 SER n 
3 127 SER n 
3 128 VAL n 
3 129 LEU n 
3 130 ARG n 
3 131 THR n 
3 132 CYS n 
3 133 LYS n 
3 134 ASN n 
3 135 MET n 
3 136 HIS n 
3 137 THR n 
3 138 LEU n 
3 139 MET n 
3 140 VAL n 
3 141 GLU n 
3 142 ALA n 
3 143 SER n 
3 144 PRO n 
3 145 LEU n 
3 146 THR n 
3 147 THR n 
3 148 ASP n 
3 149 ASP n 
3 150 GLU n 
3 151 GLN n 
3 152 TYR n 
3 153 ILE n 
3 154 THR n 
3 155 SER n 
3 156 VAL n 
3 157 THR n 
3 158 GLY n 
3 159 LEU n 
3 160 GLN n 
3 161 ASN n 
3 162 LEU n 
3 163 SER n 
3 164 ILE n 
3 165 HIS n 
3 166 ARG n 
3 167 LEU n 
3 168 HIS n 
3 169 THR n 
3 170 GLN n 
3 171 GLN n 
3 172 LEU n 
3 173 PRO n 
3 174 GLY n 
3 175 GLY n 
3 176 LEU n 
3 177 ILE n 
3 178 ASP n 
3 179 SER n 
3 180 LEU n 
3 181 GLY n 
3 182 ASN n 
3 183 LEU n 
3 184 LYS n 
3 185 ASN n 
3 186 LEU n 
3 187 GLU n 
3 188 ARG n 
3 189 LEU n 
3 190 ILE n 
3 191 LEU n 
3 192 ASP n 
3 193 ASP n 
3 194 ILE n 
3 195 ARG n 
3 196 MET n 
3 197 ASN n 
3 198 GLU n 
3 199 GLU n 
3 200 ASP n 
3 201 ALA n 
3 202 LYS n 
3 203 ASN n 
3 204 LEU n 
3 205 ALA n 
3 206 GLU n 
3 207 GLY n 
3 208 LEU n 
3 209 ARG n 
3 210 SER n 
3 211 LEU n 
3 212 LYS n 
3 213 LYS n 
3 214 MET n 
3 215 ARG n 
3 216 LEU n 
3 217 LEU n 
3 218 HIS n 
3 219 LEU n 
3 220 THR n 
3 221 HIS n 
3 222 LEU n 
3 223 SER n 
3 224 ASP n 
3 225 ILE n 
3 226 GLY n 
3 227 GLU n 
3 228 GLY n 
3 229 MET n 
3 230 ASP n 
3 231 TYR n 
3 232 ILE n 
3 233 VAL n 
3 234 LYS n 
3 235 SER n 
3 236 LEU n 
3 237 SER n 
3 238 GLU n 
3 239 GLU n 
3 240 SER n 
3 241 CYS n 
3 242 ASP n 
3 243 LEU n 
3 244 GLN n 
3 245 GLU n 
3 246 MET n 
3 247 LYS n 
3 248 LEU n 
3 249 VAL n 
3 250 ALA n 
3 251 CYS n 
3 252 CYS n 
3 253 LEU n 
3 254 THR n 
3 255 ALA n 
3 256 ASN n 
3 257 SER n 
3 258 VAL n 
3 259 LYS n 
3 260 VAL n 
3 261 LEU n 
3 262 ALA n 
3 263 GLN n 
3 264 ASN n 
3 265 LEU n 
3 266 HIS n 
3 267 ASN n 
3 268 LEU n 
3 269 ILE n 
3 270 LYS n 
3 271 LEU n 
3 272 SER n 
3 273 ILE n 
3 274 LEU n 
3 275 ASP n 
3 276 ILE n 
3 277 SER n 
3 278 GLU n 
3 279 ASN n 
3 280 TYR n 
3 281 LEU n 
3 282 GLU n 
3 283 LYS n 
3 284 ASP n 
3 285 GLY n 
3 286 ASN n 
3 287 GLU n 
3 288 ALA n 
3 289 LEU n 
3 290 GLN n 
3 291 GLU n 
3 292 LEU n 
3 293 ILE n 
3 294 GLY n 
3 295 ARG n 
3 296 LEU n 
3 297 GLY n 
3 298 VAL n 
3 299 LEU n 
3 300 GLY n 
3 301 GLU n 
3 302 LEU n 
3 303 THR n 
3 304 THR n 
3 305 LEU n 
3 306 MET n 
3 307 LEU n 
3 308 PRO n 
3 309 TRP n 
3 310 CYS n 
3 311 TRP n 
3 312 ASP n 
3 313 VAL n 
3 314 HIS n 
3 315 THR n 
3 316 SER n 
3 317 LEU n 
3 318 PRO n 
3 319 LYS n 
3 320 LEU n 
3 321 LEU n 
3 322 LYS n 
3 323 GLN n 
3 324 LEU n 
3 325 GLU n 
3 326 GLY n 
3 327 THR n 
3 328 PRO n 
3 329 GLY n 
3 330 LEU n 
3 331 ALA n 
3 332 LYS n 
3 333 LEU n 
3 334 GLY n 
3 335 LEU n 
3 336 LYS n 
3 337 ASN n 
3 338 TRP n 
3 339 ARG n 
3 340 LEU n 
3 341 ARG n 
3 342 ASP n 
3 343 GLU n 
3 344 GLU n 
3 345 ILE n 
3 346 LYS n 
3 347 SER n 
3 348 LEU n 
3 349 GLY n 
3 350 GLU n 
3 351 PHE n 
3 352 LEU n 
3 353 GLU n 
3 354 MET n 
3 355 ASN n 
3 356 PRO n 
3 357 LEU n 
3 358 ARG n 
3 359 ASP n 
3 360 LEU n 
3 361 GLN n 
3 362 GLN n 
3 363 LEU n 
3 364 ASP n 
3 365 LEU n 
3 366 ALA n 
3 367 GLY n 
3 368 HIS n 
3 369 CYS n 
3 370 VAL n 
3 371 SER n 
3 372 SER n 
3 373 ASP n 
3 374 GLY n 
3 375 TRP n 
3 376 LEU n 
3 377 TYR n 
3 378 PHE n 
3 379 MET n 
3 380 ASN n 
3 381 VAL n 
3 382 PHE n 
3 383 GLU n 
3 384 ASN n 
3 385 LEU n 
3 386 LYS n 
3 387 GLN n 
3 388 LEU n 
3 389 VAL n 
3 390 PHE n 
3 391 PHE n 
3 392 ASP n 
3 393 PHE n 
3 394 SER n 
3 395 THR n 
3 396 GLU n 
3 397 GLU n 
3 398 PHE n 
3 399 LEU n 
3 400 PRO n 
3 401 ASP n 
3 402 ALA n 
3 403 ALA n 
3 404 LEU n 
3 405 VAL n 
3 406 ARG n 
3 407 LYS n 
3 408 LEU n 
3 409 SER n 
3 410 GLN n 
3 411 VAL n 
3 412 LEU n 
3 413 SER n 
3 414 LYS n 
3 415 LEU n 
3 416 THR n 
3 417 LEU n 
3 418 LEU n 
3 419 GLN n 
3 420 GLU n 
3 421 VAL n 
3 422 LYS n 
3 423 LEU n 
3 424 THR n 
3 425 GLY n 
3 426 TRP n 
3 427 GLU n 
3 428 PHE n 
3 429 ASP n 
3 430 ASP n 
3 431 TYR n 
3 432 ASP n 
3 433 ILE n 
3 434 SER n 
3 435 ALA n 
3 436 ILE n 
3 437 LYS n 
3 438 GLY n 
3 439 THR n 
3 440 PHE n 
3 441 LYS n 
3 442 LEU n 
3 443 VAL n 
3 444 THR n 
3 445 ALA n 
# 
loop_
_entity_src_gen.entity_id 
_entity_src_gen.pdbx_src_id 
_entity_src_gen.pdbx_alt_source_flag 
_entity_src_gen.pdbx_seq_type 
_entity_src_gen.pdbx_beg_seq_num 
_entity_src_gen.pdbx_end_seq_num 
_entity_src_gen.gene_src_common_name 
_entity_src_gen.gene_src_genus 
_entity_src_gen.pdbx_gene_src_gene 
_entity_src_gen.gene_src_species 
_entity_src_gen.gene_src_strain 
_entity_src_gen.gene_src_tissue 
_entity_src_gen.gene_src_tissue_fraction 
_entity_src_gen.gene_src_details 
_entity_src_gen.pdbx_gene_src_fragment 
_entity_src_gen.pdbx_gene_src_scientific_name 
_entity_src_gen.pdbx_gene_src_ncbi_taxonomy_id 
_entity_src_gen.pdbx_gene_src_variant 
_entity_src_gen.pdbx_gene_src_cell_line 
_entity_src_gen.pdbx_gene_src_atcc 
_entity_src_gen.pdbx_gene_src_organ 
_entity_src_gen.pdbx_gene_src_organelle 
_entity_src_gen.pdbx_gene_src_cell 
_entity_src_gen.pdbx_gene_src_cellular_location 
_entity_src_gen.host_org_common_name 
_entity_src_gen.pdbx_host_org_scientific_name 
_entity_src_gen.pdbx_host_org_ncbi_taxonomy_id 
_entity_src_gen.host_org_genus 
_entity_src_gen.pdbx_host_org_gene 
_entity_src_gen.pdbx_host_org_organ 
_entity_src_gen.host_org_species 
_entity_src_gen.pdbx_host_org_tissue 
_entity_src_gen.pdbx_host_org_tissue_fraction 
_entity_src_gen.pdbx_host_org_strain 
_entity_src_gen.pdbx_host_org_variant 
_entity_src_gen.pdbx_host_org_cell_line 
_entity_src_gen.pdbx_host_org_atcc 
_entity_src_gen.pdbx_host_org_culture_collection 
_entity_src_gen.pdbx_host_org_cell 
_entity_src_gen.pdbx_host_org_organelle 
_entity_src_gen.pdbx_host_org_cellular_location 
_entity_src_gen.pdbx_host_org_vector_type 
_entity_src_gen.pdbx_host_org_vector 
_entity_src_gen.host_org_details 
_entity_src_gen.expression_system_id 
_entity_src_gen.plasmid_name 
_entity_src_gen.plasmid_details 
_entity_src_gen.pdbx_description 
1 1 sample ? ? ? 'HOUSE MOUSE' ? ? ? ? ? ? ? ? 'MUS MUSCULUS' 10090 ? ? ? ? ? ? ? HUMAN 'HOMO SAPIENS' 9606 ? ? ? ? ? ? ? ? 
HEK293E ? ? ? ? ? ? ? ? ? PUPE ? ? 
2 1 sample ? ? ? 'HOUSE MOUSE' ? ? ? ? ? ? ? ? 'MUS MUSCULUS' 10090 ? ? ? ? ? ? ? HUMAN 'HOMO SAPIENS' 9606 ? ? ? ? ? ? ? ? 
HEK293E ? ? ? ? ? ? ? ? ? PUPE ? ? 
3 1 sample ? ? ? 'HOUSE MOUSE' ? ? ? ? ? ? ? ? 'MUS MUSCULUS' 10090 ? ? ? ? ? ? ? HUMAN 'HOMO SAPIENS' 9606 ? ? ? ? ? ? ? ? 
HEK293E ? ? ? ? ? ? ? ? ? PUPE ? ? 
# 
loop_
_chem_comp.id 
_chem_comp.type 
_chem_comp.mon_nstd_flag 
_chem_comp.name 
_chem_comp.pdbx_synonyms 
_chem_comp.formula 
_chem_comp.formula_weight 
ALA 'L-peptide linking' y ALANINE         ? 'C3 H7 N O2'     89.093  
ARG 'L-peptide linking' y ARGININE        ? 'C6 H15 N4 O2 1' 175.209 
ASN 'L-peptide linking' y ASPARAGINE      ? 'C4 H8 N2 O3'    132.118 
ASP 'L-peptide linking' y 'ASPARTIC ACID' ? 'C4 H7 N O4'     133.103 
CYS 'L-peptide linking' y CYSTEINE        ? 'C3 H7 N O2 S'   121.158 
GLN 'L-peptide linking' y GLUTAMINE       ? 'C5 H10 N2 O3'   146.144 
GLU 'L-peptide linking' y 'GLUTAMIC ACID' ? 'C5 H9 N O4'     147.129 
GLY 'peptide linking'   y GLYCINE         ? 'C2 H5 N O2'     75.067  
HIS 'L-peptide linking' y HISTIDINE       ? 'C6 H10 N3 O2 1' 156.162 
ILE 'L-peptide linking' y ISOLEUCINE      ? 'C6 H13 N O2'    131.173 
LEU 'L-peptide linking' y LEUCINE         ? 'C6 H13 N O2'    131.173 
LYS 'L-peptide linking' y LYSINE          ? 'C6 H15 N2 O2 1' 147.195 
MET 'L-peptide linking' y METHIONINE      ? 'C5 H11 N O2 S'  149.211 
PHE 'L-peptide linking' y PHENYLALANINE   ? 'C9 H11 N O2'    165.189 
PRO 'L-peptide linking' y PROLINE         ? 'C5 H9 N O2'     115.130 
SER 'L-peptide linking' y SERINE          ? 'C3 H7 N O3'     105.093 
THR 'L-peptide linking' y THREONINE       ? 'C4 H9 N O3'     119.119 
TRP 'L-peptide linking' y TRYPTOPHAN      ? 'C11 H12 N2 O2'  204.225 
TYR 'L-peptide linking' y TYROSINE        ? 'C9 H11 N O3'    181.189 
VAL 'L-peptide linking' y VALINE          ? 'C5 H11 N O2'    117.146 
# 
loop_
_pdbx_poly_seq_scheme.asym_id 
_pdbx_poly_seq_scheme.entity_id 
_pdbx_poly_seq_scheme.seq_id 
_pdbx_poly_seq_scheme.mon_id 
_pdbx_poly_seq_scheme.ndb_seq_num 
_pdbx_poly_seq_scheme.pdb_seq_num 
_pdbx_poly_seq_scheme.auth_seq_num 
_pdbx_poly_seq_scheme.pdb_mon_id 
_pdbx_poly_seq_scheme.auth_mon_id 
_pdbx_poly_seq_scheme.pdb_strand_id 
_pdbx_poly_seq_scheme.pdb_ins_code 
_pdbx_poly_seq_scheme.hetero 
A 1 1   MET 1   1    ?    ?   ?   A . n 
A 1 2   ASN 2   2    ?    ?   ?   A . n 
A 1 3   PHE 3   3    ?    ?   ?   A . n 
A 1 4   ILE 4   4    ?    ?   ?   A . n 
A 1 5   ARG 5   5    ?    ?   ?   A . n 
A 1 6   ASN 6   6    ?    ?   ?   A . n 
A 1 7   ASN 7   7    ?    ?   ?   A . n 
A 1 8   ARG 8   8    ?    ?   ?   A . n 
A 1 9   ARG 9   9    ?    ?   ?   A . n 
A 1 10  ALA 10  10   ?    ?   ?   A . n 
A 1 11  LEU 11  11   ?    ?   ?   A . n 
A 1 12  ILE 12  12   ?    ?   ?   A . n 
A 1 13  GLN 13  13   ?    ?   ?   A . n 
A 1 14  ARG 14  14   ?    ?   ?   A . n 
A 1 15  MET 15  15   ?    ?   ?   A . n 
A 1 16  GLY 16  16   ?    ?   ?   A . n 
A 1 17  LEU 17  17   ?    ?   ?   A . n 
A 1 18  THR 18  18   ?    ?   ?   A . n 
A 1 19  VAL 19  19   ?    ?   ?   A . n 
A 1 20  THR 20  20   ?    ?   ?   A . n 
A 1 21  LYS 21  21   ?    ?   ?   A . n 
A 1 22  GLN 22  22   ?    ?   ?   A . n 
A 1 23  ILE 23  23   ?    ?   ?   A . n 
A 1 24  CYS 24  24   ?    ?   ?   A . n 
A 1 25  ASP 25  25   ?    ?   ?   A . n 
A 1 26  ASP 26  26   ?    ?   ?   A . n 
A 1 27  LEU 27  27   ?    ?   ?   A . n 
A 1 28  PHE 28  28   ?    ?   ?   A . n 
A 1 29  ALA 29  29   ?    ?   ?   A . n 
A 1 30  LEU 30  30   ?    ?   ?   A . n 
A 1 31  ASN 31  31   ?    ?   ?   A . n 
A 1 32  VAL 32  32   ?    ?   ?   A . n 
A 1 33  LEU 33  33   ?    ?   ?   A . n 
A 1 34  ASN 34  34   ?    ?   ?   A . n 
A 1 35  ASN 35  35   ?    ?   ?   A . n 
A 1 36  GLN 36  36   ?    ?   ?   A . n 
A 1 37  GLU 37  37   ?    ?   ?   A . n 
A 1 38  ALA 38  38   ?    ?   ?   A . n 
A 1 39  ASN 39  39   ?    ?   ?   A . n 
A 1 40  VAL 40  40   ?    ?   ?   A . n 
A 1 41  ILE 41  41   ?    ?   ?   A . n 
A 1 42  TYR 42  42   ?    ?   ?   A . n 
A 1 43  CYS 43  43   ?    ?   ?   A . n 
A 1 44  GLU 44  44   ?    ?   ?   A . n 
A 1 45  PRO 45  45   ?    ?   ?   A . n 
A 1 46  LEU 46  46   ?    ?   ?   A . n 
A 1 47  GLU 47  47   ?    ?   ?   A . n 
A 1 48  GLN 48  48   ?    ?   ?   A . n 
A 1 49  GLU 49  49   ?    ?   ?   A . n 
A 1 50  ALA 50  50   ?    ?   ?   A . n 
A 1 51  ALA 51  51   ?    ?   ?   A . n 
A 1 52  ARG 52  52   ?    ?   ?   A . n 
A 1 53  LYS 53  53   ?    ?   ?   A . n 
A 1 54  ILE 54  54   ?    ?   ?   A . n 
A 1 55  ILE 55  55   ?    ?   ?   A . n 
A 1 56  HIS 56  56   ?    ?   ?   A . n 
A 1 57  MET 57  57   ?    ?   ?   A . n 
A 1 58  THR 58  58   ?    ?   ?   A . n 
A 1 59  MET 59  59   ?    ?   ?   A . n 
A 1 60  GLN 60  60   ?    ?   ?   A . n 
A 1 61  LYS 61  61   ?    ?   ?   A . n 
A 1 62  GLY 62  62   ?    ?   ?   A . n 
A 1 63  SER 63  63   ?    ?   ?   A . n 
A 1 64  ALA 64  64   ?    ?   ?   A . n 
A 1 65  ALA 65  65   ?    ?   ?   A . n 
A 1 66  CYS 66  66   ?    ?   ?   A . n 
A 1 67  ASN 67  67   ?    ?   ?   A . n 
A 1 68  LEU 68  68   ?    ?   ?   A . n 
A 1 69  PHE 69  69   ?    ?   ?   A . n 
A 1 70  LEU 70  70   ?    ?   ?   A . n 
A 1 71  LYS 71  71   ?    ?   ?   A . n 
A 1 72  SER 72  72   ?    ?   ?   A . n 
A 1 73  LEU 73  73   ?    ?   ?   A . n 
A 1 74  GLU 74  74   ?    ?   ?   A . n 
A 1 75  ASN 75  75   ?    ?   ?   A . n 
A 1 76  TRP 76  76   ?    ?   ?   A . n 
A 1 77  ASP 77  77   ?    ?   ?   A . n 
A 1 78  TYR 78  78   ?    ?   ?   A . n 
A 1 79  PHE 79  79   ?    ?   ?   A . n 
A 1 80  VAL 80  80   ?    ?   ?   A . n 
A 1 81  TYR 81  81   ?    ?   ?   A . n 
A 1 82  GLN 82  82   ?    ?   ?   A . n 
A 1 83  ASP 83  83   ?    ?   ?   A . n 
A 1 84  LEU 84  84   ?    ?   ?   A . n 
A 1 85  THR 85  85   ?    ?   ?   A . n 
A 1 86  GLY 86  86   ?    ?   ?   A . n 
A 1 87  GLN 87  87   ?    ?   ?   A . n 
A 1 88  ASN 88  88   ?    ?   ?   A . n 
A 1 89  LEU 89  89   ?    ?   ?   A . n 
A 1 90  SER 90  90   ?    ?   ?   A . n 
A 1 91  TYR 91  91   ?    ?   ?   A . n 
A 1 92  GLN 92  92   ?    ?   ?   A . n 
A 1 93  VAL 93  93   93   VAL VAL A . n 
A 1 94  THR 94  94   94   THR THR A . n 
A 1 95  GLU 95  95   95   GLU GLU A . n 
A 1 96  GLU 96  96   96   GLU GLU A . n 
A 1 97  ASP 97  97   97   ASP ASP A . n 
A 1 98  LEU 98  98   98   LEU LEU A . n 
A 1 99  ASN 99  99   99   ASN ASN A . n 
A 1 100 VAL 100 100  100  VAL VAL A . n 
A 1 101 LEU 101 101  101  LEU LEU A . n 
A 1 102 ALA 102 102  102  ALA ALA A . n 
A 1 103 GLN 103 103  103  GLN GLN A . n 
A 1 104 ASN 104 104  104  ASN ASN A . n 
A 1 105 LEU 105 105  105  LEU LEU A . n 
A 1 106 LYS 106 106  106  LYS LYS A . n 
A 1 107 ASP 107 107  107  ASP ASP A . n 
A 1 108 LEU 108 108  108  LEU LEU A . n 
A 1 109 TYR 109 109  109  TYR TYR A . n 
A 1 110 ASN 110 110  110  ASN ASN A . n 
A 1 111 SER 111 111  111  SER SER A . n 
A 1 112 PRO 112 112  112  PRO PRO A . n 
A 1 113 ALA 113 113  113  ALA ALA A . n 
A 1 114 PHE 114 114  114  PHE PHE A . n 
A 1 115 LEU 115 115  115  LEU LEU A . n 
A 1 116 ASN 116 116  116  ASN ASN A . n 
A 1 117 PHE 117 117  117  PHE PHE A . n 
A 1 118 TYR 118 118  118  TYR TYR A . n 
A 1 119 PRO 119 119  119  PRO PRO A . n 
A 1 120 LEU 120 120  120  LEU LEU A . n 
A 1 121 GLY 121 121  121  GLY GLY A . n 
A 1 122 GLU 122 122  122  GLU GLU A . n 
A 1 123 ASP 123 123  123  ASP ASP A . n 
A 1 124 ILE 124 124  124  ILE ILE A . n 
A 1 125 ASP 125 125  125  ASP ASP A . n 
A 1 126 ILE 126 126  126  ILE ILE A . n 
A 1 127 ILE 127 127  127  ILE ILE A . n 
A 1 128 PHE 128 128  128  PHE PHE A . n 
A 1 129 ASN 129 129  129  ASN ASN A . n 
A 1 130 LEU 130 130  130  LEU LEU A . n 
A 1 131 GLU 131 131  131  GLU GLU A . n 
A 1 132 LYS 132 132  132  LYS LYS A . n 
A 1 133 THR 133 133  133  THR THR A . n 
A 1 134 PHE 134 134  134  PHE PHE A . n 
A 1 135 THR 135 135  135  THR THR A . n 
A 1 136 GLU 136 136  136  GLU GLU A . n 
A 1 137 PRO 137 137  137  PRO PRO A . n 
A 1 138 ILE 138 138  138  ILE ILE A . n 
A 1 139 MET 139 139  139  MET MET A . n 
A 1 140 TRP 140 140  140  TRP TRP A . n 
A 1 141 LYS 141 141  141  LYS LYS A . n 
A 1 142 LYS 142 142  142  LYS LYS A . n 
A 1 143 ASP 143 143  143  ASP ASP A . n 
A 1 144 HIS 144 144  144  HIS HIS A . n 
A 1 145 ARG 145 145  145  ARG ARG A . n 
A 1 146 HIS 146 146  146  HIS HIS A . n 
A 1 147 HIS 147 147  147  HIS HIS A . n 
A 1 148 ARG 148 148  148  ARG ARG A . n 
A 1 149 VAL 149 149  149  VAL VAL A . n 
A 1 150 GLU 150 150  150  GLU GLU A . n 
A 1 151 GLN 151 151  151  GLN GLN A . n 
A 1 152 LEU 152 152  152  LEU LEU A . n 
A 1 153 THR 153 153  153  THR THR A . n 
A 1 154 LEU 154 154  154  LEU LEU A . n 
A 1 155 GLY 155 155  155  GLY GLY A . n 
A 1 156 SER 156 156  156  SER SER A . n 
A 1 157 LEU 157 157  157  LEU LEU A . n 
A 1 158 LEU 158 158  158  LEU LEU A . n 
A 1 159 GLU 159 159  159  GLU GLU A . n 
A 1 160 ALA 160 160  160  ALA ALA A . n 
A 1 161 LEU 161 161  161  LEU LEU A . n 
A 1 162 LYS 162 162  162  LYS LYS A . n 
A 1 163 SER 163 163  163  SER SER A . n 
A 1 164 PRO 164 164  164  PRO PRO A . n 
A 1 165 CYS 165 165  165  CYS CYS A . n 
A 1 166 LEU 166 166  166  LEU LEU A . n 
A 1 167 ILE 167 167  167  ILE ILE A . n 
A 1 168 GLU 168 168  168  GLU GLU A . n 
A 1 169 GLY 169 169  169  GLY GLY A . n 
A 1 170 GLU 170 170  170  GLU GLU A . n 
A 1 171 SER 171 171  171  SER SER A . n 
A 1 172 GLY 172 172  172  GLY GLY A . n 
A 1 173 LYS 173 173  173  LYS LYS A . n 
A 1 174 GLY 174 174  174  GLY GLY A . n 
A 1 175 LYS 175 175  175  LYS LYS A . n 
A 1 176 SER 176 176  176  SER SER A . n 
A 1 177 THR 177 177  177  THR THR A . n 
A 1 178 LEU 178 178  178  LEU LEU A . n 
A 1 179 LEU 179 179  179  LEU LEU A . n 
A 1 180 GLN 180 180  180  GLN GLN A . n 
A 1 181 ARG 181 181  181  ARG ARG A . n 
A 1 182 ILE 182 182  182  ILE ILE A . n 
A 1 183 ALA 183 183  183  ALA ALA A . n 
A 1 184 MET 184 184  184  MET MET A . n 
A 1 185 LEU 185 185  185  LEU LEU A . n 
A 1 186 TRP 186 186  186  TRP TRP A . n 
A 1 187 ALA 187 187  187  ALA ALA A . n 
A 1 188 SER 188 188  188  SER SER A . n 
A 1 189 GLY 189 189  189  GLY GLY A . n 
A 1 190 GLY 190 190  190  GLY GLY A . n 
A 1 191 CYS 191 191  191  CYS CYS A . n 
A 1 192 ARG 192 192  192  ARG ARG A . n 
A 1 193 ALA 193 193  193  ALA ALA A . n 
A 1 194 LEU 194 194  194  LEU LEU A . n 
A 1 195 LYS 195 195  195  LYS LYS A . n 
A 1 196 GLY 196 196  196  GLY GLY A . n 
A 1 197 PHE 197 197  197  PHE PHE A . n 
A 1 198 ARG 198 198  198  ARG ARG A . n 
A 1 199 LEU 199 199  199  LEU LEU A . n 
A 1 200 VAL 200 200  200  VAL VAL A . n 
A 1 201 PHE 201 201  201  PHE PHE A . n 
A 1 202 PHE 202 202  202  PHE PHE A . n 
A 1 203 ILE 203 203  203  ILE ILE A . n 
A 1 204 HIS 204 204  204  HIS HIS A . n 
A 1 205 LEU 205 205  205  LEU LEU A . n 
A 1 206 ARG 206 206  206  ARG ARG A . n 
A 1 207 SER 207 207  207  SER SER A . n 
A 1 208 ALA 208 208  208  ALA ALA A . n 
A 1 209 ARG 209 209  209  ARG ARG A . n 
A 1 210 GLY 210 210  210  GLY GLY A . n 
A 1 211 GLY 211 211  211  GLY GLY A . n 
A 1 212 LEU 212 212  212  LEU LEU A . n 
A 1 213 PHE 213 213  213  PHE PHE A . n 
A 1 214 GLU 214 214  214  GLU GLU A . n 
A 1 215 THR 215 215  215  THR THR A . n 
A 1 216 LEU 216 216  216  LEU LEU A . n 
A 1 217 TYR 217 217  217  TYR TYR A . n 
A 1 218 ASP 218 218  218  ASP ASP A . n 
A 1 219 GLN 219 219  219  GLN GLN A . n 
A 1 220 LEU 220 220  220  LEU LEU A . n 
A 1 221 LEU 221 221  221  LEU LEU A . n 
A 1 222 ASN 222 222  222  ASN ASN A . n 
A 1 223 ILE 223 223  223  ILE ILE A . n 
A 1 224 PRO 224 224  224  PRO PRO A . n 
A 1 225 ASP 225 225  225  ASP ASP A . n 
A 1 226 PHE 226 226  226  PHE PHE A . n 
A 1 227 ILE 227 227  227  ILE ILE A . n 
A 1 228 SER 228 228  228  SER SER A . n 
A 1 229 LYS 229 229  229  LYS LYS A . n 
A 1 230 PRO 230 230  230  PRO PRO A . n 
A 1 231 THR 231 231  231  THR THR A . n 
A 1 232 PHE 232 232  232  PHE PHE A . n 
A 1 233 LYS 233 233  233  LYS LYS A . n 
A 1 234 ALA 234 234  234  ALA ALA A . n 
A 1 235 LEU 235 235  235  LEU LEU A . n 
A 1 236 LEU 236 236  236  LEU LEU A . n 
A 1 237 LEU 237 237  237  LEU LEU A . n 
A 1 238 LYS 238 238  238  LYS LYS A . n 
A 1 239 LEU 239 239  239  LEU LEU A . n 
A 1 240 HIS 240 240  240  HIS HIS A . n 
A 1 241 LYS 241 241  241  LYS LYS A . n 
A 1 242 GLU 242 242  242  GLU GLU A . n 
A 1 243 VAL 243 243  243  VAL VAL A . n 
A 1 244 LEU 244 244  244  LEU LEU A . n 
A 1 245 PHE 245 245  245  PHE PHE A . n 
A 1 246 LEU 246 246  246  LEU LEU A . n 
A 1 247 LEU 247 247  247  LEU LEU A . n 
A 1 248 ASP 248 248  248  ASP ASP A . n 
A 1 249 GLY 249 249  249  GLY GLY A . n 
A 1 250 TYR 250 250  250  TYR TYR A . n 
A 1 251 ASN 251 251  251  ASN ASN A . n 
A 1 252 GLU 252 252  252  GLU GLU A . n 
A 1 253 PHE 253 253  253  PHE PHE A . n 
A 1 254 HIS 254 254  254  HIS HIS A . n 
A 1 255 PRO 255 255  255  PRO PRO A . n 
A 1 256 GLN 256 256  256  GLN GLN A . n 
A 1 257 ASN 257 257  257  ASN ASN A . n 
A 1 258 CYS 258 258  258  CYS CYS A . n 
A 1 259 PRO 259 259  259  PRO PRO A . n 
A 1 260 GLU 260 260  260  GLU GLU A . n 
A 1 261 ILE 261 261  261  ILE ILE A . n 
A 1 262 GLU 262 262  262  GLU GLU A . n 
A 1 263 ALA 263 263  263  ALA ALA A . n 
A 1 264 LEU 264 264  264  LEU LEU A . n 
A 1 265 ILE 265 265  265  ILE ILE A . n 
A 1 266 LYS 266 266  266  LYS LYS A . n 
A 1 267 GLU 267 267  267  GLU GLU A . n 
A 1 268 ASN 268 268  268  ASN ASN A . n 
A 1 269 HIS 269 269  269  HIS HIS A . n 
A 1 270 ARG 270 270  270  ARG ARG A . n 
A 1 271 PHE 271 271  271  PHE PHE A . n 
A 1 272 LYS 272 272  272  LYS LYS A . n 
A 1 273 ASN 273 273  273  ASN ASN A . n 
A 1 274 MET 274 274  274  MET MET A . n 
A 1 275 VAL 275 275  275  VAL VAL A . n 
A 1 276 ILE 276 276  276  ILE ILE A . n 
A 1 277 VAL 277 277  277  VAL VAL A . n 
A 1 278 THR 278 278  278  THR THR A . n 
A 1 279 THR 279 279  279  THR THR A . n 
A 1 280 THR 280 280  280  THR THR A . n 
A 1 281 THR 281 281  281  THR THR A . n 
A 1 282 GLU 282 282  282  GLU GLU A . n 
A 1 283 CYS 283 283  283  CYS CYS A . n 
A 1 284 LEU 284 284  284  LEU LEU A . n 
A 1 285 ARG 285 285  285  ARG ARG A . n 
A 1 286 HIS 286 286  286  HIS HIS A . n 
A 1 287 ILE 287 287  287  ILE ILE A . n 
A 1 288 ARG 288 288  288  ARG ARG A . n 
A 1 289 HIS 289 289  289  HIS HIS A . n 
A 1 290 VAL 290 290  290  VAL VAL A . n 
A 1 291 GLY 291 291  291  GLY GLY A . n 
A 1 292 ALA 292 292  292  ALA ALA A . n 
A 1 293 LEU 293 293  293  LEU LEU A . n 
A 1 294 THR 294 294  294  THR THR A . n 
A 1 295 ALA 295 295  295  ALA ALA A . n 
A 1 296 GLU 296 296  296  GLU GLU A . n 
A 1 297 VAL 297 297  297  VAL VAL A . n 
A 1 298 GLY 298 298  298  GLY GLY A . n 
A 1 299 ASP 299 299  299  ASP ASP A . n 
A 1 300 MET 300 300  300  MET MET A . n 
A 1 301 THR 301 301  301  THR THR A . n 
A 1 302 GLU 302 302  302  GLU GLU A . n 
A 1 303 ASP 303 303  303  ASP ASP A . n 
A 1 304 SER 304 304  304  SER SER A . n 
A 1 305 ALA 305 305  305  ALA ALA A . n 
A 1 306 LYS 306 306  306  LYS LYS A . n 
A 1 307 ASP 307 307  307  ASP ASP A . n 
A 1 308 LEU 308 308  308  LEU LEU A . n 
A 1 309 ILE 309 309  309  ILE ILE A . n 
A 1 310 GLU 310 310  310  GLU GLU A . n 
A 1 311 ALA 311 311  311  ALA ALA A . n 
A 1 312 VAL 312 312  312  VAL VAL A . n 
A 1 313 LEU 313 313  313  LEU LEU A . n 
A 1 314 VAL 314 314  314  VAL VAL A . n 
A 1 315 PRO 315 315  315  PRO PRO A . n 
A 1 316 ASP 316 316  316  ASP ASP A . n 
A 1 317 GLN 317 317  317  GLN GLN A . n 
A 1 318 VAL 318 318  318  VAL VAL A . n 
A 1 319 GLU 319 319  319  GLU GLU A . n 
A 1 320 ARG 320 320  320  ARG ARG A . n 
A 1 321 LEU 321 321  321  LEU LEU A . n 
A 1 322 TRP 322 322  322  TRP TRP A . n 
A 1 323 ALA 323 323  323  ALA ALA A . n 
A 1 324 GLN 324 324  324  GLN GLN A . n 
A 1 325 ILE 325 325  325  ILE ILE A . n 
A 1 326 GLN 326 326  326  GLN GLN A . n 
A 1 327 GLU 327 327  327  GLU GLU A . n 
A 1 328 SER 328 328  328  SER SER A . n 
A 1 329 ARG 329 329  329  ARG ARG A . n 
A 1 330 CYS 330 330  330  CYS CYS A . n 
A 1 331 LEU 331 331  331  LEU LEU A . n 
A 1 332 ARG 332 332  332  ARG ARG A . n 
A 1 333 ASN 333 333  333  ASN ASN A . n 
A 1 334 LEU 334 334  334  LEU LEU A . n 
A 1 335 MET 335 335  335  MET MET A . n 
A 1 336 LYS 336 336  336  LYS LYS A . n 
A 1 337 THR 337 337  337  THR THR A . n 
A 1 338 PRO 338 338  338  PRO PRO A . n 
A 1 339 LEU 339 339  339  LEU LEU A . n 
A 1 340 PHE 340 340  340  PHE PHE A . n 
A 1 341 VAL 341 341  341  VAL VAL A . n 
A 1 342 VAL 342 342  342  VAL VAL A . n 
A 1 343 ILE 343 343  343  ILE ILE A . n 
A 1 344 THR 344 344  344  THR THR A . n 
A 1 345 CYS 345 345  345  CYS CYS A . n 
A 1 346 ALA 346 346  346  ALA ALA A . n 
A 1 347 ILE 347 347  347  ILE ILE A . n 
A 1 348 GLN 348 348  348  GLN GLN A . n 
A 1 349 MET 349 349  349  MET MET A . n 
A 1 350 GLY 350 350  350  GLY GLY A . n 
A 1 351 ARG 351 351  351  ARG ARG A . n 
A 1 352 GLN 352 352  352  GLN GLN A . n 
A 1 353 GLU 353 353  353  GLU GLU A . n 
A 1 354 PHE 354 354  354  PHE PHE A . n 
A 1 355 GLN 355 355  355  GLN GLN A . n 
B 2 1   ALA 1   356  356  ALA ALA B . n 
B 2 2   HIS 2   357  357  HIS HIS B . n 
B 2 3   THR 3   358  358  THR THR B . n 
B 2 4   GLN 4   359  359  GLN GLN B . n 
B 2 5   THR 5   360  360  THR THR B . n 
B 2 6   MET 6   361  361  MET MET B . n 
B 2 7   LEU 7   362  362  LEU LEU B . n 
B 2 8   PHE 8   363  363  PHE PHE B . n 
B 2 9   GLN 9   364  364  GLN GLN B . n 
B 2 10  THR 10  365  365  THR THR B . n 
B 2 11  PHE 11  366  366  PHE PHE B . n 
B 2 12  TYR 12  367  367  TYR TYR B . n 
B 2 13  ASP 13  368  368  ASP ASP B . n 
B 2 14  LEU 14  369  369  LEU LEU B . n 
B 2 15  LEU 15  370  370  LEU LEU B . n 
B 2 16  ILE 16  371  371  ILE ILE B . n 
B 2 17  GLN 17  372  372  GLN GLN B . n 
B 2 18  LYS 18  373  373  LYS LYS B . n 
B 2 19  ASN 19  374  374  ASN ASN B . n 
B 2 20  SER 20  375  375  SER SER B . n 
B 2 21  HIS 21  376  376  HIS HIS B . n 
B 2 22  ARG 22  377  377  ARG ARG B . n 
B 2 23  TYR 23  378  378  TYR TYR B . n 
B 2 24  ARG 24  379  379  ARG ARG B . n 
B 2 25  GLY 25  380  380  GLY GLY B . n 
B 2 26  GLY 26  381  381  GLY GLY B . n 
B 2 27  ALA 27  382  382  ALA ALA B . n 
B 2 28  SER 28  383  383  SER SER B . n 
B 2 29  GLY 29  384  384  GLY GLY B . n 
B 2 30  ASP 30  385  385  ASP ASP B . n 
B 2 31  PHE 31  386  386  PHE PHE B . n 
B 2 32  ALA 32  387  387  ALA ALA B . n 
B 2 33  ARG 33  388  388  ARG ARG B . n 
B 2 34  SER 34  389  389  SER SER B . n 
B 2 35  LEU 35  390  390  LEU LEU B . n 
B 2 36  ASP 36  391  391  ASP ASP B . n 
B 2 37  TYR 37  392  392  TYR TYR B . n 
B 2 38  CYS 38  393  393  CYS CYS B . n 
B 2 39  GLY 39  394  394  GLY GLY B . n 
B 2 40  ASP 40  395  395  ASP ASP B . n 
B 2 41  LEU 41  396  396  LEU LEU B . n 
B 2 42  ALA 42  397  397  ALA ALA B . n 
B 2 43  LEU 43  398  398  LEU LEU B . n 
B 2 44  GLU 44  399  399  GLU GLU B . n 
B 2 45  GLY 45  400  400  GLY GLY B . n 
B 2 46  VAL 46  401  401  VAL VAL B . n 
B 2 47  PHE 47  402  402  PHE PHE B . n 
B 2 48  ALA 48  403  403  ALA ALA B . n 
B 2 49  HIS 49  404  404  HIS HIS B . n 
B 2 50  LYS 50  405  405  LYS LYS B . n 
B 2 51  PHE 51  406  406  PHE PHE B . n 
B 2 52  ASP 52  407  407  ASP ASP B . n 
B 2 53  PHE 53  408  408  PHE PHE B . n 
B 2 54  GLU 54  409  409  GLU GLU B . n 
B 2 55  PRO 55  410  410  PRO PRO B . n 
B 2 56  GLU 56  411  411  GLU GLU B . n 
B 2 57  HIS 57  412  412  HIS HIS B . n 
B 2 58  GLY 58  413  413  GLY GLY B . n 
B 2 59  SER 59  414  414  SER SER B . n 
B 2 60  SER 60  415  415  SER SER B . n 
B 2 61  MET 61  416  416  MET MET B . n 
B 2 62  ASN 62  417  417  ASN ASN B . n 
B 2 63  GLU 63  418  418  GLU GLU B . n 
B 2 64  ASP 64  419  419  ASP ASP B . n 
B 2 65  VAL 65  420  420  VAL VAL B . n 
B 2 66  LEU 66  421  421  LEU LEU B . n 
B 2 67  VAL 67  422  422  VAL VAL B . n 
B 2 68  THR 68  423  423  THR THR B . n 
B 2 69  ILE 69  424  424  ILE ILE B . n 
B 2 70  GLY 70  425  425  GLY GLY B . n 
B 2 71  LEU 71  426  426  LEU LEU B . n 
B 2 72  LEU 72  427  427  LEU LEU B . n 
B 2 73  CYS 73  428  428  CYS CYS B . n 
B 2 74  LYS 74  429  429  LYS LYS B . n 
B 2 75  TYR 75  430  430  TYR TYR B . n 
B 2 76  THR 76  431  431  THR THR B . n 
B 2 77  ALA 77  432  432  ALA ALA B . n 
B 2 78  GLN 78  433  433  GLN GLN B . n 
B 2 79  ARG 79  434  434  ARG ARG B . n 
B 2 80  LEU 80  435  435  LEU LEU B . n 
B 2 81  LYS 81  436  436  LYS LYS B . n 
B 2 82  PRO 82  437  437  PRO PRO B . n 
B 2 83  THR 83  438  438  THR THR B . n 
B 2 84  TYR 84  439  439  TYR TYR B . n 
B 2 85  LYS 85  440  440  LYS LYS B . n 
B 2 86  PHE 86  441  441  PHE PHE B . n 
B 2 87  PHE 87  442  442  PHE PHE B . n 
B 2 88  HIS 88  443  443  HIS HIS B . n 
B 2 89  LYS 89  444  444  LYS LYS B . n 
B 2 90  SER 90  445  445  SER SER B . n 
B 2 91  PHE 91  446  446  PHE PHE B . n 
B 2 92  GLN 92  447  447  GLN GLN B . n 
B 2 93  GLU 93  448  448  GLU GLU B . n 
B 2 94  TYR 94  449  449  TYR TYR B . n 
B 2 95  THR 95  450  450  THR THR B . n 
B 2 96  ALA 96  451  451  ALA ALA B . n 
B 2 97  GLY 97  452  452  GLY GLY B . n 
B 2 98  ARG 98  453  453  ARG ARG B . n 
B 2 99  ARG 99  454  454  ARG ARG B . n 
B 2 100 LEU 100 455  455  LEU LEU B . n 
B 2 101 SER 101 456  456  SER SER B . n 
B 2 102 SER 102 457  457  SER SER B . n 
B 2 103 LEU 103 458  458  LEU LEU B . n 
B 2 104 LEU 104 459  459  LEU LEU B . n 
B 2 105 THR 105 460  460  THR THR B . n 
B 2 106 SER 106 461  461  SER SER B . n 
B 2 107 LYS 107 462  462  LYS LYS B . n 
B 2 108 GLU 108 463  463  GLU GLU B . n 
B 2 109 PRO 109 464  464  PRO PRO B . n 
B 2 110 GLU 110 465  465  GLU GLU B . n 
B 2 111 GLU 111 466  466  GLU GLU B . n 
B 2 112 VAL 112 467  467  VAL VAL B . n 
B 2 113 SER 113 468  468  SER SER B . n 
B 2 114 LYS 114 469  469  LYS LYS B . n 
B 2 115 GLY 115 470  470  GLY GLY B . n 
B 2 116 ASN 116 471  471  ASN ASN B . n 
B 2 117 SER 117 472  472  SER SER B . n 
B 2 118 TYR 118 473  473  TYR TYR B . n 
B 2 119 LEU 119 474  474  LEU LEU B . n 
B 2 120 ASN 120 475  475  ASN ASN B . n 
B 2 121 LYS 121 476  476  LYS LYS B . n 
B 2 122 MET 122 477  477  MET MET B . n 
B 2 123 VAL 123 478  478  VAL VAL B . n 
B 2 124 SER 124 479  479  SER SER B . n 
B 2 125 ILE 125 480  480  ILE ILE B . n 
B 2 126 SER 126 481  481  SER SER B . n 
B 2 127 ASP 127 482  482  ASP ASP B . n 
B 2 128 ILE 128 483  483  ILE ILE B . n 
B 2 129 THR 129 484  484  THR THR B . n 
B 2 130 SER 130 485  485  SER SER B . n 
B 2 131 LEU 131 486  486  LEU LEU B . n 
B 2 132 TYR 132 487  487  TYR TYR B . n 
B 2 133 GLY 133 488  488  GLY GLY B . n 
B 2 134 ASN 134 489  489  ASN ASN B . n 
B 2 135 LEU 135 490  490  LEU LEU B . n 
B 2 136 LEU 136 491  491  LEU LEU B . n 
B 2 137 LEU 137 492  492  LEU LEU B . n 
B 2 138 TYR 138 493  493  TYR TYR B . n 
B 2 139 THR 139 494  494  THR THR B . n 
B 2 140 CYS 140 495  495  CYS CYS B . n 
B 2 141 GLY 141 496  496  GLY GLY B . n 
B 2 142 SER 142 497  497  SER SER B . n 
B 2 143 SER 143 498  498  SER SER B . n 
B 2 144 THR 144 499  499  THR THR B . n 
B 2 145 GLU 145 500  500  GLU GLU B . n 
B 2 146 ALA 146 501  501  ALA ALA B . n 
B 2 147 THR 147 502  502  THR THR B . n 
B 2 148 ARG 148 503  503  ARG ARG B . n 
B 2 149 ALA 149 504  504  ALA ALA B . n 
B 2 150 VAL 150 505  505  VAL VAL B . n 
B 2 151 MET 151 506  506  MET MET B . n 
B 2 152 ARG 152 507  507  ARG ARG B . n 
B 2 153 HIS 153 508  508  HIS HIS B . n 
B 2 154 LEU 154 509  509  LEU LEU B . n 
B 2 155 ALA 155 510  510  ALA ALA B . n 
B 2 156 MET 156 511  511  MET MET B . n 
B 2 157 VAL 157 512  512  VAL VAL B . n 
B 2 158 TYR 158 513  513  TYR TYR B . n 
B 2 159 GLN 159 514  514  GLN GLN B . n 
B 2 160 HIS 160 515  515  HIS HIS B . n 
B 2 161 GLY 161 516  516  GLY GLY B . n 
B 2 162 SER 162 517  517  SER SER B . n 
B 2 163 LEU 163 518  518  LEU LEU B . n 
B 2 164 GLN 164 519  519  GLN GLN B . n 
B 2 165 GLY 165 520  520  GLY GLY B . n 
B 2 166 LEU 166 521  521  LEU LEU B . n 
B 2 167 SER 167 522  522  SER SER B . n 
B 2 168 VAL 168 523  523  VAL VAL B . n 
B 2 169 THR 169 524  524  THR THR B . n 
B 2 170 LYS 170 525  525  LYS LYS B . n 
B 2 171 ARG 171 526  526  ARG ARG B . n 
B 2 172 PRO 172 527  527  PRO PRO B . n 
B 2 173 LEU 173 528  528  LEU LEU B . n 
B 2 174 TRP 174 529  529  TRP TRP B . n 
B 2 175 ARG 175 530  530  ARG ARG B . n 
B 2 176 GLN 176 531  531  GLN GLN B . n 
B 2 177 GLU 177 532  532  GLU GLU B . n 
B 2 178 SER 178 533  533  SER SER B . n 
B 2 179 ILE 179 534  534  ILE ILE B . n 
B 2 180 GLN 180 535  535  GLN GLN B . n 
B 2 181 SER 181 536  536  SER SER B . n 
B 2 182 LEU 182 537  537  LEU LEU B . n 
B 2 183 ARG 183 538  538  ARG ARG B . n 
B 2 184 ASN 184 539  539  ASN ASN B . n 
B 2 185 THR 185 540  540  THR THR B . n 
B 2 186 THR 186 541  541  THR THR B . n 
B 2 187 GLU 187 542  542  GLU GLU B . n 
B 2 188 GLN 188 543  543  GLN GLN B . n 
B 2 189 ASP 189 544  544  ASP ASP B . n 
B 2 190 VAL 190 545  545  VAL VAL B . n 
B 2 191 LEU 191 546  546  LEU LEU B . n 
B 2 192 LYS 192 547  547  LYS LYS B . n 
B 2 193 ALA 193 548  548  ALA ALA B . n 
B 2 194 ILE 194 549  549  ILE ILE B . n 
B 2 195 ASN 195 550  550  ASN ASN B . n 
B 2 196 VAL 196 551  551  VAL VAL B . n 
B 2 197 ASN 197 552  552  ASN ASN B . n 
B 2 198 SER 198 553  553  SER SER B . n 
B 2 199 PHE 199 554  554  PHE PHE B . n 
B 2 200 VAL 200 555  555  VAL VAL B . n 
B 2 201 GLU 201 556  556  GLU GLU B . n 
B 2 202 CYS 202 557  557  CYS CYS B . n 
B 2 203 GLY 203 558  558  GLY GLY B . n 
B 2 204 ILE 204 559  559  ILE ILE B . n 
B 2 205 ASN 205 560  560  ASN ASN B . n 
B 2 206 LEU 206 561  561  LEU LEU B . n 
B 2 207 PHE 207 562  562  PHE PHE B . n 
B 2 208 SER 208 563  563  SER SER B . n 
B 2 209 GLU 209 564  564  GLU GLU B . n 
B 2 210 SER 210 565  565  SER SER B . n 
B 2 211 MET 211 566  566  MET MET B . n 
B 2 212 SER 212 567  567  SER SER B . n 
B 2 213 LYS 213 568  568  LYS LYS B . n 
B 2 214 SER 214 569  569  SER SER B . n 
B 2 215 ASP 215 570  570  ASP ASP B . n 
B 2 216 LEU 216 571  571  LEU LEU B . n 
B 2 217 SER 217 572  572  SER SER B . n 
B 2 218 GLN 218 573  573  GLN GLN B . n 
B 2 219 GLU 219 574  574  GLU GLU B . n 
B 2 220 PHE 220 575  575  PHE PHE B . n 
B 2 221 GLU 221 576  576  GLU GLU B . n 
B 2 222 ALA 222 577  577  ALA ALA B . n 
B 2 223 PHE 223 578  578  PHE PHE B . n 
B 2 224 PHE 224 579  579  PHE PHE B . n 
B 2 225 GLN 225 580  580  GLN GLN B . n 
C 3 1   GLN 1   580  580  GLN GLN C . n 
C 3 2   GLY 2   581  581  GLY GLY C . n 
C 3 3   LYS 3   582  582  LYS LYS C . n 
C 3 4   SER 4   583  583  SER SER C . n 
C 3 5   LEU 5   584  584  LEU LEU C . n 
C 3 6   TYR 6   585  585  TYR TYR C . n 
C 3 7   ILE 7   586  586  ILE ILE C . n 
C 3 8   ASN 8   587  587  ASN ASN C . n 
C 3 9   SER 9   588  588  SER SER C . n 
C 3 10  GLU 10  589  589  GLU GLU C . n 
C 3 11  ASN 11  590  590  ASN ASN C . n 
C 3 12  ILE 12  591  591  ILE ILE C . n 
C 3 13  PRO 13  592  592  PRO PRO C . n 
C 3 14  ASP 14  593  593  ASP ASP C . n 
C 3 15  TYR 15  594  594  TYR TYR C . n 
C 3 16  LEU 16  595  595  LEU LEU C . n 
C 3 17  PHE 17  596  596  PHE PHE C . n 
C 3 18  ASP 18  597  597  ASP ASP C . n 
C 3 19  PHE 19  598  598  PHE PHE C . n 
C 3 20  PHE 20  599  599  PHE PHE C . n 
C 3 21  GLU 21  600  600  GLU GLU C . n 
C 3 22  TYR 22  601  601  TYR TYR C . n 
C 3 23  LEU 23  602  602  LEU LEU C . n 
C 3 24  PRO 24  603  603  PRO PRO C . n 
C 3 25  ASN 25  604  604  ASN ASN C . n 
C 3 26  CYS 26  605  605  CYS CYS C . n 
C 3 27  ALA 27  606  606  ALA ALA C . n 
C 3 28  SER 28  607  607  SER SER C . n 
C 3 29  ALA 29  608  608  ALA ALA C . n 
C 3 30  LEU 30  609  609  LEU LEU C . n 
C 3 31  ASP 31  610  610  ASP ASP C . n 
C 3 32  PHE 32  611  611  PHE PHE C . n 
C 3 33  VAL 33  612  612  VAL VAL C . n 
C 3 34  LYS 34  613  613  LYS LYS C . n 
C 3 35  LEU 35  614  614  LEU LEU C . n 
C 3 36  ASP 36  615  615  ASP ASP C . n 
C 3 37  PHE 37  616  616  PHE PHE C . n 
C 3 38  TYR 38  617  617  TYR TYR C . n 
C 3 39  GLU 39  618  618  GLU GLU C . n 
C 3 40  ARG 40  619  619  ARG ARG C . n 
C 3 41  ALA 41  620  620  ALA ALA C . n 
C 3 42  THR 42  621  621  THR THR C . n 
C 3 43  GLU 43  622  ?    ?   ?   C . n 
C 3 44  SER 44  623  ?    ?   ?   C . n 
C 3 45  GLN 45  624  ?    ?   ?   C . n 
C 3 46  ASP 46  625  ?    ?   ?   C . n 
C 3 47  LYS 47  626  ?    ?   ?   C . n 
C 3 48  ALA 48  627  ?    ?   ?   C . n 
C 3 49  GLU 49  628  ?    ?   ?   C . n 
C 3 50  GLU 50  629  ?    ?   ?   C . n 
C 3 51  ASN 51  630  ?    ?   ?   C . n 
C 3 52  VAL 52  631  ?    ?   ?   C . n 
C 3 53  PRO 53  632  ?    ?   ?   C . n 
C 3 54  GLY 54  633  ?    ?   ?   C . n 
C 3 55  VAL 55  634  ?    ?   ?   C . n 
C 3 56  HIS 56  635  ?    ?   ?   C . n 
C 3 57  THR 57  636  ?    ?   ?   C . n 
C 3 58  GLU 58  637  ?    ?   ?   C . n 
C 3 59  GLY 59  638  ?    ?   ?   C . n 
C 3 60  PRO 60  639  ?    ?   ?   C . n 
C 3 61  SER 61  640  ?    ?   ?   C . n 
C 3 62  GLU 62  641  ?    ?   ?   C . n 
C 3 63  THR 63  642  ?    ?   ?   C . n 
C 3 64  TYR 64  643  ?    ?   ?   C . n 
C 3 65  ILE 65  644  ?    ?   ?   C . n 
C 3 66  PRO 66  645  645  PRO PRO C . n 
C 3 67  PRO 67  646  646  PRO PRO C . n 
C 3 68  ARG 68  647  647  ARG ARG C . n 
C 3 69  ALA 69  648  648  ALA ALA C . n 
C 3 70  VAL 70  649  649  VAL VAL C . n 
C 3 71  SER 71  650  650  SER SER C . n 
C 3 72  LEU 72  651  651  LEU LEU C . n 
C 3 73  PHE 73  652  652  PHE PHE C . n 
C 3 74  PHE 74  653  653  PHE PHE C . n 
C 3 75  ASN 75  654  654  ASN ASN C . n 
C 3 76  TRP 76  655  655  TRP TRP C . n 
C 3 77  LYS 77  656  656  LYS LYS C . n 
C 3 78  GLN 78  657  657  GLN GLN C . n 
C 3 79  GLU 79  658  658  GLU GLU C . n 
C 3 80  PHE 80  659  659  PHE PHE C . n 
C 3 81  LYS 81  660  660  LYS LYS C . n 
C 3 82  THR 82  661  661  THR THR C . n 
C 3 83  LEU 83  662  662  LEU LEU C . n 
C 3 84  GLU 84  663  663  GLU GLU C . n 
C 3 85  VAL 85  664  664  VAL VAL C . n 
C 3 86  THR 86  665  665  THR THR C . n 
C 3 87  LEU 87  666  666  LEU LEU C . n 
C 3 88  ARG 88  667  667  ARG ARG C . n 
C 3 89  ASP 89  668  668  ASP ASP C . n 
C 3 90  ILE 90  669  669  ILE ILE C . n 
C 3 91  ASN 91  670  670  ASN ASN C . n 
C 3 92  LYS 92  671  671  LYS LYS C . n 
C 3 93  LEU 93  672  672  LEU LEU C . n 
C 3 94  ASN 94  673  673  ASN ASN C . n 
C 3 95  LYS 95  674  674  LYS LYS C . n 
C 3 96  GLN 96  675  675  GLN GLN C . n 
C 3 97  ASP 97  676  676  ASP ASP C . n 
C 3 98  ILE 98  677  677  ILE ILE C . n 
C 3 99  LYS 99  678  678  LYS LYS C . n 
C 3 100 TYR 100 679  679  TYR TYR C . n 
C 3 101 LEU 101 680  680  LEU LEU C . n 
C 3 102 GLY 102 681  681  GLY GLY C . n 
C 3 103 LYS 103 682  682  LYS LYS C . n 
C 3 104 ILE 104 683  683  ILE ILE C . n 
C 3 105 PHE 105 684  684  PHE PHE C . n 
C 3 106 SER 106 685  685  SER SER C . n 
C 3 107 SER 107 686  686  SER SER C . n 
C 3 108 ALA 108 687  687  ALA ALA C . n 
C 3 109 THR 109 688  688  THR THR C . n 
C 3 110 ASN 110 689  689  ASN ASN C . n 
C 3 111 LEU 111 690  690  LEU LEU C . n 
C 3 112 ARG 112 691  691  ARG ARG C . n 
C 3 113 LEU 113 692  692  LEU LEU C . n 
C 3 114 HIS 114 693  693  HIS HIS C . n 
C 3 115 ILE 115 694  694  ILE ILE C . n 
C 3 116 LYS 116 695  695  LYS LYS C . n 
C 3 117 ARG 117 696  696  ARG ARG C . n 
C 3 118 CYS 118 697  697  CYS CYS C . n 
C 3 119 ALA 119 698  698  ALA ALA C . n 
C 3 120 ALA 120 699  699  ALA ALA C . n 
C 3 121 MET 121 700  700  MET MET C . n 
C 3 122 ALA 122 701  701  ALA ALA C . n 
C 3 123 GLY 123 702  702  GLY GLY C . n 
C 3 124 ARG 124 703  703  ARG ARG C . n 
C 3 125 LEU 125 704  704  LEU LEU C . n 
C 3 126 SER 126 705  705  SER SER C . n 
C 3 127 SER 127 706  706  SER SER C . n 
C 3 128 VAL 128 707  707  VAL VAL C . n 
C 3 129 LEU 129 708  708  LEU LEU C . n 
C 3 130 ARG 130 709  709  ARG ARG C . n 
C 3 131 THR 131 710  710  THR THR C . n 
C 3 132 CYS 132 711  711  CYS CYS C . n 
C 3 133 LYS 133 712  712  LYS LYS C . n 
C 3 134 ASN 134 713  713  ASN ASN C . n 
C 3 135 MET 135 714  714  MET MET C . n 
C 3 136 HIS 136 715  715  HIS HIS C . n 
C 3 137 THR 137 716  716  THR THR C . n 
C 3 138 LEU 138 717  717  LEU LEU C . n 
C 3 139 MET 139 718  718  MET MET C . n 
C 3 140 VAL 140 719  719  VAL VAL C . n 
C 3 141 GLU 141 720  720  GLU GLU C . n 
C 3 142 ALA 142 721  721  ALA ALA C . n 
C 3 143 SER 143 722  722  SER SER C . n 
C 3 144 PRO 144 723  723  PRO PRO C . n 
C 3 145 LEU 145 724  724  LEU LEU C . n 
C 3 146 THR 146 725  725  THR THR C . n 
C 3 147 THR 147 726  726  THR THR C . n 
C 3 148 ASP 148 727  727  ASP ASP C . n 
C 3 149 ASP 149 728  728  ASP ASP C . n 
C 3 150 GLU 150 729  729  GLU GLU C . n 
C 3 151 GLN 151 730  730  GLN GLN C . n 
C 3 152 TYR 152 731  731  TYR TYR C . n 
C 3 153 ILE 153 732  732  ILE ILE C . n 
C 3 154 THR 154 733  733  THR THR C . n 
C 3 155 SER 155 734  734  SER SER C . n 
C 3 156 VAL 156 735  735  VAL VAL C . n 
C 3 157 THR 157 736  736  THR THR C . n 
C 3 158 GLY 158 737  737  GLY GLY C . n 
C 3 159 LEU 159 738  738  LEU LEU C . n 
C 3 160 GLN 160 739  739  GLN GLN C . n 
C 3 161 ASN 161 740  740  ASN ASN C . n 
C 3 162 LEU 162 741  741  LEU LEU C . n 
C 3 163 SER 163 742  742  SER SER C . n 
C 3 164 ILE 164 743  743  ILE ILE C . n 
C 3 165 HIS 165 744  744  HIS HIS C . n 
C 3 166 ARG 166 745  745  ARG ARG C . n 
C 3 167 LEU 167 746  746  LEU LEU C . n 
C 3 168 HIS 168 747  747  HIS HIS C . n 
C 3 169 THR 169 748  748  THR THR C . n 
C 3 170 GLN 170 749  749  GLN GLN C . n 
C 3 171 GLN 171 750  750  GLN GLN C . n 
C 3 172 LEU 172 751  751  LEU LEU C . n 
C 3 173 PRO 173 752  752  PRO PRO C . n 
C 3 174 GLY 174 753  753  GLY GLY C . n 
C 3 175 GLY 175 754  754  GLY GLY C . n 
C 3 176 LEU 176 755  755  LEU LEU C . n 
C 3 177 ILE 177 756  756  ILE ILE C . n 
C 3 178 ASP 178 757  757  ASP ASP C . n 
C 3 179 SER 179 758  758  SER SER C . n 
C 3 180 LEU 180 759  759  LEU LEU C . n 
C 3 181 GLY 181 760  760  GLY GLY C . n 
C 3 182 ASN 182 761  761  ASN ASN C . n 
C 3 183 LEU 183 762  762  LEU LEU C . n 
C 3 184 LYS 184 763  763  LYS LYS C . n 
C 3 185 ASN 185 764  764  ASN ASN C . n 
C 3 186 LEU 186 765  765  LEU LEU C . n 
C 3 187 GLU 187 766  766  GLU GLU C . n 
C 3 188 ARG 188 767  767  ARG ARG C . n 
C 3 189 LEU 189 768  768  LEU LEU C . n 
C 3 190 ILE 190 769  769  ILE ILE C . n 
C 3 191 LEU 191 770  770  LEU LEU C . n 
C 3 192 ASP 192 771  771  ASP ASP C . n 
C 3 193 ASP 193 772  772  ASP ASP C . n 
C 3 194 ILE 194 773  773  ILE ILE C . n 
C 3 195 ARG 195 774  774  ARG ARG C . n 
C 3 196 MET 196 775  775  MET MET C . n 
C 3 197 ASN 197 776  776  ASN ASN C . n 
C 3 198 GLU 198 777  777  GLU GLU C . n 
C 3 199 GLU 199 778  778  GLU GLU C . n 
C 3 200 ASP 200 779  779  ASP ASP C . n 
C 3 201 ALA 201 780  780  ALA ALA C . n 
C 3 202 LYS 202 781  781  LYS LYS C . n 
C 3 203 ASN 203 782  782  ASN ASN C . n 
C 3 204 LEU 204 783  783  LEU LEU C . n 
C 3 205 ALA 205 784  784  ALA ALA C . n 
C 3 206 GLU 206 785  785  GLU GLU C . n 
C 3 207 GLY 207 786  786  GLY GLY C . n 
C 3 208 LEU 208 787  787  LEU LEU C . n 
C 3 209 ARG 209 788  788  ARG ARG C . n 
C 3 210 SER 210 789  789  SER SER C . n 
C 3 211 LEU 211 790  790  LEU LEU C . n 
C 3 212 LYS 212 791  791  LYS LYS C . n 
C 3 213 LYS 213 792  792  LYS LYS C . n 
C 3 214 MET 214 793  793  MET MET C . n 
C 3 215 ARG 215 794  794  ARG ARG C . n 
C 3 216 LEU 216 795  795  LEU LEU C . n 
C 3 217 LEU 217 796  796  LEU LEU C . n 
C 3 218 HIS 218 797  797  HIS HIS C . n 
C 3 219 LEU 219 798  798  LEU LEU C . n 
C 3 220 THR 220 799  799  THR THR C . n 
C 3 221 HIS 221 800  800  HIS HIS C . n 
C 3 222 LEU 222 801  801  LEU LEU C . n 
C 3 223 SER 223 802  802  SER SER C . n 
C 3 224 ASP 224 803  803  ASP ASP C . n 
C 3 225 ILE 225 804  804  ILE ILE C . n 
C 3 226 GLY 226 805  805  GLY GLY C . n 
C 3 227 GLU 227 806  806  GLU GLU C . n 
C 3 228 GLY 228 807  807  GLY GLY C . n 
C 3 229 MET 229 808  808  MET MET C . n 
C 3 230 ASP 230 809  809  ASP ASP C . n 
C 3 231 TYR 231 810  810  TYR TYR C . n 
C 3 232 ILE 232 811  811  ILE ILE C . n 
C 3 233 VAL 233 812  812  VAL VAL C . n 
C 3 234 LYS 234 813  813  LYS LYS C . n 
C 3 235 SER 235 814  814  SER SER C . n 
C 3 236 LEU 236 815  815  LEU LEU C . n 
C 3 237 SER 237 816  816  SER SER C . n 
C 3 238 GLU 238 817  817  GLU GLU C . n 
C 3 239 GLU 239 818  818  GLU GLU C . n 
C 3 240 SER 240 819  819  SER SER C . n 
C 3 241 CYS 241 820  820  CYS CYS C . n 
C 3 242 ASP 242 821  821  ASP ASP C . n 
C 3 243 LEU 243 822  822  LEU LEU C . n 
C 3 244 GLN 244 823  823  GLN GLN C . n 
C 3 245 GLU 245 824  824  GLU GLU C . n 
C 3 246 MET 246 825  825  MET MET C . n 
C 3 247 LYS 247 826  826  LYS LYS C . n 
C 3 248 LEU 248 827  827  LEU LEU C . n 
C 3 249 VAL 249 828  828  VAL VAL C . n 
C 3 250 ALA 250 829  829  ALA ALA C . n 
C 3 251 CYS 251 830  830  CYS CYS C . n 
C 3 252 CYS 252 831  831  CYS CYS C . n 
C 3 253 LEU 253 832  832  LEU LEU C . n 
C 3 254 THR 254 833  833  THR THR C . n 
C 3 255 ALA 255 834  834  ALA ALA C . n 
C 3 256 ASN 256 835  835  ASN ASN C . n 
C 3 257 SER 257 836  836  SER SER C . n 
C 3 258 VAL 258 837  837  VAL VAL C . n 
C 3 259 LYS 259 838  838  LYS LYS C . n 
C 3 260 VAL 260 839  839  VAL VAL C . n 
C 3 261 LEU 261 840  840  LEU LEU C . n 
C 3 262 ALA 262 841  841  ALA ALA C . n 
C 3 263 GLN 263 842  842  GLN GLN C . n 
C 3 264 ASN 264 843  843  ASN ASN C . n 
C 3 265 LEU 265 844  844  LEU LEU C . n 
C 3 266 HIS 266 845  845  HIS HIS C . n 
C 3 267 ASN 267 846  846  ASN ASN C . n 
C 3 268 LEU 268 847  847  LEU LEU C . n 
C 3 269 ILE 269 848  848  ILE ILE C . n 
C 3 270 LYS 270 849  849  LYS LYS C . n 
C 3 271 LEU 271 850  850  LEU LEU C . n 
C 3 272 SER 272 851  851  SER SER C . n 
C 3 273 ILE 273 852  852  ILE ILE C . n 
C 3 274 LEU 274 853  853  LEU LEU C . n 
C 3 275 ASP 275 854  854  ASP ASP C . n 
C 3 276 ILE 276 855  855  ILE ILE C . n 
C 3 277 SER 277 856  856  SER SER C . n 
C 3 278 GLU 278 857  857  GLU GLU C . n 
C 3 279 ASN 279 858  858  ASN ASN C . n 
C 3 280 TYR 280 859  859  TYR TYR C . n 
C 3 281 LEU 281 860  860  LEU LEU C . n 
C 3 282 GLU 282 861  861  GLU GLU C . n 
C 3 283 LYS 283 862  862  LYS LYS C . n 
C 3 284 ASP 284 863  863  ASP ASP C . n 
C 3 285 GLY 285 864  864  GLY GLY C . n 
C 3 286 ASN 286 865  865  ASN ASN C . n 
C 3 287 GLU 287 866  866  GLU GLU C . n 
C 3 288 ALA 288 867  867  ALA ALA C . n 
C 3 289 LEU 289 868  868  LEU LEU C . n 
C 3 290 GLN 290 869  869  GLN GLN C . n 
C 3 291 GLU 291 870  870  GLU GLU C . n 
C 3 292 LEU 292 871  871  LEU LEU C . n 
C 3 293 ILE 293 872  872  ILE ILE C . n 
C 3 294 GLY 294 873  873  GLY GLY C . n 
C 3 295 ARG 295 874  874  ARG ARG C . n 
C 3 296 LEU 296 875  875  LEU LEU C . n 
C 3 297 GLY 297 876  876  GLY GLY C . n 
C 3 298 VAL 298 877  877  VAL VAL C . n 
C 3 299 LEU 299 878  878  LEU LEU C . n 
C 3 300 GLY 300 879  879  GLY GLY C . n 
C 3 301 GLU 301 880  880  GLU GLU C . n 
C 3 302 LEU 302 881  881  LEU LEU C . n 
C 3 303 THR 303 882  882  THR THR C . n 
C 3 304 THR 304 883  883  THR THR C . n 
C 3 305 LEU 305 884  884  LEU LEU C . n 
C 3 306 MET 306 885  885  MET MET C . n 
C 3 307 LEU 307 886  886  LEU LEU C . n 
C 3 308 PRO 308 887  887  PRO PRO C . n 
C 3 309 TRP 309 888  888  TRP TRP C . n 
C 3 310 CYS 310 889  889  CYS CYS C . n 
C 3 311 TRP 311 890  890  TRP TRP C . n 
C 3 312 ASP 312 891  891  ASP ASP C . n 
C 3 313 VAL 313 892  892  VAL VAL C . n 
C 3 314 HIS 314 893  893  HIS HIS C . n 
C 3 315 THR 315 894  894  THR THR C . n 
C 3 316 SER 316 895  895  SER SER C . n 
C 3 317 LEU 317 896  896  LEU LEU C . n 
C 3 318 PRO 318 897  897  PRO PRO C . n 
C 3 319 LYS 319 898  898  LYS LYS C . n 
C 3 320 LEU 320 899  899  LEU LEU C . n 
C 3 321 LEU 321 900  900  LEU LEU C . n 
C 3 322 LYS 322 901  901  LYS LYS C . n 
C 3 323 GLN 323 902  902  GLN GLN C . n 
C 3 324 LEU 324 903  903  LEU LEU C . n 
C 3 325 GLU 325 904  904  GLU GLU C . n 
C 3 326 GLY 326 905  905  GLY GLY C . n 
C 3 327 THR 327 906  906  THR THR C . n 
C 3 328 PRO 328 907  907  PRO PRO C . n 
C 3 329 GLY 329 908  908  GLY GLY C . n 
C 3 330 LEU 330 909  909  LEU LEU C . n 
C 3 331 ALA 331 910  910  ALA ALA C . n 
C 3 332 LYS 332 911  911  LYS LYS C . n 
C 3 333 LEU 333 912  912  LEU LEU C . n 
C 3 334 GLY 334 913  913  GLY GLY C . n 
C 3 335 LEU 335 914  914  LEU LEU C . n 
C 3 336 LYS 336 915  915  LYS LYS C . n 
C 3 337 ASN 337 916  916  ASN ASN C . n 
C 3 338 TRP 338 917  917  TRP TRP C . n 
C 3 339 ARG 339 918  918  ARG ARG C . n 
C 3 340 LEU 340 919  919  LEU LEU C . n 
C 3 341 ARG 341 920  920  ARG ARG C . n 
C 3 342 ASP 342 921  921  ASP ASP C . n 
C 3 343 GLU 343 922  922  GLU GLU C . n 
C 3 344 GLU 344 923  923  GLU GLU C . n 
C 3 345 ILE 345 924  924  ILE ILE C . n 
C 3 346 LYS 346 925  925  LYS LYS C . n 
C 3 347 SER 347 926  926  SER SER C . n 
C 3 348 LEU 348 927  927  LEU LEU C . n 
C 3 349 GLY 349 928  928  GLY GLY C . n 
C 3 350 GLU 350 929  929  GLU GLU C . n 
C 3 351 PHE 351 930  930  PHE PHE C . n 
C 3 352 LEU 352 931  931  LEU LEU C . n 
C 3 353 GLU 353 932  932  GLU GLU C . n 
C 3 354 MET 354 933  933  MET MET C . n 
C 3 355 ASN 355 934  934  ASN ASN C . n 
C 3 356 PRO 356 935  935  PRO PRO C . n 
C 3 357 LEU 357 936  936  LEU LEU C . n 
C 3 358 ARG 358 937  937  ARG ARG C . n 
C 3 359 ASP 359 938  938  ASP ASP C . n 
C 3 360 LEU 360 939  939  LEU LEU C . n 
C 3 361 GLN 361 940  940  GLN GLN C . n 
C 3 362 GLN 362 941  941  GLN GLN C . n 
C 3 363 LEU 363 942  942  LEU LEU C . n 
C 3 364 ASP 364 943  943  ASP ASP C . n 
C 3 365 LEU 365 944  944  LEU LEU C . n 
C 3 366 ALA 366 945  945  ALA ALA C . n 
C 3 367 GLY 367 946  946  GLY GLY C . n 
C 3 368 HIS 368 947  947  HIS HIS C . n 
C 3 369 CYS 369 948  948  CYS CYS C . n 
C 3 370 VAL 370 949  949  VAL VAL C . n 
C 3 371 SER 371 950  950  SER SER C . n 
C 3 372 SER 372 951  951  SER SER C . n 
C 3 373 ASP 373 952  952  ASP ASP C . n 
C 3 374 GLY 374 953  953  GLY GLY C . n 
C 3 375 TRP 375 954  954  TRP TRP C . n 
C 3 376 LEU 376 955  955  LEU LEU C . n 
C 3 377 TYR 377 956  956  TYR TYR C . n 
C 3 378 PHE 378 957  957  PHE PHE C . n 
C 3 379 MET 379 958  958  MET MET C . n 
C 3 380 ASN 380 959  959  ASN ASN C . n 
C 3 381 VAL 381 960  960  VAL VAL C . n 
C 3 382 PHE 382 961  961  PHE PHE C . n 
C 3 383 GLU 383 962  962  GLU GLU C . n 
C 3 384 ASN 384 963  963  ASN ASN C . n 
C 3 385 LEU 385 964  964  LEU LEU C . n 
C 3 386 LYS 386 965  965  LYS LYS C . n 
C 3 387 GLN 387 966  966  GLN GLN C . n 
C 3 388 LEU 388 967  967  LEU LEU C . n 
C 3 389 VAL 389 968  968  VAL VAL C . n 
C 3 390 PHE 390 969  969  PHE PHE C . n 
C 3 391 PHE 391 970  970  PHE PHE C . n 
C 3 392 ASP 392 971  971  ASP ASP C . n 
C 3 393 PHE 393 972  972  PHE PHE C . n 
C 3 394 SER 394 973  973  SER SER C . n 
C 3 395 THR 395 974  974  THR THR C . n 
C 3 396 GLU 396 975  975  GLU GLU C . n 
C 3 397 GLU 397 976  976  GLU GLU C . n 
C 3 398 PHE 398 977  977  PHE PHE C . n 
C 3 399 LEU 399 978  978  LEU LEU C . n 
C 3 400 PRO 400 979  979  PRO PRO C . n 
C 3 401 ASP 401 980  980  ASP ASP C . n 
C 3 402 ALA 402 981  981  ALA ALA C . n 
C 3 403 ALA 403 982  982  ALA ALA C . n 
C 3 404 LEU 404 983  983  LEU LEU C . n 
C 3 405 VAL 405 984  984  VAL VAL C . n 
C 3 406 ARG 406 985  985  ARG ARG C . n 
C 3 407 LYS 407 986  986  LYS LYS C . n 
C 3 408 LEU 408 987  987  LEU LEU C . n 
C 3 409 SER 409 988  988  SER SER C . n 
C 3 410 GLN 410 989  989  GLN GLN C . n 
C 3 411 VAL 411 990  990  VAL VAL C . n 
C 3 412 LEU 412 991  991  LEU LEU C . n 
C 3 413 SER 413 992  992  SER SER C . n 
C 3 414 LYS 414 993  993  LYS LYS C . n 
C 3 415 LEU 415 994  994  LEU LEU C . n 
C 3 416 THR 416 995  995  THR THR C . n 
C 3 417 LEU 417 996  996  LEU LEU C . n 
C 3 418 LEU 418 997  997  LEU LEU C . n 
C 3 419 GLN 419 998  998  GLN GLN C . n 
C 3 420 GLU 420 999  999  GLU GLU C . n 
C 3 421 VAL 421 1000 1000 VAL VAL C . n 
C 3 422 LYS 422 1001 1001 LYS LYS C . n 
C 3 423 LEU 423 1002 1002 LEU LEU C . n 
C 3 424 THR 424 1003 1003 THR THR C . n 
C 3 425 GLY 425 1004 1004 GLY GLY C . n 
C 3 426 TRP 426 1005 1005 TRP TRP C . n 
C 3 427 GLU 427 1006 1006 GLU GLU C . n 
C 3 428 PHE 428 1007 1007 PHE PHE C . n 
C 3 429 ASP 429 1008 ?    ?   ?   C . n 
C 3 430 ASP 430 1009 ?    ?   ?   C . n 
C 3 431 TYR 431 1010 ?    ?   ?   C . n 
C 3 432 ASP 432 1011 ?    ?   ?   C . n 
C 3 433 ILE 433 1012 ?    ?   ?   C . n 
C 3 434 SER 434 1013 ?    ?   ?   C . n 
C 3 435 ALA 435 1014 1014 ALA ALA C . n 
C 3 436 ILE 436 1015 1015 ILE ILE C . n 
C 3 437 LYS 437 1016 1016 LYS LYS C . n 
C 3 438 GLY 438 1017 1017 GLY GLY C . n 
C 3 439 THR 439 1018 1018 THR THR C . n 
C 3 440 PHE 440 1019 1019 PHE PHE C . n 
C 3 441 LYS 441 1020 1020 LYS LYS C . n 
C 3 442 LEU 442 1021 1021 LEU LEU C . n 
C 3 443 VAL 443 1022 1022 VAL VAL C . n 
C 3 444 THR 444 1023 1023 THR THR C . n 
C 3 445 ALA 445 1024 1024 ALA ALA C . n 
# 
_cell.entry_id           5AJ2 
_cell.length_a           1.000 
_cell.length_b           1.000 
_cell.length_c           1.000 
_cell.angle_alpha        90.00 
_cell.angle_beta         90.00 
_cell.angle_gamma        90.00 
_cell.Z_PDB              1 
_cell.pdbx_unique_axis   ? 
# 
_symmetry.entry_id                         5AJ2 
_symmetry.space_group_name_H-M             'P 1' 
_symmetry.pdbx_full_space_group_name_H-M   ? 
_symmetry.cell_setting                     ? 
_symmetry.Int_Tables_number                1 
# 
_exptl.entry_id          5AJ2 
_exptl.method            'ELECTRON MICROSCOPY' 
_exptl.crystals_number   ? 
# 
_refine.pdbx_refine_id                           'ELECTRON MICROSCOPY' 
_refine.entry_id                                 5AJ2 
_refine.pdbx_diffrn_id                           1 
_refine.pdbx_TLS_residual_ADP_flag               ? 
_refine.ls_number_reflns_obs                     ? 
_refine.ls_number_reflns_all                     ? 
_refine.pdbx_ls_sigma_I                          ? 
_refine.pdbx_ls_sigma_F                          ? 
_refine.pdbx_data_cutoff_high_absF               ? 
_refine.pdbx_data_cutoff_low_absF                ? 
_refine.pdbx_data_cutoff_high_rms_absF           ? 
_refine.ls_d_res_low                             ? 
_refine.ls_d_res_high                            40.00 
_refine.ls_percent_reflns_obs                    ? 
_refine.ls_R_factor_obs                          ? 
_refine.ls_R_factor_all                          ? 
_refine.ls_R_factor_R_work                       ? 
_refine.ls_R_factor_R_free                       ? 
_refine.ls_R_factor_R_free_error                 ? 
_refine.ls_R_factor_R_free_error_details         ? 
_refine.ls_percent_reflns_R_free                 ? 
_refine.ls_number_reflns_R_free                  ? 
_refine.ls_number_parameters                     ? 
_refine.ls_number_restraints                     ? 
_refine.occupancy_min                            ? 
_refine.occupancy_max                            ? 
_refine.correlation_coeff_Fo_to_Fc               ? 
_refine.correlation_coeff_Fo_to_Fc_free          ? 
_refine.B_iso_mean                               ? 
_refine.aniso_B[1][1]                            ? 
_refine.aniso_B[2][2]                            ? 
_refine.aniso_B[3][3]                            ? 
_refine.aniso_B[1][2]                            ? 
_refine.aniso_B[1][3]                            ? 
_refine.aniso_B[2][3]                            ? 
_refine.solvent_model_details                    ? 
_refine.solvent_model_param_ksol                 ? 
_refine.solvent_model_param_bsol                 ? 
_refine.pdbx_solvent_vdw_probe_radii             ? 
_refine.pdbx_solvent_ion_probe_radii             ? 
_refine.pdbx_solvent_shrinkage_radii             ? 
_refine.pdbx_ls_cross_valid_method               ? 
_refine.details                                  ? 
_refine.pdbx_starting_model                      ? 
_refine.pdbx_method_to_determine_struct          ? 
_refine.pdbx_isotropic_thermal_model             ? 
_refine.pdbx_stereochemistry_target_values       ? 
_refine.pdbx_stereochem_target_val_spec_case     ? 
_refine.pdbx_R_Free_selection_details            ? 
_refine.pdbx_overall_ESU_R                       ? 
_refine.pdbx_overall_ESU_R_Free                  ? 
_refine.overall_SU_ML                            ? 
_refine.pdbx_overall_phase_error                 ? 
_refine.overall_SU_B                             ? 
_refine.overall_SU_R_Cruickshank_DPI             ? 
_refine.pdbx_overall_SU_R_free_Cruickshank_DPI   ? 
_refine.pdbx_overall_SU_R_Blow_DPI               ? 
_refine.pdbx_overall_SU_R_free_Blow_DPI          ? 
# 
_refine_hist.pdbx_refine_id                   'ELECTRON MICROSCOPY' 
_refine_hist.cycle_id                         LAST 
_refine_hist.pdbx_number_atoms_protein        904 
_refine_hist.pdbx_number_atoms_nucleic_acid   0 
_refine_hist.pdbx_number_atoms_ligand         0 
_refine_hist.number_atoms_solvent             0 
_refine_hist.number_atoms_total               904 
_refine_hist.d_res_high                       40.00 
_refine_hist.d_res_low                        . 
# 
_struct_ncs_oper.id             1 
_struct_ncs_oper.code           given 
_struct_ncs_oper.details        ? 
_struct_ncs_oper.matrix[1][1]   0.94462872 
_struct_ncs_oper.matrix[1][2]   -0.28585714 
_struct_ncs_oper.matrix[1][3]   0.16112803 
_struct_ncs_oper.matrix[2][1]   0.32686808 
_struct_ncs_oper.matrix[2][2]   0.86292240 
_struct_ncs_oper.matrix[2][3]   -0.38538566 
_struct_ncs_oper.matrix[3][1]   -0.02887570 
_struct_ncs_oper.matrix[3][2]   0.41671398 
_struct_ncs_oper.matrix[3][3]   0.90857888 
_struct_ncs_oper.vector[1]      35.59914 
_struct_ncs_oper.vector[2]      -16.11636 
_struct_ncs_oper.vector[3]      -32.26739 
# 
_struct.entry_id                  5AJ2 
_struct.title                     'Cryo electron tomography of the Naip5-Nlrc4 inflammasome' 
_struct.pdbx_model_details        ? 
_struct.pdbx_CASP_flag            ? 
_struct.pdbx_model_type_details   'CA ATOMS ONLY, CHAIN A, C, B' 
# 
_struct_keywords.entry_id        5AJ2 
_struct_keywords.pdbx_keywords   APOPTOSIS 
_struct_keywords.text            APOPTOSIS 
# 
loop_
_struct_asym.id 
_struct_asym.pdbx_blank_PDB_chainid_flag 
_struct_asym.pdbx_modified 
_struct_asym.entity_id 
_struct_asym.details 
A N N 1 ? 
B N N 2 ? 
C N N 3 ? 
# 
loop_
_struct_ref.id 
_struct_ref.db_name 
_struct_ref.db_code 
_struct_ref.entity_id 
_struct_ref.pdbx_seq_one_letter_code 
_struct_ref.pdbx_align_begin 
_struct_ref.pdbx_db_accession 
_struct_ref.pdbx_db_isoform 
1 UNP NLRC4_MOUSE 1 ? ? Q3UP24 ? 
2 UNP NLRC4_MOUSE 2 ? ? Q3UP24 ? 
3 UNP NLRC4_MOUSE 3 ? ? Q3UP24 ? 
# 
loop_
_struct_ref_seq.align_id 
_struct_ref_seq.ref_id 
_struct_ref_seq.pdbx_PDB_id_code 
_struct_ref_seq.pdbx_strand_id 
_struct_ref_seq.seq_align_beg 
_struct_ref_seq.pdbx_seq_align_beg_ins_code 
_struct_ref_seq.seq_align_end 
_struct_ref_seq.pdbx_seq_align_end_ins_code 
_struct_ref_seq.pdbx_db_accession 
_struct_ref_seq.db_align_beg 
_struct_ref_seq.pdbx_db_align_beg_ins_code 
_struct_ref_seq.db_align_end 
_struct_ref_seq.pdbx_db_align_end_ins_code 
_struct_ref_seq.pdbx_auth_seq_align_beg 
_struct_ref_seq.pdbx_auth_seq_align_end 
1 1 5AJ2 A 1 ? 355 ? Q3UP24 1   ? 355  ? 1   355  
2 2 5AJ2 B 1 ? 225 ? Q3UP24 356 ? 580  ? 356 580  
3 3 5AJ2 C 1 ? 445 ? Q3UP24 580 ? 1024 ? 580 1024 
# 
_pdbx_struct_assembly.id                   1 
_pdbx_struct_assembly.details              author_and_software_defined_assembly 
_pdbx_struct_assembly.method_details       PQS 
_pdbx_struct_assembly.oligomeric_details   trimeric 
_pdbx_struct_assembly.oligomeric_count     3 
# 
_pdbx_struct_assembly_gen.assembly_id       1 
_pdbx_struct_assembly_gen.oper_expression   1 
_pdbx_struct_assembly_gen.asym_id_list      A,B,C 
# 
_pdbx_struct_oper_list.id                   1 
_pdbx_struct_oper_list.type                 'identity operation' 
_pdbx_struct_oper_list.name                 1_555 
_pdbx_struct_oper_list.symmetry_operation   x,y,z 
_pdbx_struct_oper_list.matrix[1][1]         1.0000000000 
_pdbx_struct_oper_list.matrix[1][2]         0.0000000000 
_pdbx_struct_oper_list.matrix[1][3]         0.0000000000 
_pdbx_struct_oper_list.vector[1]            0.0000000000 
_pdbx_struct_oper_list.matrix[2][1]         0.0000000000 
_pdbx_struct_oper_list.matrix[2][2]         1.0000000000 
_pdbx_struct_oper_list.matrix[2][3]         0.0000000000 
_pdbx_struct_oper_list.vector[2]            0.0000000000 
_pdbx_struct_oper_list.matrix[3][1]         0.0000000000 
_pdbx_struct_oper_list.matrix[3][2]         0.0000000000 
_pdbx_struct_oper_list.matrix[3][3]         1.0000000000 
_pdbx_struct_oper_list.vector[3]            0.0000000000 
# 
_struct_biol.id   1 
# 
loop_
_pdbx_validate_close_contact.id 
_pdbx_validate_close_contact.PDB_model_num 
_pdbx_validate_close_contact.auth_atom_id_1 
_pdbx_validate_close_contact.auth_asym_id_1 
_pdbx_validate_close_contact.auth_comp_id_1 
_pdbx_validate_close_contact.auth_seq_id_1 
_pdbx_validate_close_contact.PDB_ins_code_1 
_pdbx_validate_close_contact.label_alt_id_1 
_pdbx_validate_close_contact.auth_atom_id_2 
_pdbx_validate_close_contact.auth_asym_id_2 
_pdbx_validate_close_contact.auth_comp_id_2 
_pdbx_validate_close_contact.auth_seq_id_2 
_pdbx_validate_close_contact.PDB_ins_code_2 
_pdbx_validate_close_contact.label_alt_id_2 
_pdbx_validate_close_contact.dist 
1 1 CA B PHE 578 ? ? CA C ASP 597 ? ? 0.95 
2 1 CA B PHE 579 ? ? CA C PHE 596 ? ? 1.76 
3 1 CA B PHE 575 ? ? CA C GLU 600 ? ? 1.92 
4 1 CA B GLU 576 ? ? CA C GLU 600 ? ? 1.98 
# 
_em_3d_fitting.id                1 
_em_3d_fitting.entry_id          5AJ2 
_em_3d_fitting.ref_protocol      'RIGID BODY FIT' 
_em_3d_fitting.ref_space         REAL 
_em_3d_fitting.overall_b_value   ? 
_em_3d_fitting.target_criteria   ? 
_em_3d_fitting.details           'METHOD--RIGID BODY REFINEMENT PROTOCOL--X-RAY' 
_em_3d_fitting.method            ? 
# 
_em_3d_fitting_list.3d_fitting_id                 1 
_em_3d_fitting_list.id                            1 
_em_3d_fitting_list.pdb_entry_id                  4KXF 
_em_3d_fitting_list.pdb_chain_id                  ? 
_em_3d_fitting_list.details                       ? 
_em_3d_fitting_list.initial_refinement_model_id   1 
_em_3d_fitting_list.chain_id                      ? 
_em_3d_fitting_list.chain_residue_range           ? 
_em_3d_fitting_list.pdb_chain_residue_range       ? 
_em_3d_fitting_list.source_name                   PDB 
_em_3d_fitting_list.type                          'experimental model' 
_em_3d_fitting_list.accession_code                4KXF 
# 
_em_3d_reconstruction.entry_id                    5AJ2 
_em_3d_reconstruction.id                          1 
_em_3d_reconstruction.symmetry_type               HELICAL 
_em_3d_reconstruction.num_particles               50 
_em_3d_reconstruction.image_processing_id         1 
_em_3d_reconstruction.method                      'CROSS-COMMON LINES' 
_em_3d_reconstruction.nominal_pixel_size          5.463 
_em_3d_reconstruction.actual_pixel_size           5.463 
_em_3d_reconstruction.resolution                  40 
_em_3d_reconstruction.magnification_calibration   ? 
_em_3d_reconstruction.details                     
'SUBMISSION BASED ON EXPERIMENTAL DATA FROM EMDB EMD-2901. (DEPOSITION ID: 13118).' 
_em_3d_reconstruction.num_class_averages          ? 
_em_3d_reconstruction.resolution_method           ? 
_em_3d_reconstruction.algorithm                   ? 
# 
_em_buffer.id            1 
_em_buffer.specimen_id   1 
_em_buffer.name          '100 MM NACL, 20 MM HEPES, 2MM BENZAMIDIN, 2MM DTT' 
_em_buffer.pH            7.5 
_em_buffer.details       '100 MM NACL, 20 MM HEPES, 2MM BENZAMIDIN, 2MM DTT' 
# 
_em_entity_assembly.id                   1 
_em_entity_assembly.name                 'NAIP5-NLRC4-FLIC-D0L MULTIMER' 
_em_entity_assembly.type                 COMPLEX 
_em_entity_assembly.parent_id            0 
_em_entity_assembly.synonym              ? 
_em_entity_assembly.details              ? 
_em_entity_assembly.oligomeric_details   ? 
# 
_em_image_scans.entry_id                5AJ2 
_em_image_scans.id                      1 
_em_image_scans.image_recording_id      1 
_em_image_scans.number_digital_images   67 
_em_image_scans.citation_id             ? 
_em_image_scans.od_range                ? 
_em_image_scans.quant_bit_size          ? 
_em_image_scans.sampling_size           ? 
_em_image_scans.scanner_model           ? 
_em_image_scans.details                 ? 
# 
_em_imaging.entry_id                        5AJ2 
_em_imaging.id                              1 
_em_imaging.microscope_model                'FEI TITAN KRIOS' 
_em_imaging.specimen_id                     1 
_em_imaging.date                            2013-05-21 
_em_imaging.temperature                     ? 
_em_imaging.nominal_defocus_min             6500 
_em_imaging.nominal_defocus_max             7500 
_em_imaging.tilt_angle_min                  -66 
_em_imaging.tilt_angle_max                  66 
_em_imaging.nominal_cs                      ? 
_em_imaging.mode                            'BRIGHT FIELD' 
_em_imaging.illumination_mode               'FLOOD BEAM' 
_em_imaging.nominal_magnification           18000 
_em_imaging.calibrated_magnification        ? 
_em_imaging.electron_source                 'FIELD EMISSION GUN' 
_em_imaging.accelerating_voltage            200 
_em_imaging.details                         ? 
_em_imaging.specimen_holder_type            . 
_em_imaging.specimen_holder_model           . 
_em_imaging.citation_id                     ? 
_em_imaging.astigmatism                     ? 
_em_imaging.detector_distance               ? 
_em_imaging.electron_beam_tilt_params       ? 
_em_imaging.recording_temperature_maximum   ? 
_em_imaging.recording_temperature_minimum   ? 
# 
_em_sample_support.id               1 
_em_sample_support.specimen_id      1 
_em_sample_support.details          'HOLEY CARBON' 
_em_sample_support.method           ? 
_em_sample_support.film_material    ? 
_em_sample_support.grid_material    ? 
_em_sample_support.grid_mesh_size   ? 
_em_sample_support.grid_type        ? 
# 
_em_vitrification.entry_id              5AJ2 
_em_vitrification.id                    1 
_em_vitrification.instrument            'LEICA EM GP' 
_em_vitrification.cryogen_name          ETHANE-PROPANE 
_em_vitrification.specimen_id           1 
_em_vitrification.details               
'VITRIFICATION 1 -- CRYOGEN- ETHANE-PROPANE MIXTURE, HUMIDITY- 95, INSTRUMENT- LEICA EM GP, METHOD- 3 SECONDS BLOTTING,' 
_em_vitrification.citation_id           ? 
_em_vitrification.humidity              ? 
_em_vitrification.method                ? 
_em_vitrification.temp                  ? 
_em_vitrification.time_resolved_state   ? 
# 
_em_experiment.entry_id                5AJ2 
_em_experiment.id                      1 
_em_experiment.aggregation_state       'HELICAL ARRAY' 
_em_experiment.entity_assembly_id      1 
_em_experiment.reconstruction_method   TOMOGRAPHY 
# 
loop_
_pdbx_unobs_or_zero_occ_residues.id 
_pdbx_unobs_or_zero_occ_residues.PDB_model_num 
_pdbx_unobs_or_zero_occ_residues.polymer_flag 
_pdbx_unobs_or_zero_occ_residues.occupancy_flag 
_pdbx_unobs_or_zero_occ_residues.auth_asym_id 
_pdbx_unobs_or_zero_occ_residues.auth_comp_id 
_pdbx_unobs_or_zero_occ_residues.auth_seq_id 
_pdbx_unobs_or_zero_occ_residues.PDB_ins_code 
_pdbx_unobs_or_zero_occ_residues.label_asym_id 
_pdbx_unobs_or_zero_occ_residues.label_comp_id 
_pdbx_unobs_or_zero_occ_residues.label_seq_id 
1   1 Y 1 A MET 1    ? A MET 1   
2   1 Y 1 A ASN 2    ? A ASN 2   
3   1 Y 1 A PHE 3    ? A PHE 3   
4   1 Y 1 A ILE 4    ? A ILE 4   
5   1 Y 1 A ARG 5    ? A ARG 5   
6   1 Y 1 A ASN 6    ? A ASN 6   
7   1 Y 1 A ASN 7    ? A ASN 7   
8   1 Y 1 A ARG 8    ? A ARG 8   
9   1 Y 1 A ARG 9    ? A ARG 9   
10  1 Y 1 A ALA 10   ? A ALA 10  
11  1 Y 1 A LEU 11   ? A LEU 11  
12  1 Y 1 A ILE 12   ? A ILE 12  
13  1 Y 1 A GLN 13   ? A GLN 13  
14  1 Y 1 A ARG 14   ? A ARG 14  
15  1 Y 1 A MET 15   ? A MET 15  
16  1 Y 1 A GLY 16   ? A GLY 16  
17  1 Y 1 A LEU 17   ? A LEU 17  
18  1 Y 1 A THR 18   ? A THR 18  
19  1 Y 1 A VAL 19   ? A VAL 19  
20  1 Y 1 A THR 20   ? A THR 20  
21  1 Y 1 A LYS 21   ? A LYS 21  
22  1 Y 1 A GLN 22   ? A GLN 22  
23  1 Y 1 A ILE 23   ? A ILE 23  
24  1 Y 1 A CYS 24   ? A CYS 24  
25  1 Y 1 A ASP 25   ? A ASP 25  
26  1 Y 1 A ASP 26   ? A ASP 26  
27  1 Y 1 A LEU 27   ? A LEU 27  
28  1 Y 1 A PHE 28   ? A PHE 28  
29  1 Y 1 A ALA 29   ? A ALA 29  
30  1 Y 1 A LEU 30   ? A LEU 30  
31  1 Y 1 A ASN 31   ? A ASN 31  
32  1 Y 1 A VAL 32   ? A VAL 32  
33  1 Y 1 A LEU 33   ? A LEU 33  
34  1 Y 1 A ASN 34   ? A ASN 34  
35  1 Y 1 A ASN 35   ? A ASN 35  
36  1 Y 1 A GLN 36   ? A GLN 36  
37  1 Y 1 A GLU 37   ? A GLU 37  
38  1 Y 1 A ALA 38   ? A ALA 38  
39  1 Y 1 A ASN 39   ? A ASN 39  
40  1 Y 1 A VAL 40   ? A VAL 40  
41  1 Y 1 A ILE 41   ? A ILE 41  
42  1 Y 1 A TYR 42   ? A TYR 42  
43  1 Y 1 A CYS 43   ? A CYS 43  
44  1 Y 1 A GLU 44   ? A GLU 44  
45  1 Y 1 A PRO 45   ? A PRO 45  
46  1 Y 1 A LEU 46   ? A LEU 46  
47  1 Y 1 A GLU 47   ? A GLU 47  
48  1 Y 1 A GLN 48   ? A GLN 48  
49  1 Y 1 A GLU 49   ? A GLU 49  
50  1 Y 1 A ALA 50   ? A ALA 50  
51  1 Y 1 A ALA 51   ? A ALA 51  
52  1 Y 1 A ARG 52   ? A ARG 52  
53  1 Y 1 A LYS 53   ? A LYS 53  
54  1 Y 1 A ILE 54   ? A ILE 54  
55  1 Y 1 A ILE 55   ? A ILE 55  
56  1 Y 1 A HIS 56   ? A HIS 56  
57  1 Y 1 A MET 57   ? A MET 57  
58  1 Y 1 A THR 58   ? A THR 58  
59  1 Y 1 A MET 59   ? A MET 59  
60  1 Y 1 A GLN 60   ? A GLN 60  
61  1 Y 1 A LYS 61   ? A LYS 61  
62  1 Y 1 A GLY 62   ? A GLY 62  
63  1 Y 1 A SER 63   ? A SER 63  
64  1 Y 1 A ALA 64   ? A ALA 64  
65  1 Y 1 A ALA 65   ? A ALA 65  
66  1 Y 1 A CYS 66   ? A CYS 66  
67  1 Y 1 A ASN 67   ? A ASN 67  
68  1 Y 1 A LEU 68   ? A LEU 68  
69  1 Y 1 A PHE 69   ? A PHE 69  
70  1 Y 1 A LEU 70   ? A LEU 70  
71  1 Y 1 A LYS 71   ? A LYS 71  
72  1 Y 1 A SER 72   ? A SER 72  
73  1 Y 1 A LEU 73   ? A LEU 73  
74  1 Y 1 A GLU 74   ? A GLU 74  
75  1 Y 1 A ASN 75   ? A ASN 75  
76  1 Y 1 A TRP 76   ? A TRP 76  
77  1 Y 1 A ASP 77   ? A ASP 77  
78  1 Y 1 A TYR 78   ? A TYR 78  
79  1 Y 1 A PHE 79   ? A PHE 79  
80  1 Y 1 A VAL 80   ? A VAL 80  
81  1 Y 1 A TYR 81   ? A TYR 81  
82  1 Y 1 A GLN 82   ? A GLN 82  
83  1 Y 1 A ASP 83   ? A ASP 83  
84  1 Y 1 A LEU 84   ? A LEU 84  
85  1 Y 1 A THR 85   ? A THR 85  
86  1 Y 1 A GLY 86   ? A GLY 86  
87  1 Y 1 A GLN 87   ? A GLN 87  
88  1 Y 1 A ASN 88   ? A ASN 88  
89  1 Y 1 A LEU 89   ? A LEU 89  
90  1 Y 1 A SER 90   ? A SER 90  
91  1 Y 1 A TYR 91   ? A TYR 91  
92  1 Y 1 A GLN 92   ? A GLN 92  
93  1 Y 1 C GLU 622  ? C GLU 43  
94  1 Y 1 C SER 623  ? C SER 44  
95  1 Y 1 C GLN 624  ? C GLN 45  
96  1 Y 1 C ASP 625  ? C ASP 46  
97  1 Y 1 C LYS 626  ? C LYS 47  
98  1 Y 1 C ALA 627  ? C ALA 48  
99  1 Y 1 C GLU 628  ? C GLU 49  
100 1 Y 1 C GLU 629  ? C GLU 50  
101 1 Y 1 C ASN 630  ? C ASN 51  
102 1 Y 1 C VAL 631  ? C VAL 52  
103 1 Y 1 C PRO 632  ? C PRO 53  
104 1 Y 1 C GLY 633  ? C GLY 54  
105 1 Y 1 C VAL 634  ? C VAL 55  
106 1 Y 1 C HIS 635  ? C HIS 56  
107 1 Y 1 C THR 636  ? C THR 57  
108 1 Y 1 C GLU 637  ? C GLU 58  
109 1 Y 1 C GLY 638  ? C GLY 59  
110 1 Y 1 C PRO 639  ? C PRO 60  
111 1 Y 1 C SER 640  ? C SER 61  
112 1 Y 1 C GLU 641  ? C GLU 62  
113 1 Y 1 C THR 642  ? C THR 63  
114 1 Y 1 C TYR 643  ? C TYR 64  
115 1 Y 1 C ILE 644  ? C ILE 65  
116 1 Y 1 C ASP 1008 ? C ASP 429 
117 1 Y 1 C ASP 1009 ? C ASP 430 
118 1 Y 1 C TYR 1010 ? C TYR 431 
119 1 Y 1 C ASP 1011 ? C ASP 432 
120 1 Y 1 C ILE 1012 ? C ILE 433 
121 1 Y 1 C SER 1013 ? C SER 434 
# 
loop_
_chem_comp_atom.comp_id 
_chem_comp_atom.atom_id 
_chem_comp_atom.type_symbol 
_chem_comp_atom.pdbx_aromatic_flag 
_chem_comp_atom.pdbx_stereo_config 
_chem_comp_atom.pdbx_ordinal 
ALA N    N N N 1   
ALA CA   C N S 2   
ALA C    C N N 3   
ALA O    O N N 4   
ALA CB   C N N 5   
ALA OXT  O N N 6   
ALA H    H N N 7   
ALA H2   H N N 8   
ALA HA   H N N 9   
ALA HB1  H N N 10  
ALA HB2  H N N 11  
ALA HB3  H N N 12  
ALA HXT  H N N 13  
ARG N    N N N 14  
ARG CA   C N S 15  
ARG C    C N N 16  
ARG O    O N N 17  
ARG CB   C N N 18  
ARG CG   C N N 19  
ARG CD   C N N 20  
ARG NE   N N N 21  
ARG CZ   C N N 22  
ARG NH1  N N N 23  
ARG NH2  N N N 24  
ARG OXT  O N N 25  
ARG H    H N N 26  
ARG H2   H N N 27  
ARG HA   H N N 28  
ARG HB2  H N N 29  
ARG HB3  H N N 30  
ARG HG2  H N N 31  
ARG HG3  H N N 32  
ARG HD2  H N N 33  
ARG HD3  H N N 34  
ARG HE   H N N 35  
ARG HH11 H N N 36  
ARG HH12 H N N 37  
ARG HH21 H N N 38  
ARG HH22 H N N 39  
ARG HXT  H N N 40  
ASN N    N N N 41  
ASN CA   C N S 42  
ASN C    C N N 43  
ASN O    O N N 44  
ASN CB   C N N 45  
ASN CG   C N N 46  
ASN OD1  O N N 47  
ASN ND2  N N N 48  
ASN OXT  O N N 49  
ASN H    H N N 50  
ASN H2   H N N 51  
ASN HA   H N N 52  
ASN HB2  H N N 53  
ASN HB3  H N N 54  
ASN HD21 H N N 55  
ASN HD22 H N N 56  
ASN HXT  H N N 57  
ASP N    N N N 58  
ASP CA   C N S 59  
ASP C    C N N 60  
ASP O    O N N 61  
ASP CB   C N N 62  
ASP CG   C N N 63  
ASP OD1  O N N 64  
ASP OD2  O N N 65  
ASP OXT  O N N 66  
ASP H    H N N 67  
ASP H2   H N N 68  
ASP HA   H N N 69  
ASP HB2  H N N 70  
ASP HB3  H N N 71  
ASP HD2  H N N 72  
ASP HXT  H N N 73  
CYS N    N N N 74  
CYS CA   C N R 75  
CYS C    C N N 76  
CYS O    O N N 77  
CYS CB   C N N 78  
CYS SG   S N N 79  
CYS OXT  O N N 80  
CYS H    H N N 81  
CYS H2   H N N 82  
CYS HA   H N N 83  
CYS HB2  H N N 84  
CYS HB3  H N N 85  
CYS HG   H N N 86  
CYS HXT  H N N 87  
GLN N    N N N 88  
GLN CA   C N S 89  
GLN C    C N N 90  
GLN O    O N N 91  
GLN CB   C N N 92  
GLN CG   C N N 93  
GLN CD   C N N 94  
GLN OE1  O N N 95  
GLN NE2  N N N 96  
GLN OXT  O N N 97  
GLN H    H N N 98  
GLN H2   H N N 99  
GLN HA   H N N 100 
GLN HB2  H N N 101 
GLN HB3  H N N 102 
GLN HG2  H N N 103 
GLN HG3  H N N 104 
GLN HE21 H N N 105 
GLN HE22 H N N 106 
GLN HXT  H N N 107 
GLU N    N N N 108 
GLU CA   C N S 109 
GLU C    C N N 110 
GLU O    O N N 111 
GLU CB   C N N 112 
GLU CG   C N N 113 
GLU CD   C N N 114 
GLU OE1  O N N 115 
GLU OE2  O N N 116 
GLU OXT  O N N 117 
GLU H    H N N 118 
GLU H2   H N N 119 
GLU HA   H N N 120 
GLU HB2  H N N 121 
GLU HB3  H N N 122 
GLU HG2  H N N 123 
GLU HG3  H N N 124 
GLU HE2  H N N 125 
GLU HXT  H N N 126 
GLY N    N N N 127 
GLY CA   C N N 128 
GLY C    C N N 129 
GLY O    O N N 130 
GLY OXT  O N N 131 
GLY H    H N N 132 
GLY H2   H N N 133 
GLY HA2  H N N 134 
GLY HA3  H N N 135 
GLY HXT  H N N 136 
HIS N    N N N 137 
HIS CA   C N S 138 
HIS C    C N N 139 
HIS O    O N N 140 
HIS CB   C N N 141 
HIS CG   C Y N 142 
HIS ND1  N Y N 143 
HIS CD2  C Y N 144 
HIS CE1  C Y N 145 
HIS NE2  N Y N 146 
HIS OXT  O N N 147 
HIS H    H N N 148 
HIS H2   H N N 149 
HIS HA   H N N 150 
HIS HB2  H N N 151 
HIS HB3  H N N 152 
HIS HD1  H N N 153 
HIS HD2  H N N 154 
HIS HE1  H N N 155 
HIS HE2  H N N 156 
HIS HXT  H N N 157 
ILE N    N N N 158 
ILE CA   C N S 159 
ILE C    C N N 160 
ILE O    O N N 161 
ILE CB   C N S 162 
ILE CG1  C N N 163 
ILE CG2  C N N 164 
ILE CD1  C N N 165 
ILE OXT  O N N 166 
ILE H    H N N 167 
ILE H2   H N N 168 
ILE HA   H N N 169 
ILE HB   H N N 170 
ILE HG12 H N N 171 
ILE HG13 H N N 172 
ILE HG21 H N N 173 
ILE HG22 H N N 174 
ILE HG23 H N N 175 
ILE HD11 H N N 176 
ILE HD12 H N N 177 
ILE HD13 H N N 178 
ILE HXT  H N N 179 
LEU N    N N N 180 
LEU CA   C N S 181 
LEU C    C N N 182 
LEU O    O N N 183 
LEU CB   C N N 184 
LEU CG   C N N 185 
LEU CD1  C N N 186 
LEU CD2  C N N 187 
LEU OXT  O N N 188 
LEU H    H N N 189 
LEU H2   H N N 190 
LEU HA   H N N 191 
LEU HB2  H N N 192 
LEU HB3  H N N 193 
LEU HG   H N N 194 
LEU HD11 H N N 195 
LEU HD12 H N N 196 
LEU HD13 H N N 197 
LEU HD21 H N N 198 
LEU HD22 H N N 199 
LEU HD23 H N N 200 
LEU HXT  H N N 201 
LYS N    N N N 202 
LYS CA   C N S 203 
LYS C    C N N 204 
LYS O    O N N 205 
LYS CB   C N N 206 
LYS CG   C N N 207 
LYS CD   C N N 208 
LYS CE   C N N 209 
LYS NZ   N N N 210 
LYS OXT  O N N 211 
LYS H    H N N 212 
LYS H2   H N N 213 
LYS HA   H N N 214 
LYS HB2  H N N 215 
LYS HB3  H N N 216 
LYS HG2  H N N 217 
LYS HG3  H N N 218 
LYS HD2  H N N 219 
LYS HD3  H N N 220 
LYS HE2  H N N 221 
LYS HE3  H N N 222 
LYS HZ1  H N N 223 
LYS HZ2  H N N 224 
LYS HZ3  H N N 225 
LYS HXT  H N N 226 
MET N    N N N 227 
MET CA   C N S 228 
MET C    C N N 229 
MET O    O N N 230 
MET CB   C N N 231 
MET CG   C N N 232 
MET SD   S N N 233 
MET CE   C N N 234 
MET OXT  O N N 235 
MET H    H N N 236 
MET H2   H N N 237 
MET HA   H N N 238 
MET HB2  H N N 239 
MET HB3  H N N 240 
MET HG2  H N N 241 
MET HG3  H N N 242 
MET HE1  H N N 243 
MET HE2  H N N 244 
MET HE3  H N N 245 
MET HXT  H N N 246 
PHE N    N N N 247 
PHE CA   C N S 248 
PHE C    C N N 249 
PHE O    O N N 250 
PHE CB   C N N 251 
PHE CG   C Y N 252 
PHE CD1  C Y N 253 
PHE CD2  C Y N 254 
PHE CE1  C Y N 255 
PHE CE2  C Y N 256 
PHE CZ   C Y N 257 
PHE OXT  O N N 258 
PHE H    H N N 259 
PHE H2   H N N 260 
PHE HA   H N N 261 
PHE HB2  H N N 262 
PHE HB3  H N N 263 
PHE HD1  H N N 264 
PHE HD2  H N N 265 
PHE HE1  H N N 266 
PHE HE2  H N N 267 
PHE HZ   H N N 268 
PHE HXT  H N N 269 
PRO N    N N N 270 
PRO CA   C N S 271 
PRO C    C N N 272 
PRO O    O N N 273 
PRO CB   C N N 274 
PRO CG   C N N 275 
PRO CD   C N N 276 
PRO OXT  O N N 277 
PRO H    H N N 278 
PRO HA   H N N 279 
PRO HB2  H N N 280 
PRO HB3  H N N 281 
PRO HG2  H N N 282 
PRO HG3  H N N 283 
PRO HD2  H N N 284 
PRO HD3  H N N 285 
PRO HXT  H N N 286 
SER N    N N N 287 
SER CA   C N S 288 
SER C    C N N 289 
SER O    O N N 290 
SER CB   C N N 291 
SER OG   O N N 292 
SER OXT  O N N 293 
SER H    H N N 294 
SER H2   H N N 295 
SER HA   H N N 296 
SER HB2  H N N 297 
SER HB3  H N N 298 
SER HG   H N N 299 
SER HXT  H N N 300 
THR N    N N N 301 
THR CA   C N S 302 
THR C    C N N 303 
THR O    O N N 304 
THR CB   C N R 305 
THR OG1  O N N 306 
THR CG2  C N N 307 
THR OXT  O N N 308 
THR H    H N N 309 
THR H2   H N N 310 
THR HA   H N N 311 
THR HB   H N N 312 
THR HG1  H N N 313 
THR HG21 H N N 314 
THR HG22 H N N 315 
THR HG23 H N N 316 
THR HXT  H N N 317 
TRP N    N N N 318 
TRP CA   C N S 319 
TRP C    C N N 320 
TRP O    O N N 321 
TRP CB   C N N 322 
TRP CG   C Y N 323 
TRP CD1  C Y N 324 
TRP CD2  C Y N 325 
TRP NE1  N Y N 326 
TRP CE2  C Y N 327 
TRP CE3  C Y N 328 
TRP CZ2  C Y N 329 
TRP CZ3  C Y N 330 
TRP CH2  C Y N 331 
TRP OXT  O N N 332 
TRP H    H N N 333 
TRP H2   H N N 334 
TRP HA   H N N 335 
TRP HB2  H N N 336 
TRP HB3  H N N 337 
TRP HD1  H N N 338 
TRP HE1  H N N 339 
TRP HE3  H N N 340 
TRP HZ2  H N N 341 
TRP HZ3  H N N 342 
TRP HH2  H N N 343 
TRP HXT  H N N 344 
TYR N    N N N 345 
TYR CA   C N S 346 
TYR C    C N N 347 
TYR O    O N N 348 
TYR CB   C N N 349 
TYR CG   C Y N 350 
TYR CD1  C Y N 351 
TYR CD2  C Y N 352 
TYR CE1  C Y N 353 
TYR CE2  C Y N 354 
TYR CZ   C Y N 355 
TYR OH   O N N 356 
TYR OXT  O N N 357 
TYR H    H N N 358 
TYR H2   H N N 359 
TYR HA   H N N 360 
TYR HB2  H N N 361 
TYR HB3  H N N 362 
TYR HD1  H N N 363 
TYR HD2  H N N 364 
TYR HE1  H N N 365 
TYR HE2  H N N 366 
TYR HH   H N N 367 
TYR HXT  H N N 368 
VAL N    N N N 369 
VAL CA   C N S 370 
VAL C    C N N 371 
VAL O    O N N 372 
VAL CB   C N N 373 
VAL CG1  C N N 374 
VAL CG2  C N N 375 
VAL OXT  O N N 376 
VAL H    H N N 377 
VAL H2   H N N 378 
VAL HA   H N N 379 
VAL HB   H N N 380 
VAL HG11 H N N 381 
VAL HG12 H N N 382 
VAL HG13 H N N 383 
VAL HG21 H N N 384 
VAL HG22 H N N 385 
VAL HG23 H N N 386 
VAL HXT  H N N 387 
# 
loop_
_chem_comp_bond.comp_id 
_chem_comp_bond.atom_id_1 
_chem_comp_bond.atom_id_2 
_chem_comp_bond.value_order 
_chem_comp_bond.pdbx_aromatic_flag 
_chem_comp_bond.pdbx_stereo_config 
_chem_comp_bond.pdbx_ordinal 
ALA N   CA   sing N N 1   
ALA N   H    sing N N 2   
ALA N   H2   sing N N 3   
ALA CA  C    sing N N 4   
ALA CA  CB   sing N N 5   
ALA CA  HA   sing N N 6   
ALA C   O    doub N N 7   
ALA C   OXT  sing N N 8   
ALA CB  HB1  sing N N 9   
ALA CB  HB2  sing N N 10  
ALA CB  HB3  sing N N 11  
ALA OXT HXT  sing N N 12  
ARG N   CA   sing N N 13  
ARG N   H    sing N N 14  
ARG N   H2   sing N N 15  
ARG CA  C    sing N N 16  
ARG CA  CB   sing N N 17  
ARG CA  HA   sing N N 18  
ARG C   O    doub N N 19  
ARG C   OXT  sing N N 20  
ARG CB  CG   sing N N 21  
ARG CB  HB2  sing N N 22  
ARG CB  HB3  sing N N 23  
ARG CG  CD   sing N N 24  
ARG CG  HG2  sing N N 25  
ARG CG  HG3  sing N N 26  
ARG CD  NE   sing N N 27  
ARG CD  HD2  sing N N 28  
ARG CD  HD3  sing N N 29  
ARG NE  CZ   sing N N 30  
ARG NE  HE   sing N N 31  
ARG CZ  NH1  sing N N 32  
ARG CZ  NH2  doub N N 33  
ARG NH1 HH11 sing N N 34  
ARG NH1 HH12 sing N N 35  
ARG NH2 HH21 sing N N 36  
ARG NH2 HH22 sing N N 37  
ARG OXT HXT  sing N N 38  
ASN N   CA   sing N N 39  
ASN N   H    sing N N 40  
ASN N   H2   sing N N 41  
ASN CA  C    sing N N 42  
ASN CA  CB   sing N N 43  
ASN CA  HA   sing N N 44  
ASN C   O    doub N N 45  
ASN C   OXT  sing N N 46  
ASN CB  CG   sing N N 47  
ASN CB  HB2  sing N N 48  
ASN CB  HB3  sing N N 49  
ASN CG  OD1  doub N N 50  
ASN CG  ND2  sing N N 51  
ASN ND2 HD21 sing N N 52  
ASN ND2 HD22 sing N N 53  
ASN OXT HXT  sing N N 54  
ASP N   CA   sing N N 55  
ASP N   H    sing N N 56  
ASP N   H2   sing N N 57  
ASP CA  C    sing N N 58  
ASP CA  CB   sing N N 59  
ASP CA  HA   sing N N 60  
ASP C   O    doub N N 61  
ASP C   OXT  sing N N 62  
ASP CB  CG   sing N N 63  
ASP CB  HB2  sing N N 64  
ASP CB  HB3  sing N N 65  
ASP CG  OD1  doub N N 66  
ASP CG  OD2  sing N N 67  
ASP OD2 HD2  sing N N 68  
ASP OXT HXT  sing N N 69  
CYS N   CA   sing N N 70  
CYS N   H    sing N N 71  
CYS N   H2   sing N N 72  
CYS CA  C    sing N N 73  
CYS CA  CB   sing N N 74  
CYS CA  HA   sing N N 75  
CYS C   O    doub N N 76  
CYS C   OXT  sing N N 77  
CYS CB  SG   sing N N 78  
CYS CB  HB2  sing N N 79  
CYS CB  HB3  sing N N 80  
CYS SG  HG   sing N N 81  
CYS OXT HXT  sing N N 82  
GLN N   CA   sing N N 83  
GLN N   H    sing N N 84  
GLN N   H2   sing N N 85  
GLN CA  C    sing N N 86  
GLN CA  CB   sing N N 87  
GLN CA  HA   sing N N 88  
GLN C   O    doub N N 89  
GLN C   OXT  sing N N 90  
GLN CB  CG   sing N N 91  
GLN CB  HB2  sing N N 92  
GLN CB  HB3  sing N N 93  
GLN CG  CD   sing N N 94  
GLN CG  HG2  sing N N 95  
GLN CG  HG3  sing N N 96  
GLN CD  OE1  doub N N 97  
GLN CD  NE2  sing N N 98  
GLN NE2 HE21 sing N N 99  
GLN NE2 HE22 sing N N 100 
GLN OXT HXT  sing N N 101 
GLU N   CA   sing N N 102 
GLU N   H    sing N N 103 
GLU N   H2   sing N N 104 
GLU CA  C    sing N N 105 
GLU CA  CB   sing N N 106 
GLU CA  HA   sing N N 107 
GLU C   O    doub N N 108 
GLU C   OXT  sing N N 109 
GLU CB  CG   sing N N 110 
GLU CB  HB2  sing N N 111 
GLU CB  HB3  sing N N 112 
GLU CG  CD   sing N N 113 
GLU CG  HG2  sing N N 114 
GLU CG  HG3  sing N N 115 
GLU CD  OE1  doub N N 116 
GLU CD  OE2  sing N N 117 
GLU OE2 HE2  sing N N 118 
GLU OXT HXT  sing N N 119 
GLY N   CA   sing N N 120 
GLY N   H    sing N N 121 
GLY N   H2   sing N N 122 
GLY CA  C    sing N N 123 
GLY CA  HA2  sing N N 124 
GLY CA  HA3  sing N N 125 
GLY C   O    doub N N 126 
GLY C   OXT  sing N N 127 
GLY OXT HXT  sing N N 128 
HIS N   CA   sing N N 129 
HIS N   H    sing N N 130 
HIS N   H2   sing N N 131 
HIS CA  C    sing N N 132 
HIS CA  CB   sing N N 133 
HIS CA  HA   sing N N 134 
HIS C   O    doub N N 135 
HIS C   OXT  sing N N 136 
HIS CB  CG   sing N N 137 
HIS CB  HB2  sing N N 138 
HIS CB  HB3  sing N N 139 
HIS CG  ND1  sing Y N 140 
HIS CG  CD2  doub Y N 141 
HIS ND1 CE1  doub Y N 142 
HIS ND1 HD1  sing N N 143 
HIS CD2 NE2  sing Y N 144 
HIS CD2 HD2  sing N N 145 
HIS CE1 NE2  sing Y N 146 
HIS CE1 HE1  sing N N 147 
HIS NE2 HE2  sing N N 148 
HIS OXT HXT  sing N N 149 
ILE N   CA   sing N N 150 
ILE N   H    sing N N 151 
ILE N   H2   sing N N 152 
ILE CA  C    sing N N 153 
ILE CA  CB   sing N N 154 
ILE CA  HA   sing N N 155 
ILE C   O    doub N N 156 
ILE C   OXT  sing N N 157 
ILE CB  CG1  sing N N 158 
ILE CB  CG2  sing N N 159 
ILE CB  HB   sing N N 160 
ILE CG1 CD1  sing N N 161 
ILE CG1 HG12 sing N N 162 
ILE CG1 HG13 sing N N 163 
ILE CG2 HG21 sing N N 164 
ILE CG2 HG22 sing N N 165 
ILE CG2 HG23 sing N N 166 
ILE CD1 HD11 sing N N 167 
ILE CD1 HD12 sing N N 168 
ILE CD1 HD13 sing N N 169 
ILE OXT HXT  sing N N 170 
LEU N   CA   sing N N 171 
LEU N   H    sing N N 172 
LEU N   H2   sing N N 173 
LEU CA  C    sing N N 174 
LEU CA  CB   sing N N 175 
LEU CA  HA   sing N N 176 
LEU C   O    doub N N 177 
LEU C   OXT  sing N N 178 
LEU CB  CG   sing N N 179 
LEU CB  HB2  sing N N 180 
LEU CB  HB3  sing N N 181 
LEU CG  CD1  sing N N 182 
LEU CG  CD2  sing N N 183 
LEU CG  HG   sing N N 184 
LEU CD1 HD11 sing N N 185 
LEU CD1 HD12 sing N N 186 
LEU CD1 HD13 sing N N 187 
LEU CD2 HD21 sing N N 188 
LEU CD2 HD22 sing N N 189 
LEU CD2 HD23 sing N N 190 
LEU OXT HXT  sing N N 191 
LYS N   CA   sing N N 192 
LYS N   H    sing N N 193 
LYS N   H2   sing N N 194 
LYS CA  C    sing N N 195 
LYS CA  CB   sing N N 196 
LYS CA  HA   sing N N 197 
LYS C   O    doub N N 198 
LYS C   OXT  sing N N 199 
LYS CB  CG   sing N N 200 
LYS CB  HB2  sing N N 201 
LYS CB  HB3  sing N N 202 
LYS CG  CD   sing N N 203 
LYS CG  HG2  sing N N 204 
LYS CG  HG3  sing N N 205 
LYS CD  CE   sing N N 206 
LYS CD  HD2  sing N N 207 
LYS CD  HD3  sing N N 208 
LYS CE  NZ   sing N N 209 
LYS CE  HE2  sing N N 210 
LYS CE  HE3  sing N N 211 
LYS NZ  HZ1  sing N N 212 
LYS NZ  HZ2  sing N N 213 
LYS NZ  HZ3  sing N N 214 
LYS OXT HXT  sing N N 215 
MET N   CA   sing N N 216 
MET N   H    sing N N 217 
MET N   H2   sing N N 218 
MET CA  C    sing N N 219 
MET CA  CB   sing N N 220 
MET CA  HA   sing N N 221 
MET C   O    doub N N 222 
MET C   OXT  sing N N 223 
MET CB  CG   sing N N 224 
MET CB  HB2  sing N N 225 
MET CB  HB3  sing N N 226 
MET CG  SD   sing N N 227 
MET CG  HG2  sing N N 228 
MET CG  HG3  sing N N 229 
MET SD  CE   sing N N 230 
MET CE  HE1  sing N N 231 
MET CE  HE2  sing N N 232 
MET CE  HE3  sing N N 233 
MET OXT HXT  sing N N 234 
PHE N   CA   sing N N 235 
PHE N   H    sing N N 236 
PHE N   H2   sing N N 237 
PHE CA  C    sing N N 238 
PHE CA  CB   sing N N 239 
PHE CA  HA   sing N N 240 
PHE C   O    doub N N 241 
PHE C   OXT  sing N N 242 
PHE CB  CG   sing N N 243 
PHE CB  HB2  sing N N 244 
PHE CB  HB3  sing N N 245 
PHE CG  CD1  doub Y N 246 
PHE CG  CD2  sing Y N 247 
PHE CD1 CE1  sing Y N 248 
PHE CD1 HD1  sing N N 249 
PHE CD2 CE2  doub Y N 250 
PHE CD2 HD2  sing N N 251 
PHE CE1 CZ   doub Y N 252 
PHE CE1 HE1  sing N N 253 
PHE CE2 CZ   sing Y N 254 
PHE CE2 HE2  sing N N 255 
PHE CZ  HZ   sing N N 256 
PHE OXT HXT  sing N N 257 
PRO N   CA   sing N N 258 
PRO N   CD   sing N N 259 
PRO N   H    sing N N 260 
PRO CA  C    sing N N 261 
PRO CA  CB   sing N N 262 
PRO CA  HA   sing N N 263 
PRO C   O    doub N N 264 
PRO C   OXT  sing N N 265 
PRO CB  CG   sing N N 266 
PRO CB  HB2  sing N N 267 
PRO CB  HB3  sing N N 268 
PRO CG  CD   sing N N 269 
PRO CG  HG2  sing N N 270 
PRO CG  HG3  sing N N 271 
PRO CD  HD2  sing N N 272 
PRO CD  HD3  sing N N 273 
PRO OXT HXT  sing N N 274 
SER N   CA   sing N N 275 
SER N   H    sing N N 276 
SER N   H2   sing N N 277 
SER CA  C    sing N N 278 
SER CA  CB   sing N N 279 
SER CA  HA   sing N N 280 
SER C   O    doub N N 281 
SER C   OXT  sing N N 282 
SER CB  OG   sing N N 283 
SER CB  HB2  sing N N 284 
SER CB  HB3  sing N N 285 
SER OG  HG   sing N N 286 
SER OXT HXT  sing N N 287 
THR N   CA   sing N N 288 
THR N   H    sing N N 289 
THR N   H2   sing N N 290 
THR CA  C    sing N N 291 
THR CA  CB   sing N N 292 
THR CA  HA   sing N N 293 
THR C   O    doub N N 294 
THR C   OXT  sing N N 295 
THR CB  OG1  sing N N 296 
THR CB  CG2  sing N N 297 
THR CB  HB   sing N N 298 
THR OG1 HG1  sing N N 299 
THR CG2 HG21 sing N N 300 
THR CG2 HG22 sing N N 301 
THR CG2 HG23 sing N N 302 
THR OXT HXT  sing N N 303 
TRP N   CA   sing N N 304 
TRP N   H    sing N N 305 
TRP N   H2   sing N N 306 
TRP CA  C    sing N N 307 
TRP CA  CB   sing N N 308 
TRP CA  HA   sing N N 309 
TRP C   O    doub N N 310 
TRP C   OXT  sing N N 311 
TRP CB  CG   sing N N 312 
TRP CB  HB2  sing N N 313 
TRP CB  HB3  sing N N 314 
TRP CG  CD1  doub Y N 315 
TRP CG  CD2  sing Y N 316 
TRP CD1 NE1  sing Y N 317 
TRP CD1 HD1  sing N N 318 
TRP CD2 CE2  doub Y N 319 
TRP CD2 CE3  sing Y N 320 
TRP NE1 CE2  sing Y N 321 
TRP NE1 HE1  sing N N 322 
TRP CE2 CZ2  sing Y N 323 
TRP CE3 CZ3  doub Y N 324 
TRP CE3 HE3  sing N N 325 
TRP CZ2 CH2  doub Y N 326 
TRP CZ2 HZ2  sing N N 327 
TRP CZ3 CH2  sing Y N 328 
TRP CZ3 HZ3  sing N N 329 
TRP CH2 HH2  sing N N 330 
TRP OXT HXT  sing N N 331 
TYR N   CA   sing N N 332 
TYR N   H    sing N N 333 
TYR N   H2   sing N N 334 
TYR CA  C    sing N N 335 
TYR CA  CB   sing N N 336 
TYR CA  HA   sing N N 337 
TYR C   O    doub N N 338 
TYR C   OXT  sing N N 339 
TYR CB  CG   sing N N 340 
TYR CB  HB2  sing N N 341 
TYR CB  HB3  sing N N 342 
TYR CG  CD1  doub Y N 343 
TYR CG  CD2  sing Y N 344 
TYR CD1 CE1  sing Y N 345 
TYR CD1 HD1  sing N N 346 
TYR CD2 CE2  doub Y N 347 
TYR CD2 HD2  sing N N 348 
TYR CE1 CZ   doub Y N 349 
TYR CE1 HE1  sing N N 350 
TYR CE2 CZ   sing Y N 351 
TYR CE2 HE2  sing N N 352 
TYR CZ  OH   sing N N 353 
TYR OH  HH   sing N N 354 
TYR OXT HXT  sing N N 355 
VAL N   CA   sing N N 356 
VAL N   H    sing N N 357 
VAL N   H2   sing N N 358 
VAL CA  C    sing N N 359 
VAL CA  CB   sing N N 360 
VAL CA  HA   sing N N 361 
VAL C   O    doub N N 362 
VAL C   OXT  sing N N 363 
VAL CB  CG1  sing N N 364 
VAL CB  CG2  sing N N 365 
VAL CB  HB   sing N N 366 
VAL CG1 HG11 sing N N 367 
VAL CG1 HG12 sing N N 368 
VAL CG1 HG13 sing N N 369 
VAL CG2 HG21 sing N N 370 
VAL CG2 HG22 sing N N 371 
VAL CG2 HG23 sing N N 372 
VAL OXT HXT  sing N N 373 
# 
_em_ctf_correction.id        1 
_em_ctf_correction.details   TOMOCTF 
_em_ctf_correction.type      ? 
# 
_em_image_processing.id                   1 
_em_image_processing.image_recording_id   1 
_em_image_processing.details              ? 
# 
_em_image_recording.avg_electron_dose_per_image   100 
_em_image_recording.details                       ? 
_em_image_recording.id                            1 
_em_image_recording.film_or_detector_model        'GATAN ULTRASCAN 4000 (4k x 4k)' 
_em_image_recording.imaging_id                    1 
_em_image_recording.detector_mode                 ? 
_em_image_recording.average_exposure_time         ? 
_em_image_recording.num_diffraction_images        ? 
_em_image_recording.num_grids_imaged              ? 
_em_image_recording.num_real_images               ? 
# 
loop_
_em_software.id 
_em_software.name 
_em_software.version 
_em_software.category 
_em_software.details 
_em_software.image_processing_id 
_em_software.imaging_id 
_em_software.fitting_id 
1 Situs ? 'MODEL FITTING' ? ? ? 1 
2 IMOD  ? RECONSTRUCTION  ? 1 ? ? 
3 PEET  ? RECONSTRUCTION  ? 1 ? ? 
# 
_em_specimen.experiment_id           1 
_em_specimen.id                      1 
_em_specimen.concentration           1.2 
_em_specimen.vitrification_applied   YES 
_em_specimen.staining_applied        NO 
_em_specimen.embedding_applied       NO 
_em_specimen.shadowing_applied       NO 
_em_specimen.details                 ? 
# 
loop_
_pdbx_coordinate_model.asym_id 
_pdbx_coordinate_model.type 
A 'CA ATOMS ONLY' 
B 'CA ATOMS ONLY' 
C 'CA ATOMS ONLY' 
# 
_pdbx_initial_refinement_model.id               1 
_pdbx_initial_refinement_model.type             'experimental model' 
_pdbx_initial_refinement_model.source_name      PDB 
_pdbx_initial_refinement_model.accession_code   4KXF 
# 
_atom_sites.entry_id                    5AJ2 
_atom_sites.fract_transf_matrix[1][1]   1.000000 
_atom_sites.fract_transf_matrix[1][2]   0.000000 
_atom_sites.fract_transf_matrix[1][3]   0.000000 
_atom_sites.fract_transf_matrix[2][1]   0.000000 
_atom_sites.fract_transf_matrix[2][2]   1.000000 
_atom_sites.fract_transf_matrix[2][3]   0.000000 
_atom_sites.fract_transf_matrix[3][1]   0.000000 
_atom_sites.fract_transf_matrix[3][2]   0.000000 
_atom_sites.fract_transf_matrix[3][3]   1.000000 
_atom_sites.fract_transf_vector[1]      0.00000 
_atom_sites.fract_transf_vector[2]      0.00000 
_atom_sites.fract_transf_vector[3]      0.00000 
# 
_atom_type.symbol   C 
# 
loop_
_atom_site.group_PDB 
_atom_site.id 
_atom_site.type_symbol 
_atom_site.label_atom_id 
_atom_site.label_alt_id 
_atom_site.label_comp_id 
_atom_site.label_asym_id 
_atom_site.label_entity_id 
_atom_site.label_seq_id 
_atom_site.pdbx_PDB_ins_code 
_atom_site.Cartn_x 
_atom_site.Cartn_y 
_atom_site.Cartn_z 
_atom_site.occupancy 
_atom_site.B_iso_or_equiv 
_atom_site.pdbx_formal_charge 
_atom_site.auth_seq_id 
_atom_site.auth_comp_id 
_atom_site.auth_asym_id 
_atom_site.auth_atom_id 
_atom_site.pdbx_PDB_model_num 
ATOM 1   C CA . VAL A 1 93  ? 33.895  42.719  -4.482  1.00 65.63  ? 93   VAL A CA 1 
ATOM 2   C CA . THR A 1 94  ? 34.523  44.785  -1.343  1.00 75.26  ? 94   THR A CA 1 
ATOM 3   C CA . GLU A 1 95  ? 34.041  43.355  2.161   1.00 36.70  ? 95   GLU A CA 1 
ATOM 4   C CA . GLU A 1 96  ? 32.382  46.459  3.544   1.00 59.29  ? 96   GLU A CA 1 
ATOM 5   C CA . ASP A 1 97  ? 29.661  46.128  0.876   1.00 55.35  ? 97   ASP A CA 1 
ATOM 6   C CA . LEU A 1 98  ? 29.105  42.644  2.233   1.00 19.26  ? 98   LEU A CA 1 
ATOM 7   C CA . ASN A 1 99  ? 28.717  43.948  5.761   1.00 24.16  ? 99   ASN A CA 1 
ATOM 8   C CA . VAL A 1 100 ? 26.192  46.594  4.695   1.00 10.60  ? 100  VAL A CA 1 
ATOM 9   C CA . LEU A 1 101 ? 24.314  43.936  2.711   1.00 3.23   ? 101  LEU A CA 1 
ATOM 10  C CA . ALA A 1 102 ? 24.109  41.731  5.786   1.00 10.00  ? 102  ALA A CA 1 
ATOM 11  C CA . GLN A 1 103 ? 22.960  44.723  7.849   1.00 3.51   ? 103  GLN A CA 1 
ATOM 12  C CA . ASN A 1 104 ? 20.355  45.564  5.208   1.00 3.37   ? 104  ASN A CA 1 
ATOM 13  C CA . LEU A 1 105 ? 18.841  42.098  5.443   1.00 3.42   ? 105  LEU A CA 1 
ATOM 14  C CA . LYS A 1 106 ? 18.632  42.458  9.224   1.00 3.63   ? 106  LYS A CA 1 
ATOM 15  C CA . ASP A 1 107 ? 17.080  45.910  8.871   1.00 11.01  ? 107  ASP A CA 1 
ATOM 16  C CA . LEU A 1 108 ? 14.458  44.464  6.532   1.00 4.34   ? 108  LEU A CA 1 
ATOM 17  C CA . TYR A 1 109 ? 13.548  41.491  8.711   1.00 5.74   ? 109  TYR A CA 1 
ATOM 18  C CA . ASN A 1 110 ? 13.401  43.687  11.825  1.00 6.54   ? 110  ASN A CA 1 
ATOM 19  C CA . SER A 1 111 ? 11.018  46.273  10.362  1.00 4.51   ? 111  SER A CA 1 
ATOM 20  C CA . PRO A 1 112 ? 7.270   46.445  11.105  1.00 3.83   ? 112  PRO A CA 1 
ATOM 21  C CA . ALA A 1 113 ? 6.854   46.041  7.348   1.00 3.63   ? 113  ALA A CA 1 
ATOM 22  C CA . PHE A 1 114 ? 8.306   42.519  7.510   1.00 3.64   ? 114  PHE A CA 1 
ATOM 23  C CA . LEU A 1 115 ? 7.127   41.803  11.066  1.00 4.38   ? 115  LEU A CA 1 
ATOM 24  C CA . ASN A 1 116 ? 3.446   42.502  10.422  1.00 3.98   ? 116  ASN A CA 1 
ATOM 25  C CA . PHE A 1 117 ? 1.146   41.248  7.664   1.00 4.34   ? 117  PHE A CA 1 
ATOM 26  C CA . TYR A 1 118 ? -2.543  40.859  6.852   1.00 3.81   ? 118  TYR A CA 1 
ATOM 27  C CA . PRO A 1 119 ? -3.372  37.131  6.555   1.00 3.86   ? 119  PRO A CA 1 
ATOM 28  C CA . LEU A 1 120 ? -6.784  37.752  4.991   1.00 3.98   ? 120  LEU A CA 1 
ATOM 29  C CA . GLY A 1 121 ? -5.795  40.760  2.897   1.00 7.11   ? 121  GLY A CA 1 
ATOM 30  C CA . GLU A 1 122 ? -5.588  44.496  3.570   1.00 12.50  ? 122  GLU A CA 1 
ATOM 31  C CA . ASP A 1 123 ? -9.375  44.978  3.716   1.00 4.56   ? 123  ASP A CA 1 
ATOM 32  C CA . ILE A 1 124 ? -10.009 42.816  6.792   1.00 3.97   ? 124  ILE A CA 1 
ATOM 33  C CA . ASP A 1 125 ? -8.757  43.860  10.184  1.00 4.12   ? 125  ASP A CA 1 
ATOM 34  C CA . ILE A 1 126 ? -6.649  40.989  11.412  1.00 4.17   ? 126  ILE A CA 1 
ATOM 35  C CA . ILE A 1 127 ? -2.940  41.622  11.877  1.00 4.17   ? 127  ILE A CA 1 
ATOM 36  C CA . PHE A 1 128 ? -0.301  38.947  12.411  1.00 7.29   ? 128  PHE A CA 1 
ATOM 37  C CA . ASN A 1 129 ? 2.979   39.677  14.178  1.00 4.14   ? 129  ASN A CA 1 
ATOM 38  C CA . LEU A 1 130 ? 6.012   37.392  13.871  1.00 4.10   ? 130  LEU A CA 1 
ATOM 39  C CA . GLU A 1 131 ? 6.801   37.763  17.582  1.00 13.84  ? 131  GLU A CA 1 
ATOM 40  C CA . LYS A 1 132 ? 3.563   38.404  19.426  1.00 4.47   ? 132  LYS A CA 1 
ATOM 41  C CA . THR A 1 133 ? 0.885   36.572  17.511  1.00 9.47   ? 133  THR A CA 1 
ATOM 42  C CA . PHE A 1 134 ? 3.145   33.593  16.841  1.00 4.38   ? 134  PHE A CA 1 
ATOM 43  C CA . THR A 1 135 ? 2.711   30.479  18.992  1.00 4.57   ? 135  THR A CA 1 
ATOM 44  C CA . GLU A 1 136 ? 5.372   27.760  18.861  1.00 22.51  ? 136  GLU A CA 1 
ATOM 45  C CA . PRO A 1 137 ? 4.142   24.868  16.653  1.00 4.49   ? 137  PRO A CA 1 
ATOM 46  C CA . ILE A 1 138 ? 4.702   21.109  16.869  1.00 9.44   ? 138  ILE A CA 1 
ATOM 47  C CA . MET A 1 139 ? 7.132   19.723  14.308  1.00 11.37  ? 139  MET A CA 1 
ATOM 48  C CA . TRP A 1 140 ? 7.927   16.161  13.256  1.00 7.00   ? 140  TRP A CA 1 
ATOM 49  C CA . LYS A 1 141 ? 11.142  14.746  11.859  1.00 10.83  ? 141  LYS A CA 1 
ATOM 50  C CA . LYS A 1 142 ? 10.162  12.532  8.931   1.00 10.65  ? 142  LYS A CA 1 
ATOM 51  C CA . ASP A 1 143 ? 11.830  9.432   7.477   1.00 32.18  ? 143  ASP A CA 1 
ATOM 52  C CA . HIS A 1 144 ? 11.708  8.058   3.915   1.00 23.38  ? 144  HIS A CA 1 
ATOM 53  C CA . ARG A 1 145 ? 8.456   6.210   4.698   1.00 25.10  ? 145  ARG A CA 1 
ATOM 54  C CA . HIS A 1 146 ? 6.689   9.465   5.747   1.00 28.49  ? 146  HIS A CA 1 
ATOM 55  C CA . HIS A 1 147 ? 6.485   8.257   9.347   1.00 37.79  ? 147  HIS A CA 1 
ATOM 56  C CA . ARG A 1 148 ? 7.197   10.631  12.230  1.00 19.63  ? 148  ARG A CA 1 
ATOM 57  C CA . VAL A 1 149 ? 10.373  9.470   13.953  1.00 10.91  ? 149  VAL A CA 1 
ATOM 58  C CA . GLU A 1 150 ? 10.824  12.157  16.595  1.00 15.25  ? 150  GLU A CA 1 
ATOM 59  C CA . GLN A 1 151 ? 9.066   15.310  17.785  1.00 6.38   ? 151  GLN A CA 1 
ATOM 60  C CA . LEU A 1 152 ? 10.797  18.615  17.142  1.00 12.10  ? 152  LEU A CA 1 
ATOM 61  C CA . THR A 1 153 ? 10.492  22.330  17.738  1.00 6.80   ? 153  THR A CA 1 
ATOM 62  C CA . LEU A 1 154 ? 11.725  25.117  15.474  1.00 9.11   ? 154  LEU A CA 1 
ATOM 63  C CA . GLY A 1 155 ? 14.705  25.528  17.799  1.00 5.84   ? 155  GLY A CA 1 
ATOM 64  C CA . SER A 1 156 ? 15.394  21.798  17.841  1.00 19.01  ? 156  SER A CA 1 
ATOM 65  C CA . LEU A 1 157 ? 15.000  21.749  14.061  1.00 19.55  ? 157  LEU A CA 1 
ATOM 66  C CA . LEU A 1 158 ? 17.337  24.704  13.520  1.00 14.28  ? 158  LEU A CA 1 
ATOM 67  C CA . GLU A 1 159 ? 20.014  23.302  15.791  1.00 46.95  ? 159  GLU A CA 1 
ATOM 68  C CA . ALA A 1 160 ? 20.096  19.955  13.956  1.00 6.46   ? 160  ALA A CA 1 
ATOM 69  C CA . LEU A 1 161 ? 19.293  21.442  10.529  1.00 22.65  ? 161  LEU A CA 1 
ATOM 70  C CA . LYS A 1 162 ? 20.847  19.870  7.396   1.00 33.53  ? 162  LYS A CA 1 
ATOM 71  C CA . SER A 1 163 ? 20.606  20.870  3.738   1.00 14.50  ? 163  SER A CA 1 
ATOM 72  C CA . PRO A 1 164 ? 18.502  20.790  1.739   1.00 9.65   ? 164  PRO A CA 1 
ATOM 73  C CA . CYS A 1 165 ? 15.885  20.873  4.507   1.00 6.13   ? 165  CYS A CA 1 
ATOM 74  C CA . LEU A 1 166 ? 12.256  20.402  3.472   1.00 4.23   ? 166  LEU A CA 1 
ATOM 75  C CA . ILE A 1 167 ? 9.245   21.538  5.489   1.00 3.97   ? 167  ILE A CA 1 
ATOM 76  C CA . GLU A 1 168 ? 5.911   19.999  4.581   1.00 13.19  ? 168  GLU A CA 1 
ATOM 77  C CA . GLY A 1 169 ? 2.299   20.084  5.771   1.00 3.96   ? 169  GLY A CA 1 
ATOM 78  C CA . GLU A 1 170 ? -1.234  20.774  4.562   1.00 8.44   ? 170  GLU A CA 1 
ATOM 79  C CA . SER A 1 171 ? -2.022  24.200  3.128   1.00 13.59  ? 171  SER A CA 1 
ATOM 80  C CA . GLY A 1 172 ? -2.378  26.829  5.844   1.00 3.94   ? 172  GLY A CA 1 
ATOM 81  C CA . LYS A 1 173 ? -0.225  24.917  8.329   1.00 4.54   ? 173  LYS A CA 1 
ATOM 82  C CA . GLY A 1 174 ? 1.976   27.916  9.107   1.00 6.23   ? 174  GLY A CA 1 
ATOM 83  C CA . LYS A 1 175 ? 5.024   26.920  7.049   1.00 5.42   ? 175  LYS A CA 1 
ATOM 84  C CA . SER A 1 176 ? 5.566   30.302  5.369   1.00 15.53  ? 176  SER A CA 1 
ATOM 85  C CA . THR A 1 177 ? 5.137   32.021  8.723   1.00 8.57   ? 177  THR A CA 1 
ATOM 86  C CA . LEU A 1 178 ? 7.704   29.527  10.024  1.00 3.95   ? 178  LEU A CA 1 
ATOM 87  C CA . LEU A 1 179 ? 10.204  30.705  7.408   1.00 3.75   ? 179  LEU A CA 1 
ATOM 88  C CA . GLN A 1 180 ? 9.482   34.339  8.253   1.00 3.76   ? 180  GLN A CA 1 
ATOM 89  C CA . ARG A 1 181 ? 9.978   33.364  11.892  1.00 5.64   ? 181  ARG A CA 1 
ATOM 90  C CA . ILE A 1 182 ? 13.401  31.961  10.990  1.00 3.91   ? 182  ILE A CA 1 
ATOM 91  C CA . ALA A 1 183 ? 14.442  35.124  9.139   1.00 5.37   ? 183  ALA A CA 1 
ATOM 92  C CA . MET A 1 184 ? 13.158  37.307  11.963  1.00 3.89   ? 184  MET A CA 1 
ATOM 93  C CA . LEU A 1 185 ? 15.002  35.129  14.490  1.00 6.57   ? 185  LEU A CA 1 
ATOM 94  C CA . TRP A 1 186 ? 18.259  35.551  12.582  1.00 4.49   ? 186  TRP A CA 1 
ATOM 95  C CA . ALA A 1 187 ? 17.739  39.316  12.487  1.00 11.33  ? 187  ALA A CA 1 
ATOM 96  C CA . SER A 1 188 ? 16.601  39.810  16.114  1.00 20.37  ? 188  SER A CA 1 
ATOM 97  C CA . GLY A 1 189 ? 19.542  37.724  17.313  1.00 31.92  ? 189  GLY A CA 1 
ATOM 98  C CA . GLY A 1 190 ? 17.248  35.655  19.485  1.00 38.94  ? 190  GLY A CA 1 
ATOM 99  C CA . CYS A 1 191 ? 18.409  32.278  18.200  1.00 28.65  ? 191  CYS A CA 1 
ATOM 100 C CA . ARG A 1 192 ? 21.711  30.560  18.931  1.00 25.34  ? 192  ARG A CA 1 
ATOM 101 C CA . ALA A 1 193 ? 21.391  28.182  15.964  1.00 9.83   ? 193  ALA A CA 1 
ATOM 102 C CA . LEU A 1 194 ? 21.122  30.985  13.398  1.00 4.29   ? 194  LEU A CA 1 
ATOM 103 C CA . LYS A 1 195 ? 24.144  32.803  14.833  1.00 5.64   ? 195  LYS A CA 1 
ATOM 104 C CA . GLY A 1 196 ? 26.357  31.046  12.294  1.00 4.49   ? 196  GLY A CA 1 
ATOM 105 C CA . PHE A 1 197 ? 24.692  32.657  9.288   1.00 3.71   ? 197  PHE A CA 1 
ATOM 106 C CA . ARG A 1 198 ? 26.240  35.709  7.621   1.00 3.57   ? 198  ARG A CA 1 
ATOM 107 C CA . LEU A 1 199 ? 23.292  36.291  5.278   1.00 3.44   ? 199  LEU A CA 1 
ATOM 108 C CA . VAL A 1 200 ? 19.781  34.881  5.149   1.00 8.51   ? 200  VAL A CA 1 
ATOM 109 C CA . PHE A 1 201 ? 17.530  35.479  2.155   1.00 3.79   ? 201  PHE A CA 1 
ATOM 110 C CA . PHE A 1 202 ? 13.770  35.078  2.263   1.00 3.36   ? 202  PHE A CA 1 
ATOM 111 C CA . ILE A 1 203 ? 12.127  34.428  -1.090  1.00 3.55   ? 203  ILE A CA 1 
ATOM 112 C CA . HIS A 1 204 ? 8.575   33.723  -2.139  1.00 5.82   ? 204  HIS A CA 1 
ATOM 113 C CA . LEU A 1 205 ? 9.140   31.014  -4.727  1.00 6.83   ? 205  LEU A CA 1 
ATOM 114 C CA . ARG A 1 206 ? 5.857   31.888  -6.435  1.00 3.07   ? 206  ARG A CA 1 
ATOM 115 C CA . SER A 1 207 ? 7.535   34.892  -7.981  1.00 4.83   ? 207  SER A CA 1 
ATOM 116 C CA . ALA A 1 208 ? 10.918  33.614  -9.076  1.00 3.42   ? 208  ALA A CA 1 
ATOM 117 C CA . ARG A 1 209 ? 12.001  34.659  -12.535 1.00 2.67   ? 209  ARG A CA 1 
ATOM 118 C CA . GLY A 1 210 ? 15.225  35.343  -14.364 1.00 6.00   ? 210  GLY A CA 1 
ATOM 119 C CA . GLY A 1 211 ? 17.965  34.060  -12.096 1.00 6.71   ? 211  GLY A CA 1 
ATOM 120 C CA . LEU A 1 212 ? 18.697  33.866  -8.370  1.00 2.90   ? 212  LEU A CA 1 
ATOM 121 C CA . PHE A 1 213 ? 20.379  37.279  -8.349  1.00 2.75   ? 213  PHE A CA 1 
ATOM 122 C CA . GLU A 1 214 ? 17.546  39.012  -10.201 1.00 2.66   ? 214  GLU A CA 1 
ATOM 123 C CA . THR A 1 215 ? 15.005  37.356  -7.910  1.00 2.81   ? 215  THR A CA 1 
ATOM 124 C CA . LEU A 1 216 ? 16.801  38.423  -4.723  1.00 2.96   ? 216  LEU A CA 1 
ATOM 125 C CA . TYR A 1 217 ? 17.315  41.916  -6.102  1.00 4.71   ? 217  TYR A CA 1 
ATOM 126 C CA . ASP A 1 218 ? 13.707  42.420  -7.192  1.00 12.03  ? 218  ASP A CA 1 
ATOM 127 C CA . GLN A 1 219 ? 12.172  40.852  -4.082  1.00 14.42  ? 219  GLN A CA 1 
ATOM 128 C CA . LEU A 1 220 ? 14.417  42.280  -1.337  1.00 3.09   ? 220  LEU A CA 1 
ATOM 129 C CA . LEU A 1 221 ? 15.281  45.644  -2.972  1.00 4.13   ? 221  LEU A CA 1 
ATOM 130 C CA . ASN A 1 222 ? 18.079  46.264  -0.456  1.00 9.68   ? 222  ASN A CA 1 
ATOM 131 C CA . ILE A 1 223 ? 20.908  44.761  -2.532  1.00 2.96   ? 223  ILE A CA 1 
ATOM 132 C CA . PRO A 1 224 ? 23.649  47.330  -3.245  1.00 7.53   ? 224  PRO A CA 1 
ATOM 133 C CA . ASP A 1 225 ? 23.739  48.558  -6.845  1.00 27.51  ? 225  ASP A CA 1 
ATOM 134 C CA . PHE A 1 226 ? 27.423  47.960  -7.490  1.00 42.52  ? 226  PHE A CA 1 
ATOM 135 C CA . ILE A 1 227 ? 27.204  44.256  -6.716  1.00 34.28  ? 227  ILE A CA 1 
ATOM 136 C CA . SER A 1 228 ? 27.051  42.612  -10.123 1.00 35.14  ? 228  SER A CA 1 
ATOM 137 C CA . LYS A 1 229 ? 25.446  39.248  -10.891 1.00 8.50   ? 229  LYS A CA 1 
ATOM 138 C CA . PRO A 1 230 ? 28.756  37.360  -11.318 1.00 20.15  ? 230  PRO A CA 1 
ATOM 139 C CA . THR A 1 231 ? 30.172  39.082  -8.237  1.00 8.93   ? 231  THR A CA 1 
ATOM 140 C CA . PHE A 1 232 ? 27.135  37.905  -6.325  1.00 6.06   ? 232  PHE A CA 1 
ATOM 141 C CA . LYS A 1 233 ? 27.589  34.348  -7.589  1.00 25.96  ? 233  LYS A CA 1 
ATOM 142 C CA . ALA A 1 234 ? 31.235  34.371  -6.485  1.00 2.84   ? 234  ALA A CA 1 
ATOM 143 C CA . LEU A 1 235 ? 30.184  35.853  -3.131  1.00 15.27  ? 235  LEU A CA 1 
ATOM 144 C CA . LEU A 1 236 ? 27.658  33.079  -2.530  1.00 3.24   ? 236  LEU A CA 1 
ATOM 145 C CA . LEU A 1 237 ? 30.314  30.522  -3.405  1.00 15.74  ? 237  LEU A CA 1 
ATOM 146 C CA . LYS A 1 238 ? 32.864  32.139  -1.054  1.00 7.27   ? 238  LYS A CA 1 
ATOM 147 C CA . LEU A 1 239 ? 30.564  32.465  1.972   1.00 7.04   ? 239  LEU A CA 1 
ATOM 148 C CA . HIS A 1 240 ? 29.821  28.755  1.691   1.00 26.16  ? 240  HIS A CA 1 
ATOM 149 C CA . LYS A 1 241 ? 27.330  27.641  4.307   1.00 20.35  ? 241  LYS A CA 1 
ATOM 150 C CA . GLU A 1 242 ? 27.259  31.000  6.122   1.00 18.36  ? 242  GLU A CA 1 
ATOM 151 C CA . VAL A 1 243 ? 24.358  31.911  3.854   1.00 7.37   ? 243  VAL A CA 1 
ATOM 152 C CA . LEU A 1 244 ? 20.854  30.561  4.438   1.00 4.44   ? 244  LEU A CA 1 
ATOM 153 C CA . PHE A 1 245 ? 18.131  30.635  1.802   1.00 3.51   ? 245  PHE A CA 1 
ATOM 154 C CA . LEU A 1 246 ? 14.538  30.478  2.973   1.00 3.69   ? 246  LEU A CA 1 
ATOM 155 C CA . LEU A 1 247 ? 12.421  29.516  -0.017  1.00 3.33   ? 247  LEU A CA 1 
ATOM 156 C CA . ASP A 1 248 ? 8.653   29.519  0.387   1.00 3.40   ? 248  ASP A CA 1 
ATOM 157 C CA . GLY A 1 249 ? 6.036   27.494  -1.453  1.00 3.38   ? 249  GLY A CA 1 
ATOM 158 C CA . TYR A 1 250 ? 7.811   25.171  -3.899  1.00 3.27   ? 250  TYR A CA 1 
ATOM 159 C CA . ASN A 1 251 ? 4.284   24.025  -4.736  1.00 10.19  ? 251  ASN A CA 1 
ATOM 160 C CA . GLU A 1 252 ? 3.740   27.517  -6.130  1.00 3.21   ? 252  GLU A CA 1 
ATOM 161 C CA . PHE A 1 253 ? 6.965   27.279  -8.120  1.00 4.53   ? 253  PHE A CA 1 
ATOM 162 C CA . HIS A 1 254 ? 7.215   26.531  -11.840 1.00 7.91   ? 254  HIS A CA 1 
ATOM 163 C CA . PRO A 1 255 ? 10.888  25.534  -12.311 1.00 3.55   ? 255  PRO A CA 1 
ATOM 164 C CA . GLN A 1 256 ? 10.917  26.557  -15.979 1.00 22.50  ? 256  GLN A CA 1 
ATOM 165 C CA . ASN A 1 257 ? 10.764  30.200  -14.896 1.00 7.31   ? 257  ASN A CA 1 
ATOM 166 C CA . CYS A 1 258 ? 13.902  30.173  -12.765 1.00 3.34   ? 258  CYS A CA 1 
ATOM 167 C CA . PRO A 1 259 ? 16.199  27.199  -13.528 1.00 6.71   ? 259  PRO A CA 1 
ATOM 168 C CA . GLU A 1 260 ? 18.949  28.545  -11.254 1.00 6.18   ? 260  GLU A CA 1 
ATOM 169 C CA . ILE A 1 261 ? 16.780  28.476  -8.110  1.00 3.52   ? 261  ILE A CA 1 
ATOM 170 C CA . GLU A 1 262 ? 15.538  25.018  -9.094  1.00 9.07   ? 262  GLU A CA 1 
ATOM 171 C CA . ALA A 1 263 ? 19.217  24.127  -9.264  1.00 7.64   ? 263  ALA A CA 1 
ATOM 172 C CA . LEU A 1 264 ? 19.817  25.786  -5.876  1.00 3.03   ? 264  LEU A CA 1 
ATOM 173 C CA . ILE A 1 265 ? 17.262  23.443  -4.383  1.00 3.16   ? 265  ILE A CA 1 
ATOM 174 C CA . LYS A 1 266 ? 18.008  20.307  -6.351  1.00 6.70   ? 266  LYS A CA 1 
ATOM 175 C CA . GLU A 1 267 ? 21.729  20.551  -6.918  1.00 24.71  ? 267  GLU A CA 1 
ATOM 176 C CA . ASN A 1 268 ? 23.239  21.966  -3.744  1.00 16.68  ? 268  ASN A CA 1 
ATOM 177 C CA . HIS A 1 269 ? 26.800  20.893  -4.515  1.00 24.75  ? 269  HIS A CA 1 
ATOM 178 C CA . ARG A 1 270 ? 27.420  23.628  -7.083  1.00 28.81  ? 270  ARG A CA 1 
ATOM 179 C CA . PHE A 1 271 ? 25.988  26.138  -4.626  1.00 22.52  ? 271  PHE A CA 1 
ATOM 180 C CA . LYS A 1 272 ? 27.015  24.732  -1.231  1.00 4.58   ? 272  LYS A CA 1 
ATOM 181 C CA . ASN A 1 273 ? 24.784  27.272  0.489   1.00 5.51   ? 273  ASN A CA 1 
ATOM 182 C CA . MET A 1 274 ? 22.183  26.181  3.049   1.00 17.22  ? 274  MET A CA 1 
ATOM 183 C CA . VAL A 1 275 ? 18.552  25.972  1.921   1.00 5.80   ? 275  VAL A CA 1 
ATOM 184 C CA . ILE A 1 276 ? 15.217  25.489  3.643   1.00 3.56   ? 276  ILE A CA 1 
ATOM 185 C CA . VAL A 1 277 ? 12.352  24.861  1.253   1.00 3.48   ? 277  VAL A CA 1 
ATOM 186 C CA . THR A 1 278 ? 8.641   24.985  2.003   1.00 9.36   ? 278  THR A CA 1 
ATOM 187 C CA . THR A 1 279 ? 6.030   22.859  0.257   1.00 4.73   ? 279  THR A CA 1 
ATOM 188 C CA . THR A 1 280 ? 2.667   21.142  0.657   1.00 3.78   ? 280  THR A CA 1 
ATOM 189 C CA . THR A 1 281 ? 2.523   17.419  1.420   1.00 3.77   ? 281  THR A CA 1 
ATOM 190 C CA . GLU A 1 282 ? 0.747   16.923  -1.894  1.00 21.68  ? 282  GLU A CA 1 
ATOM 191 C CA . CYS A 1 283 ? 3.644   18.349  -3.896  1.00 14.32  ? 283  CYS A CA 1 
ATOM 192 C CA . LEU A 1 284 ? 6.419   16.949  -1.678  1.00 3.99   ? 284  LEU A CA 1 
ATOM 193 C CA . ARG A 1 285 ? 6.961   14.240  -4.316  1.00 21.93  ? 285  ARG A CA 1 
ATOM 194 C CA . HIS A 1 286 ? 8.687   16.850  -6.487  1.00 20.03  ? 286  HIS A CA 1 
ATOM 195 C CA . ILE A 1 287 ? 11.483  17.628  -3.965  1.00 20.87  ? 287  ILE A CA 1 
ATOM 196 C CA . ARG A 1 288 ? 11.378  14.383  -1.979  1.00 28.40  ? 288  ARG A CA 1 
ATOM 197 C CA . HIS A 1 289 ? 14.514  12.770  -3.390  1.00 28.26  ? 289  HIS A CA 1 
ATOM 198 C CA . VAL A 1 290 ? 16.724  15.831  -2.739  1.00 27.53  ? 290  VAL A CA 1 
ATOM 199 C CA . GLY A 1 291 ? 16.255  16.573  0.978   1.00 11.91  ? 291  GLY A CA 1 
ATOM 200 C CA . ALA A 1 292 ? 18.777  15.644  3.668   1.00 4.52   ? 292  ALA A CA 1 
ATOM 201 C CA . LEU A 1 293 ? 16.281  16.631  6.355   1.00 11.46  ? 293  LEU A CA 1 
ATOM 202 C CA . THR A 1 294 ? 12.500  16.612  6.268   1.00 3.91   ? 294  THR A CA 1 
ATOM 203 C CA . ALA A 1 295 ? 10.107  18.012  8.854   1.00 4.77   ? 295  ALA A CA 1 
ATOM 204 C CA . GLU A 1 296 ? 6.330   18.343  9.018   1.00 4.11   ? 296  GLU A CA 1 
ATOM 205 C CA . VAL A 1 297 ? 4.320   21.137  10.620  1.00 4.19   ? 297  VAL A CA 1 
ATOM 206 C CA . GLY A 1 298 ? 1.959   19.469  13.069  1.00 4.41   ? 298  GLY A CA 1 
ATOM 207 C CA . ASP A 1 299 ? -1.640  20.236  13.993  1.00 5.31   ? 299  ASP A CA 1 
ATOM 208 C CA . MET A 1 300 ? -2.430  23.267  16.128  1.00 4.96   ? 300  MET A CA 1 
ATOM 209 C CA . THR A 1 301 ? -3.107  22.500  19.786  1.00 8.00   ? 301  THR A CA 1 
ATOM 210 C CA . GLU A 1 302 ? -6.335  23.909  21.237  1.00 15.07  ? 302  GLU A CA 1 
ATOM 211 C CA . ASP A 1 303 ? -4.262  26.095  23.559  1.00 35.25  ? 303  ASP A CA 1 
ATOM 212 C CA . SER A 1 304 ? -2.442  27.683  20.631  1.00 6.53   ? 304  SER A CA 1 
ATOM 213 C CA . ALA A 1 305 ? -5.689  28.083  18.716  1.00 4.77   ? 305  ALA A CA 1 
ATOM 214 C CA . LYS A 1 306 ? -7.381  29.873  21.623  1.00 39.13  ? 306  LYS A CA 1 
ATOM 215 C CA . ASP A 1 307 ? -4.263  32.004  21.978  1.00 4.88   ? 307  ASP A CA 1 
ATOM 216 C CA . LEU A 1 308 ? -4.588  32.993  18.326  1.00 4.64   ? 308  LEU A CA 1 
ATOM 217 C CA . ILE A 1 309 ? -8.295  33.744  18.692  1.00 12.54  ? 309  ILE A CA 1 
ATOM 218 C CA . GLU A 1 310 ? -7.669  35.823  21.813  1.00 10.43  ? 310  GLU A CA 1 
ATOM 219 C CA . ALA A 1 311 ? -4.988  37.661  19.855  1.00 4.68   ? 311  ALA A CA 1 
ATOM 220 C CA . VAL A 1 312 ? -7.054  38.523  16.773  1.00 4.53   ? 312  VAL A CA 1 
ATOM 221 C CA . LEU A 1 313 ? -10.507 38.924  18.347  1.00 4.71   ? 313  LEU A CA 1 
ATOM 222 C CA . VAL A 1 314 ? -12.329 41.007  20.974  1.00 5.10   ? 314  VAL A CA 1 
ATOM 223 C CA . PRO A 1 315 ? -13.002 39.039  24.220  1.00 23.64  ? 315  PRO A CA 1 
ATOM 224 C CA . ASP A 1 316 ? -16.804 38.894  23.820  1.00 20.16  ? 316  ASP A CA 1 
ATOM 225 C CA . GLN A 1 317 ? -16.381 37.252  20.440  1.00 26.30  ? 317  GLN A CA 1 
ATOM 226 C CA . VAL A 1 318 ? -13.506 35.161  21.773  1.00 5.06   ? 318  VAL A CA 1 
ATOM 227 C CA . GLU A 1 319 ? -15.804 33.492  24.290  1.00 58.89  ? 319  GLU A CA 1 
ATOM 228 C CA . ARG A 1 320 ? -18.661 33.407  21.772  1.00 17.20  ? 320  ARG A CA 1 
ATOM 229 C CA . LEU A 1 321 ? -16.611 31.690  19.068  1.00 18.17  ? 321  LEU A CA 1 
ATOM 230 C CA . TRP A 1 322 ? -14.913 29.367  21.543  1.00 17.40  ? 322  TRP A CA 1 
ATOM 231 C CA . ALA A 1 323 ? -18.408 28.410  22.643  1.00 7.79   ? 323  ALA A CA 1 
ATOM 232 C CA . GLN A 1 324 ? -19.300 27.588  19.026  1.00 25.19  ? 324  GLN A CA 1 
ATOM 233 C CA . ILE A 1 325 ? -16.049 25.594  18.691  1.00 37.75  ? 325  ILE A CA 1 
ATOM 234 C CA . GLN A 1 326 ? -16.584 23.414  21.748  1.00 28.97  ? 326  GLN A CA 1 
ATOM 235 C CA . GLU A 1 327 ? -20.056 22.752  20.362  1.00 28.93  ? 327  GLU A CA 1 
ATOM 236 C CA . SER A 1 328 ? -18.808 21.427  17.015  1.00 30.66  ? 328  SER A CA 1 
ATOM 237 C CA . ARG A 1 329 ? -16.362 18.569  16.394  1.00 14.91  ? 329  ARG A CA 1 
ATOM 238 C CA . CYS A 1 330 ? -15.876 19.614  12.767  1.00 30.65  ? 330  CYS A CA 1 
ATOM 239 C CA . LEU A 1 331 ? -15.015 23.224  13.636  1.00 4.80   ? 331  LEU A CA 1 
ATOM 240 C CA . ARG A 1 332 ? -12.710 21.906  16.349  1.00 12.16  ? 332  ARG A CA 1 
ATOM 241 C CA . ASN A 1 333 ? -10.858 19.734  13.812  1.00 19.44  ? 333  ASN A CA 1 
ATOM 242 C CA . LEU A 1 334 ? -10.855 22.688  11.406  1.00 6.32   ? 334  LEU A CA 1 
ATOM 243 C CA . MET A 1 335 ? -9.062  24.529  14.210  1.00 4.64   ? 335  MET A CA 1 
ATOM 244 C CA . LYS A 1 336 ? -5.963  22.369  13.748  1.00 20.36  ? 336  LYS A CA 1 
ATOM 245 C CA . THR A 1 337 ? -4.950  24.585  10.820  1.00 7.97   ? 337  THR A CA 1 
ATOM 246 C CA . PRO A 1 338 ? -4.092  28.196  11.778  1.00 4.30   ? 338  PRO A CA 1 
ATOM 247 C CA . LEU A 1 339 ? -5.301  29.627  8.461   1.00 4.53   ? 339  LEU A CA 1 
ATOM 248 C CA . PHE A 1 340 ? -8.762  28.192  9.030   1.00 8.96   ? 340  PHE A CA 1 
ATOM 249 C CA . VAL A 1 341 ? -8.679  29.670  12.541  1.00 4.44   ? 341  VAL A CA 1 
ATOM 250 C CA . VAL A 1 342 ? -7.991  33.141  11.176  1.00 4.29   ? 342  VAL A CA 1 
ATOM 251 C CA . ILE A 1 343 ? -10.716 32.774  8.553   1.00 4.21   ? 343  ILE A CA 1 
ATOM 252 C CA . THR A 1 344 ? -13.388 31.591  10.992  1.00 18.67  ? 344  THR A CA 1 
ATOM 253 C CA . CYS A 1 345 ? -12.310 34.477  13.227  1.00 5.09   ? 345  CYS A CA 1 
ATOM 254 C CA . ALA A 1 346 ? -13.161 36.795  10.335  1.00 4.61   ? 346  ALA A CA 1 
ATOM 255 C CA . ILE A 1 347 ? -16.467 34.958  9.867   1.00 11.86  ? 347  ILE A CA 1 
ATOM 256 C CA . GLN A 1 348 ? -17.251 35.552  13.531  1.00 14.87  ? 348  GLN A CA 1 
ATOM 257 C CA . MET A 1 349 ? -16.494 39.215  12.932  1.00 4.75   ? 349  MET A CA 1 
ATOM 258 C CA . GLY A 1 350 ? -19.113 39.188  10.173  1.00 14.90  ? 350  GLY A CA 1 
ATOM 259 C CA . ARG A 1 351 ? -21.919 37.089  11.667  1.00 36.74  ? 351  ARG A CA 1 
ATOM 260 C CA . GLN A 1 352 ? -22.567 36.137  15.297  1.00 55.10  ? 352  GLN A CA 1 
ATOM 261 C CA . GLU A 1 353 ? -23.633 32.558  14.489  1.00 64.61  ? 353  GLU A CA 1 
ATOM 262 C CA . PHE A 1 354 ? -22.460 30.344  11.599  1.00 21.13  ? 354  PHE A CA 1 
ATOM 263 C CA . GLN A 1 355 ? -22.072 26.664  10.801  1.00 33.07  ? 355  GLN A CA 1 
ATOM 264 C CA . ALA B 2 1   ? -19.187 24.947  8.989   1.00 26.29  ? 356  ALA B CA 1 
ATOM 265 C CA . HIS B 2 2   ? -18.624 21.180  8.977   1.00 21.06  ? 357  HIS B CA 1 
ATOM 266 C CA . THR B 2 3   ? -16.041 21.154  6.176   1.00 5.95   ? 358  THR B CA 1 
ATOM 267 C CA . GLN B 2 4   ? -13.295 23.618  5.232   1.00 4.25   ? 359  GLN B CA 1 
ATOM 268 C CA . THR B 2 5   ? -15.154 24.143  1.961   1.00 5.45   ? 360  THR B CA 1 
ATOM 269 C CA . MET B 2 6   ? -18.183 25.372  3.874   1.00 34.55  ? 361  MET B CA 1 
ATOM 270 C CA . LEU B 2 7   ? -15.866 27.585  5.940   1.00 5.13   ? 362  LEU B CA 1 
ATOM 271 C CA . PHE B 2 8   ? -14.487 29.111  2.755   1.00 6.06   ? 363  PHE B CA 1 
ATOM 272 C CA . GLN B 2 9   ? -18.052 29.380  1.445   1.00 19.38  ? 364  GLN B CA 1 
ATOM 273 C CA . THR B 2 10  ? -19.287 31.166  4.554   1.00 6.76   ? 365  THR B CA 1 
ATOM 274 C CA . PHE B 2 11  ? -16.361 33.556  4.247   1.00 4.12   ? 366  PHE B CA 1 
ATOM 275 C CA . TYR B 2 12  ? -16.867 34.188  0.509   1.00 7.25   ? 367  TYR B CA 1 
ATOM 276 C CA . ASP B 2 13  ? -20.620 34.690  0.858   1.00 20.02  ? 368  ASP B CA 1 
ATOM 277 C CA . LEU B 2 14  ? -19.959 37.007  3.790   1.00 4.17   ? 369  LEU B CA 1 
ATOM 278 C CA . LEU B 2 15  ? -17.476 38.956  1.672   1.00 3.95   ? 370  LEU B CA 1 
ATOM 279 C CA . ILE B 2 16  ? -20.036 39.466  -1.063  1.00 17.36  ? 371  ILE B CA 1 
ATOM 280 C CA . GLN B 2 17  ? -22.773 40.273  1.447   1.00 5.24   ? 372  GLN B CA 1 
ATOM 281 C CA . LYS B 2 18  ? -20.955 42.990  3.373   1.00 16.37  ? 373  LYS B CA 1 
ATOM 282 C CA . ASN B 2 19  ? -18.845 44.408  0.546   1.00 7.34   ? 374  ASN B CA 1 
ATOM 283 C CA . SER B 2 20  ? -21.405 44.374  -2.309  1.00 18.62  ? 375  SER B CA 1 
ATOM 284 C CA . HIS B 2 21  ? -22.283 48.058  -1.964  1.00 8.92   ? 376  HIS B CA 1 
ATOM 285 C CA . ARG B 2 22  ? -18.726 49.160  -2.743  1.00 7.07   ? 377  ARG B CA 1 
ATOM 286 C CA . TYR B 2 23  ? -19.192 48.247  -6.410  1.00 55.88  ? 378  TYR B CA 1 
ATOM 287 C CA . ARG B 2 24  ? -21.569 51.142  -7.128  1.00 64.10  ? 379  ARG B CA 1 
ATOM 288 C CA . GLY B 2 25  ? -21.468 51.022  -10.914 1.00 48.28  ? 380  GLY B CA 1 
ATOM 289 C CA . GLY B 2 26  ? -22.102 49.275  -14.201 1.00 38.75  ? 381  GLY B CA 1 
ATOM 290 C CA . ALA B 2 27  ? -25.397 48.235  -15.747 1.00 62.39  ? 382  ALA B CA 1 
ATOM 291 C CA . SER B 2 28  ? -27.768 45.399  -14.881 1.00 58.29  ? 383  SER B CA 1 
ATOM 292 C CA . GLY B 2 29  ? -26.138 42.020  -14.204 1.00 59.57  ? 384  GLY B CA 1 
ATOM 293 C CA . ASP B 2 30  ? -22.543 43.239  -14.115 1.00 44.12  ? 385  ASP B CA 1 
ATOM 294 C CA . PHE B 2 31  ? -21.706 42.224  -10.537 1.00 16.34  ? 386  PHE B CA 1 
ATOM 295 C CA . ALA B 2 32  ? -22.091 38.489  -11.108 1.00 12.20  ? 387  ALA B CA 1 
ATOM 296 C CA . ARG B 2 33  ? -19.898 38.838  -14.178 1.00 8.02   ? 388  ARG B CA 1 
ATOM 297 C CA . SER B 2 34  ? -17.110 40.125  -11.964 1.00 6.49   ? 389  SER B CA 1 
ATOM 298 C CA . LEU B 2 35  ? -17.633 37.131  -9.716  1.00 3.45   ? 390  LEU B CA 1 
ATOM 299 C CA . ASP B 2 36  ? -17.468 34.950  -12.798 1.00 3.30   ? 391  ASP B CA 1 
ATOM 300 C CA . TYR B 2 37  ? -14.235 36.654  -13.853 1.00 6.67   ? 392  TYR B CA 1 
ATOM 301 C CA . CYS B 2 38  ? -12.744 36.108  -10.424 1.00 5.67   ? 393  CYS B CA 1 
ATOM 302 C CA . GLY B 2 39  ? -13.973 32.541  -10.590 1.00 15.94  ? 394  GLY B CA 1 
ATOM 303 C CA . ASP B 2 40  ? -12.361 32.156  -13.985 1.00 3.29   ? 395  ASP B CA 1 
ATOM 304 C CA . LEU B 2 41  ? -9.250  34.063  -12.888 1.00 3.76   ? 396  LEU B CA 1 
ATOM 305 C CA . ALA B 2 42  ? -8.552  31.546  -10.166 1.00 3.21   ? 397  ALA B CA 1 
ATOM 306 C CA . LEU B 2 43  ? -9.408  28.521  -12.306 1.00 3.85   ? 398  LEU B CA 1 
ATOM 307 C CA . GLU B 2 44  ? -7.071  29.288  -15.175 1.00 15.23  ? 399  GLU B CA 1 
ATOM 308 C CA . GLY B 2 45  ? -4.470  30.272  -12.592 1.00 3.02   ? 400  GLY B CA 1 
ATOM 309 C CA . VAL B 2 46  ? -4.619  26.804  -11.082 1.00 3.49   ? 401  VAL B CA 1 
ATOM 310 C CA . PHE B 2 47  ? -4.128  25.284  -14.513 1.00 3.30   ? 402  PHE B CA 1 
ATOM 311 C CA . ALA B 2 48  ? -1.415  27.760  -15.480 1.00 2.87   ? 403  ALA B CA 1 
ATOM 312 C CA . HIS B 2 49  ? 0.263   27.566  -12.057 1.00 6.97   ? 404  HIS B CA 1 
ATOM 313 C CA . LYS B 2 50  ? -0.050  31.343  -11.961 1.00 2.93   ? 405  LYS B CA 1 
ATOM 314 C CA . PHE B 2 51  ? -0.976  32.692  -8.524  1.00 3.73   ? 406  PHE B CA 1 
ATOM 315 C CA . ASP B 2 52  ? -0.208  36.364  -9.194  1.00 3.73   ? 407  ASP B CA 1 
ATOM 316 C CA . PHE B 2 53  ? -2.207  38.210  -11.827 1.00 3.61   ? 408  PHE B CA 1 
ATOM 317 C CA . GLU B 2 54  ? -0.762  41.234  -13.612 1.00 6.27   ? 409  GLU B CA 1 
ATOM 318 C CA . PRO B 2 55  ? -2.740  42.654  -16.500 1.00 3.17   ? 410  PRO B CA 1 
ATOM 319 C CA . GLU B 2 56  ? -1.517  45.553  -18.658 1.00 57.70  ? 411  GLU B CA 1 
ATOM 320 C CA . HIS B 2 57  ? -1.872  49.088  -17.288 1.00 61.05  ? 412  HIS B CA 1 
ATOM 321 C CA . GLY B 2 58  ? -5.323  50.647  -17.635 1.00 76.89  ? 413  GLY B CA 1 
ATOM 322 C CA . SER B 2 59  ? -6.750  47.281  -18.681 1.00 31.64  ? 414  SER B CA 1 
ATOM 323 C CA . SER B 2 60  ? -6.768  46.181  -15.035 1.00 21.85  ? 415  SER B CA 1 
ATOM 324 C CA . MET B 2 61  ? -10.343 47.329  -14.454 1.00 35.18  ? 416  MET B CA 1 
ATOM 325 C CA . ASN B 2 62  ? -11.886 43.890  -13.831 1.00 14.97  ? 417  ASN B CA 1 
ATOM 326 C CA . GLU B 2 63  ? -9.332  42.961  -11.165 1.00 5.48   ? 418  GLU B CA 1 
ATOM 327 C CA . ASP B 2 64  ? -9.690  46.408  -9.621  1.00 15.79  ? 419  ASP B CA 1 
ATOM 328 C CA . VAL B 2 65  ? -13.408 45.759  -9.214  1.00 5.66   ? 420  VAL B CA 1 
ATOM 329 C CA . LEU B 2 66  ? -12.591 42.498  -7.420  1.00 3.31   ? 421  LEU B CA 1 
ATOM 330 C CA . VAL B 2 67  ? -10.280 44.426  -5.101  1.00 3.34   ? 422  VAL B CA 1 
ATOM 331 C CA . THR B 2 68  ? -13.175 46.779  -4.359  1.00 3.44   ? 423  THR B CA 1 
ATOM 332 C CA . ILE B 2 69  ? -15.352 43.765  -3.534  1.00 6.32   ? 424  ILE B CA 1 
ATOM 333 C CA . GLY B 2 70  ? -12.461 42.259  -1.584  1.00 3.74   ? 425  GLY B CA 1 
ATOM 334 C CA . LEU B 2 71  ? -12.072 39.004  -3.494  1.00 3.52   ? 426  LEU B CA 1 
ATOM 335 C CA . LEU B 2 72  ? -8.629  40.091  -4.616  1.00 3.36   ? 427  LEU B CA 1 
ATOM 336 C CA . CYS B 2 73  ? -5.700  41.827  -3.026  1.00 3.35   ? 428  CYS B CA 1 
ATOM 337 C CA . LYS B 2 74  ? -3.481  44.168  -4.983  1.00 8.90   ? 429  LYS B CA 1 
ATOM 338 C CA . TYR B 2 75  ? 0.175   44.157  -4.033  1.00 33.28  ? 430  TYR B CA 1 
ATOM 339 C CA . THR B 2 76  ? 1.227   47.143  -1.995  1.00 101.08 ? 431  THR B CA 1 
ATOM 340 C CA . ALA B 2 77  ? 4.820   47.524  -3.119  1.00 67.05  ? 432  ALA B CA 1 
ATOM 341 C CA . GLN B 2 78  ? 6.637   49.335  -5.886  1.00 63.94  ? 433  GLN B CA 1 
ATOM 342 C CA . ARG B 2 79  ? 5.688   47.191  -8.870  1.00 46.52  ? 434  ARG B CA 1 
ATOM 343 C CA . LEU B 2 80  ? 6.424   47.105  -12.601 1.00 23.89  ? 435  LEU B CA 1 
ATOM 344 C CA . LYS B 2 81  ? 2.741   46.418  -13.295 1.00 29.71  ? 436  LYS B CA 1 
ATOM 345 C CA . PRO B 2 82  ? -0.301  46.454  -11.092 1.00 25.99  ? 437  PRO B CA 1 
ATOM 346 C CA . THR B 2 83  ? -0.139  42.928  -9.642  1.00 4.85   ? 438  THR B CA 1 
ATOM 347 C CA . TYR B 2 84  ? -2.881  40.988  -7.877  1.00 3.06   ? 439  TYR B CA 1 
ATOM 348 C CA . LYS B 2 85  ? -3.209  37.851  -5.764  1.00 3.74   ? 440  LYS B CA 1 
ATOM 349 C CA . PHE B 2 86  ? -5.635  36.044  -3.531  1.00 4.28   ? 441  PHE B CA 1 
ATOM 350 C CA . PHE B 2 87  ? -4.643  36.422  0.143   1.00 4.15   ? 442  PHE B CA 1 
ATOM 351 C CA . HIS B 2 88  ? -3.729  32.727  0.167   1.00 3.58   ? 443  HIS B CA 1 
ATOM 352 C CA . LYS B 2 89  ? -3.433  29.988  -2.442  1.00 3.47   ? 444  LYS B CA 1 
ATOM 353 C CA . SER B 2 90  ? -6.251  28.132  -0.661  1.00 5.15   ? 445  SER B CA 1 
ATOM 354 C CA . PHE B 2 91  ? -8.715  30.942  -1.350  1.00 5.40   ? 446  PHE B CA 1 
ATOM 355 C CA . GLN B 2 92  ? -7.777  30.874  -5.047  1.00 6.57   ? 447  GLN B CA 1 
ATOM 356 C CA . GLU B 2 93  ? -8.317  27.128  -4.977  1.00 3.51   ? 448  GLU B CA 1 
ATOM 357 C CA . TYR B 2 94  ? -11.694 27.568  -3.316  1.00 3.68   ? 449  TYR B CA 1 
ATOM 358 C CA . THR B 2 95  ? -12.834 30.256  -5.733  1.00 3.55   ? 450  THR B CA 1 
ATOM 359 C CA . ALA B 2 96  ? -11.689 28.048  -8.610  1.00 3.72   ? 451  ALA B CA 1 
ATOM 360 C CA . GLY B 2 97  ? -13.550 25.045  -7.171  1.00 3.59   ? 452  GLY B CA 1 
ATOM 361 C CA . ARG B 2 98  ? -16.695 27.104  -6.609  1.00 4.39   ? 453  ARG B CA 1 
ATOM 362 C CA . ARG B 2 99  ? -16.336 28.221  -10.198 1.00 3.55   ? 454  ARG B CA 1 
ATOM 363 C CA . LEU B 2 100 ? -15.849 24.643  -11.384 1.00 3.87   ? 455  LEU B CA 1 
ATOM 364 C CA . SER B 2 101 ? -19.040 23.567  -9.608  1.00 4.11   ? 456  SER B CA 1 
ATOM 365 C CA . SER B 2 102 ? -20.818 26.646  -10.958 1.00 17.75  ? 457  SER B CA 1 
ATOM 366 C CA . LEU B 2 103 ? -19.854 25.501  -14.446 1.00 7.09   ? 458  LEU B CA 1 
ATOM 367 C CA . LEU B 2 104 ? -20.666 21.796  -13.978 1.00 3.57   ? 459  LEU B CA 1 
ATOM 368 C CA . THR B 2 105 ? -24.004 22.345  -12.228 1.00 12.38  ? 460  THR B CA 1 
ATOM 369 C CA . SER B 2 106 ? -24.839 25.201  -14.591 1.00 3.64   ? 461  SER B CA 1 
ATOM 370 C CA . LYS B 2 107 ? -28.183 25.654  -16.305 1.00 14.57  ? 462  LYS B CA 1 
ATOM 371 C CA . GLU B 2 108 ? -26.441 26.688  -19.528 1.00 3.48   ? 463  GLU B CA 1 
ATOM 372 C CA . PRO B 2 109 ? -24.840 23.877  -21.623 1.00 20.54  ? 464  PRO B CA 1 
ATOM 373 C CA . GLU B 2 110 ? -21.961 26.152  -22.596 1.00 14.02  ? 465  GLU B CA 1 
ATOM 374 C CA . GLU B 2 111 ? -20.873 26.592  -18.982 1.00 6.99   ? 466  GLU B CA 1 
ATOM 375 C CA . VAL B 2 112 ? -21.251 22.858  -18.364 1.00 4.08   ? 467  VAL B CA 1 
ATOM 376 C CA . SER B 2 113 ? -19.163 22.126  -21.455 1.00 3.23   ? 468  SER B CA 1 
ATOM 377 C CA . LYS B 2 114 ? -16.428 24.489  -20.301 1.00 18.00  ? 469  LYS B CA 1 
ATOM 378 C CA . GLY B 2 115 ? -16.557 22.902  -16.840 1.00 3.30   ? 470  GLY B CA 1 
ATOM 379 C CA . ASN B 2 116 ? -16.154 19.431  -18.330 1.00 5.47   ? 471  ASN B CA 1 
ATOM 380 C CA . SER B 2 117 ? -13.337 20.801  -20.480 1.00 3.30   ? 472  SER B CA 1 
ATOM 381 C CA . TYR B 2 118 ? -11.408 21.683  -17.300 1.00 3.15   ? 473  TYR B CA 1 
ATOM 382 C CA . LEU B 2 119 ? -11.984 18.170  -15.927 1.00 5.28   ? 474  LEU B CA 1 
ATOM 383 C CA . ASN B 2 120 ? -10.746 16.739  -19.211 1.00 3.42   ? 475  ASN B CA 1 
ATOM 384 C CA . LYS B 2 121 ? -7.478  18.622  -18.673 1.00 15.22  ? 476  LYS B CA 1 
ATOM 385 C CA . MET B 2 122 ? -6.792  16.265  -15.794 1.00 3.32   ? 477  MET B CA 1 
ATOM 386 C CA . VAL B 2 123 ? -5.199  13.186  -17.327 1.00 3.16   ? 478  VAL B CA 1 
ATOM 387 C CA . SER B 2 124 ? -2.535  11.734  -15.049 1.00 3.22   ? 479  SER B CA 1 
ATOM 388 C CA . ILE B 2 125 ? -2.760  10.598  -11.405 1.00 4.12   ? 480  ILE B CA 1 
ATOM 389 C CA . SER B 2 126 ? 0.334   12.624  -10.599 1.00 8.41   ? 481  SER B CA 1 
ATOM 390 C CA . ASP B 2 127 ? -1.132  15.960  -11.677 1.00 5.09   ? 482  ASP B CA 1 
ATOM 391 C CA . ILE B 2 128 ? -4.484  15.238  -10.021 1.00 3.41   ? 483  ILE B CA 1 
ATOM 392 C CA . THR B 2 129 ? -3.101  14.358  -6.586  1.00 3.55   ? 484  THR B CA 1 
ATOM 393 C CA . SER B 2 130 ? -0.563  17.207  -6.635  1.00 6.42   ? 485  SER B CA 1 
ATOM 394 C CA . LEU B 2 131 ? -1.721  20.123  -8.810  1.00 3.63   ? 486  LEU B CA 1 
ATOM 395 C CA . TYR B 2 132 ? -5.496  19.748  -9.021  1.00 3.76   ? 487  TYR B CA 1 
ATOM 396 C CA . GLY B 2 133 ? -6.116  17.973  -5.704  1.00 10.69  ? 488  GLY B CA 1 
ATOM 397 C CA . ASN B 2 134 ? -7.311  20.961  -3.696  1.00 10.55  ? 489  ASN B CA 1 
ATOM 398 C CA . LEU B 2 135 ? -9.299  22.292  -6.653  1.00 3.96   ? 490  LEU B CA 1 
ATOM 399 C CA . LEU B 2 136 ? -11.432 19.160  -6.638  1.00 3.67   ? 491  LEU B CA 1 
ATOM 400 C CA . LEU B 2 137 ? -11.692 19.246  -2.849  1.00 4.83   ? 492  LEU B CA 1 
ATOM 401 C CA . TYR B 2 138 ? -13.528 22.558  -3.039  1.00 3.84   ? 493  TYR B CA 1 
ATOM 402 C CA . THR B 2 139 ? -15.317 21.519  -6.230  1.00 3.79   ? 494  THR B CA 1 
ATOM 403 C CA . CYS B 2 140 ? -16.806 18.477  -4.504  1.00 3.94   ? 495  CYS B CA 1 
ATOM 404 C CA . GLY B 2 141 ? -17.391 20.335  -1.241  1.00 13.29  ? 496  GLY B CA 1 
ATOM 405 C CA . SER B 2 142 ? -19.604 22.982  -2.850  1.00 4.03   ? 497  SER B CA 1 
ATOM 406 C CA . SER B 2 143 ? -22.094 20.737  -4.627  1.00 4.36   ? 498  SER B CA 1 
ATOM 407 C CA . THR B 2 144 ? -22.939 17.028  -4.796  1.00 7.29   ? 499  THR B CA 1 
ATOM 408 C CA . GLU B 2 145 ? -23.600 17.047  -8.553  1.00 33.31  ? 500  GLU B CA 1 
ATOM 409 C CA . ALA B 2 146 ? -20.101 18.373  -9.008  1.00 9.10   ? 501  ALA B CA 1 
ATOM 410 C CA . THR B 2 147 ? -18.590 15.472  -7.064  1.00 9.46   ? 502  THR B CA 1 
ATOM 411 C CA . ARG B 2 148 ? -20.647 13.132  -9.251  1.00 4.98   ? 503  ARG B CA 1 
ATOM 412 C CA . ALA B 2 149 ? -19.018 14.666  -12.320 1.00 3.73   ? 504  ALA B CA 1 
ATOM 413 C CA . VAL B 2 150 ? -15.609 14.571  -10.622 1.00 3.90   ? 505  VAL B CA 1 
ATOM 414 C CA . MET B 2 151 ? -15.794 10.917  -9.566  1.00 8.47   ? 506  MET B CA 1 
ATOM 415 C CA . ARG B 2 152 ? -17.237 9.938   -12.934 1.00 3.76   ? 507  ARG B CA 1 
ATOM 416 C CA . HIS B 2 153 ? -14.171 11.585  -14.451 1.00 3.56   ? 508  HIS B CA 1 
ATOM 417 C CA . LEU B 2 154 ? -11.600 10.216  -11.996 1.00 3.62   ? 509  LEU B CA 1 
ATOM 418 C CA . ALA B 2 155 ? -12.969 6.711   -12.544 1.00 10.10  ? 510  ALA B CA 1 
ATOM 419 C CA . MET B 2 156 ? -11.950 6.893   -16.225 1.00 5.47   ? 511  MET B CA 1 
ATOM 420 C CA . VAL B 2 157 ? -8.316  7.811   -15.561 1.00 3.46   ? 512  VAL B CA 1 
ATOM 421 C CA . TYR B 2 158 ? -5.736  5.278   -16.777 1.00 8.22   ? 513  TYR B CA 1 
ATOM 422 C CA . GLN B 2 159 ? -2.670  7.539   -16.832 1.00 11.47  ? 514  GLN B CA 1 
ATOM 423 C CA . HIS B 2 160 ? 0.040   7.757   -14.145 1.00 3.39   ? 515  HIS B CA 1 
ATOM 424 C CA . GLY B 2 161 ? 2.195   10.678  -15.244 1.00 3.14   ? 516  GLY B CA 1 
ATOM 425 C CA . SER B 2 162 ? 5.505   11.142  -13.437 1.00 15.69  ? 517  SER B CA 1 
ATOM 426 C CA . LEU B 2 163 ? 6.461   8.421   -10.970 1.00 3.31   ? 518  LEU B CA 1 
ATOM 427 C CA . GLN B 2 164 ? 9.386   10.480  -9.683  1.00 16.58  ? 519  GLN B CA 1 
ATOM 428 C CA . GLY B 2 165 ? 9.963   10.991  -5.941  1.00 40.31  ? 520  GLY B CA 1 
ATOM 429 C CA . LEU B 2 166 ? 7.470   8.276   -4.981  1.00 13.57  ? 521  LEU B CA 1 
ATOM 430 C CA . SER B 2 167 ? 10.118  5.775   -3.889  1.00 26.58  ? 522  SER B CA 1 
ATOM 431 C CA . VAL B 2 168 ? 9.539   4.742   -0.276  1.00 28.19  ? 523  VAL B CA 1 
ATOM 432 C CA . THR B 2 169 ? 12.368  2.215   -0.371  1.00 120.95 ? 524  THR B CA 1 
ATOM 433 C CA . LYS B 2 170 ? 14.878  5.000   -1.107  1.00 98.74  ? 525  LYS B CA 1 
ATOM 434 C CA . ARG B 2 171 ? 17.117  4.440   1.923   1.00 193.84 ? 526  ARG B CA 1 
ATOM 435 C CA . PRO B 2 172 ? 18.570  1.229   0.414   1.00 170.58 ? 527  PRO B CA 1 
ATOM 436 C CA . LEU B 2 173 ? 16.865  2.362   -2.814  1.00 164.82 ? 528  LEU B CA 1 
ATOM 437 C CA . TRP B 2 174 ? 17.624  -0.755  -4.842  1.00 141.42 ? 529  TRP B CA 1 
ATOM 438 C CA . ARG B 2 175 ? 15.542  -3.311  -6.691  1.00 170.00 ? 530  ARG B CA 1 
ATOM 439 C CA . GLN B 2 176 ? 13.923  -4.744  -3.579  1.00 82.39  ? 531  GLN B CA 1 
ATOM 440 C CA . GLU B 2 177 ? 12.418  -4.665  -0.219  1.00 173.00 ? 532  GLU B CA 1 
ATOM 441 C CA . SER B 2 178 ? 9.282   -5.721  1.628   1.00 54.09  ? 533  SER B CA 1 
ATOM 442 C CA . ILE B 2 179 ? 6.145   -7.413  0.326   1.00 20.49  ? 534  ILE B CA 1 
ATOM 443 C CA . GLN B 2 180 ? 5.622   -4.746  -2.319  1.00 32.22  ? 535  GLN B CA 1 
ATOM 444 C CA . SER B 2 181 ? 8.989   -5.411  -3.995  1.00 53.66  ? 536  SER B CA 1 
ATOM 445 C CA . LEU B 2 182 ? 8.897   -9.179  -3.441  1.00 26.89  ? 537  LEU B CA 1 
ATOM 446 C CA . ARG B 2 183 ? 5.594   -9.356  -5.300  1.00 27.43  ? 538  ARG B CA 1 
ATOM 447 C CA . ASN B 2 184 ? 6.721   -6.888  -7.947  1.00 21.56  ? 539  ASN B CA 1 
ATOM 448 C CA . THR B 2 185 ? 9.071   -7.521  -10.873 1.00 38.14  ? 540  THR B CA 1 
ATOM 449 C CA . THR B 2 186 ? 10.031  -3.877  -11.399 1.00 28.00  ? 541  THR B CA 1 
ATOM 450 C CA . GLU B 2 187 ? 10.848  -0.654  -9.573  1.00 34.13  ? 542  GLU B CA 1 
ATOM 451 C CA . GLN B 2 188 ? 8.220   0.881   -11.806 1.00 32.28  ? 543  GLN B CA 1 
ATOM 452 C CA . ASP B 2 189 ? 5.521   -1.505  -10.579 1.00 19.90  ? 544  ASP B CA 1 
ATOM 453 C CA . VAL B 2 190 ? 6.267   -0.578  -6.973  1.00 3.94   ? 545  VAL B CA 1 
ATOM 454 C CA . LEU B 2 191 ? 6.153   3.137   -7.780  1.00 3.71   ? 546  LEU B CA 1 
ATOM 455 C CA . LYS B 2 192 ? 2.846   2.775   -9.629  1.00 4.81   ? 547  LYS B CA 1 
ATOM 456 C CA . ALA B 2 193 ? 1.456   0.985   -6.584  1.00 14.50  ? 548  ALA B CA 1 
ATOM 457 C CA . ILE B 2 194 ? 2.541   3.889   -4.387  1.00 3.79   ? 549  ILE B CA 1 
ATOM 458 C CA . ASN B 2 195 ? 0.939   6.362   -6.814  1.00 3.64   ? 550  ASN B CA 1 
ATOM 459 C CA . VAL B 2 196 ? -2.418  4.571   -6.715  1.00 9.68   ? 551  VAL B CA 1 
ATOM 460 C CA . ASN B 2 197 ? -2.393  4.692   -2.911  1.00 25.79  ? 552  ASN B CA 1 
ATOM 461 C CA . SER B 2 198 ? -2.300  8.486   -2.989  1.00 3.84   ? 553  SER B CA 1 
ATOM 462 C CA . PHE B 2 199 ? -4.860  8.599   -5.806  1.00 4.04   ? 554  PHE B CA 1 
ATOM 463 C CA . VAL B 2 200 ? -7.216  6.620   -3.574  1.00 14.37  ? 555  VAL B CA 1 
ATOM 464 C CA . GLU B 2 201 ? -6.500  8.680   -0.449  1.00 4.92   ? 556  GLU B CA 1 
ATOM 465 C CA . CYS B 2 202 ? -7.313  11.761  -2.511  1.00 4.11   ? 557  CYS B CA 1 
ATOM 466 C CA . GLY B 2 203 ? -10.571 10.138  -3.553  1.00 3.99   ? 558  GLY B CA 1 
ATOM 467 C CA . ILE B 2 204 ? -11.478 9.423   0.065   1.00 4.21   ? 559  ILE B CA 1 
ATOM 468 C CA . ASN B 2 205 ? -10.736 13.049  0.937   1.00 4.60   ? 560  ASN B CA 1 
ATOM 469 C CA . LEU B 2 206 ? -13.060 14.290  -1.802  1.00 4.05   ? 561  LEU B CA 1 
ATOM 470 C CA . PHE B 2 207 ? -15.589 11.789  -0.453  1.00 4.26   ? 562  PHE B CA 1 
ATOM 471 C CA . SER B 2 208 ? -15.375 13.256  3.045   1.00 4.40   ? 563  SER B CA 1 
ATOM 472 C CA . GLU B 2 209 ? -15.643 16.819  1.760   1.00 6.73   ? 564  GLU B CA 1 
ATOM 473 C CA . SER B 2 210 ? -18.655 15.960  -0.418  1.00 4.50   ? 565  SER B CA 1 
ATOM 474 C CA . MET B 2 211 ? -20.644 15.161  2.741   1.00 16.57  ? 566  MET B CA 1 
ATOM 475 C CA . SER B 2 212 ? -22.642 12.711  0.611   1.00 30.20  ? 567  SER B CA 1 
ATOM 476 C CA . LYS B 2 213 ? -22.028 9.716   2.888   1.00 25.03  ? 568  LYS B CA 1 
ATOM 477 C CA . SER B 2 214 ? -23.631 6.746   1.130   1.00 16.81  ? 569  SER B CA 1 
ATOM 478 C CA . ASP B 2 215 ? -25.573 8.763   -1.470  1.00 22.35  ? 570  ASP B CA 1 
ATOM 479 C CA . LEU B 2 216 ? -22.764 8.668   -4.051  1.00 12.59  ? 571  LEU B CA 1 
ATOM 480 C CA . SER B 2 217 ? -21.460 5.210   -3.052  1.00 10.74  ? 572  SER B CA 1 
ATOM 481 C CA . GLN B 2 218 ? -22.265 3.831   -6.513  1.00 35.91  ? 573  GLN B CA 1 
ATOM 482 C CA . GLU B 2 219 ? -20.151 6.409   -8.347  1.00 5.00   ? 574  GLU B CA 1 
ATOM 483 C CA . PHE B 2 220 ? -17.397 6.147   -5.724  1.00 4.65   ? 575  PHE B CA 1 
ATOM 484 C CA . GLU B 2 221 ? -17.161 2.357   -5.995  1.00 4.91   ? 576  GLU B CA 1 
ATOM 485 C CA . ALA B 2 222 ? -16.422 2.794   -9.699  1.00 4.05   ? 577  ALA B CA 1 
ATOM 486 C CA . PHE B 2 223 ? -13.441 4.932   -8.673  1.00 4.17   ? 578  PHE B CA 1 
ATOM 487 C CA . PHE B 2 224 ? -12.159 2.743   -5.845  1.00 5.34   ? 579  PHE B CA 1 
ATOM 488 C CA . GLN B 2 225 ? -12.533 -0.503  -7.798  1.00 13.26  ? 580  GLN B CA 1 
ATOM 489 C CA . GLN C 3 1   ? -18.054 -10.290 -15.043 1.00 13.26  ? 580  GLN C CA 1 
ATOM 490 C CA . GLY C 3 2   ? -16.846 -13.723 -13.949 1.00 4.03   ? 581  GLY C CA 1 
ATOM 491 C CA . LYS C 3 3   ? -13.381 -12.423 -13.124 1.00 4.01   ? 582  LYS C CA 1 
ATOM 492 C CA . SER C 3 4   ? -11.250 -11.930 -10.007 1.00 10.15  ? 583  SER C CA 1 
ATOM 493 C CA . LEU C 3 5   ? -9.596  -9.027  -8.184  1.00 6.63   ? 584  LEU C CA 1 
ATOM 494 C CA . TYR C 3 6   ? -6.435  -8.906  -6.043  1.00 4.96   ? 585  TYR C CA 1 
ATOM 495 C CA . ILE C 3 7   ? -6.079  -6.447  -3.166  1.00 4.50   ? 586  ILE C CA 1 
ATOM 496 C CA . ASN C 3 8   ? -3.073  -5.867  -0.911  1.00 6.27   ? 587  ASN C CA 1 
ATOM 497 C CA . SER C 3 9   ? -4.235  -3.936  2.148   1.00 26.29  ? 588  SER C CA 1 
ATOM 498 C CA . GLU C 3 10  ? -0.875  -2.213  2.613   1.00 19.32  ? 589  GLU C CA 1 
ATOM 499 C CA . ASN C 3 11  ? -0.700  -1.062  -0.997  1.00 28.37  ? 590  ASN C CA 1 
ATOM 500 C CA . ILE C 3 12  ? -3.998  0.210   -2.393  1.00 4.70   ? 591  ILE C CA 1 
ATOM 501 C CA . PRO C 3 13  ? -4.116  2.112   -5.684  1.00 21.42  ? 592  PRO C CA 1 
ATOM 502 C CA . ASP C 3 14  ? -6.351  5.193   -5.853  1.00 26.57  ? 593  ASP C CA 1 
ATOM 503 C CA . TYR C 3 15  ? -8.277  3.628   -8.731  1.00 32.29  ? 594  TYR C CA 1 
ATOM 504 C CA . LEU C 3 16  ? -9.593  0.972   -6.350  1.00 13.09  ? 595  LEU C CA 1 
ATOM 505 C CA . PHE C 3 17  ? -11.487 3.735   -4.559  1.00 4.88   ? 596  PHE C CA 1 
ATOM 506 C CA . ASP C 3 18  ? -12.869 4.866   -7.919  1.00 25.11  ? 597  ASP C CA 1 
ATOM 507 C CA . PHE C 3 19  ? -13.836 1.259   -8.653  1.00 11.05  ? 598  PHE C CA 1 
ATOM 508 C CA . PHE C 3 20  ? -15.696 0.815   -5.355  1.00 15.76  ? 599  PHE C CA 1 
ATOM 509 C CA . GLU C 3 21  ? -17.327 4.248   -5.433  1.00 8.78   ? 600  GLU C CA 1 
ATOM 510 C CA . TYR C 3 22  ? -18.507 4.407   -9.043  1.00 6.74   ? 601  TYR C CA 1 
ATOM 511 C CA . LEU C 3 23  ? -18.770 0.727   -10.015 1.00 4.71   ? 602  LEU C CA 1 
ATOM 512 C CA . PRO C 3 24  ? -20.144 -1.487  -7.196  1.00 23.41  ? 603  PRO C CA 1 
ATOM 513 C CA . ASN C 3 25  ? -22.002 -3.527  -9.819  1.00 9.23   ? 604  ASN C CA 1 
ATOM 514 C CA . CYS C 3 26  ? -18.678 -4.743  -11.202 1.00 17.41  ? 605  CYS C CA 1 
ATOM 515 C CA . ALA C 3 27  ? -17.341 -5.601  -7.743  1.00 4.58   ? 606  ALA C CA 1 
ATOM 516 C CA . SER C 3 28  ? -20.462 -7.715  -7.284  1.00 6.14   ? 607  SER C CA 1 
ATOM 517 C CA . ALA C 3 29  ? -19.997 -9.168  -10.772 1.00 4.40   ? 608  ALA C CA 1 
ATOM 518 C CA . LEU C 3 30  ? -16.572 -10.645 -9.983  1.00 4.54   ? 609  LEU C CA 1 
ATOM 519 C CA . ASP C 3 31  ? -16.446 -14.370 -9.216  1.00 16.29  ? 610  ASP C CA 1 
ATOM 520 C CA . PHE C 3 32  ? -14.152 -13.455 -6.328  1.00 12.29  ? 611  PHE C CA 1 
ATOM 521 C CA . VAL C 3 33  ? -12.146 -10.775 -4.554  1.00 4.46   ? 612  VAL C CA 1 
ATOM 522 C CA . LYS C 3 34  ? -8.855  -11.805 -2.951  1.00 4.43   ? 613  LYS C CA 1 
ATOM 523 C CA . LEU C 3 35  ? -7.626  -9.939  0.129   1.00 5.13   ? 614  LEU C CA 1 
ATOM 524 C CA . ASP C 3 36  ? -4.157  -9.939  1.699   1.00 9.70   ? 615  ASP C CA 1 
ATOM 525 C CA . PHE C 3 37  ? -3.426  -8.668  5.232   1.00 4.98   ? 616  PHE C CA 1 
ATOM 526 C CA . TYR C 3 38  ? 0.090   -8.170  6.564   1.00 11.98  ? 617  TYR C CA 1 
ATOM 527 C CA . GLU C 3 39  ? 0.938   -7.794  10.259  1.00 15.37  ? 618  GLU C CA 1 
ATOM 528 C CA . ARG C 3 40  ? -2.100  -5.575  10.935  1.00 11.52  ? 619  ARG C CA 1 
ATOM 529 C CA . ALA C 3 41  ? -5.775  -6.463  10.664  1.00 21.09  ? 620  ALA C CA 1 
ATOM 530 C CA . THR C 3 42  ? -6.671  -2.757  10.336  1.00 65.64  ? 621  THR C CA 1 
ATOM 531 C CA . PRO C 3 66  ? -4.619  -0.543  7.370   1.00 25.80  ? 645  PRO C CA 1 
ATOM 532 C CA . PRO C 3 67  ? -6.769  2.621   7.578   1.00 24.89  ? 646  PRO C CA 1 
ATOM 533 C CA . ARG C 3 68  ? -6.925  2.853   3.785   1.00 9.42   ? 647  ARG C CA 1 
ATOM 534 C CA . ALA C 3 69  ? -8.409  -0.645  3.541   1.00 27.48  ? 648  ALA C CA 1 
ATOM 535 C CA . VAL C 3 70  ? -10.984 0.288   6.160   1.00 10.48  ? 649  VAL C CA 1 
ATOM 536 C CA . SER C 3 71  ? -11.885 3.389   4.164   1.00 23.84  ? 650  SER C CA 1 
ATOM 537 C CA . LEU C 3 72  ? -11.912 1.403   0.913   1.00 15.04  ? 651  LEU C CA 1 
ATOM 538 C CA . PHE C 3 73  ? -14.441 -1.174  2.027   1.00 7.93   ? 652  PHE C CA 1 
ATOM 539 C CA . PHE C 3 74  ? -16.480 1.063   4.352   1.00 29.16  ? 653  PHE C CA 1 
ATOM 540 C CA . ASN C 3 75  ? -16.939 4.299   2.345   1.00 21.11  ? 654  ASN C CA 1 
ATOM 541 C CA . TRP C 3 76  ? -19.511 2.637   0.072   1.00 40.46  ? 655  TRP C CA 1 
ATOM 542 C CA . LYS C 3 77  ? -21.706 -0.416  0.725   1.00 47.81  ? 656  LYS C CA 1 
ATOM 543 C CA . GLN C 3 78  ? -20.228 -3.338  -1.197  1.00 31.66  ? 657  GLN C CA 1 
ATOM 544 C CA . GLU C 3 79  ? -21.522 -6.786  -2.110  1.00 35.78  ? 658  GLU C CA 1 
ATOM 545 C CA . PHE C 3 80  ? -19.129 -9.601  -3.084  1.00 7.32   ? 659  PHE C CA 1 
ATOM 546 C CA . LYS C 3 81  ? -19.854 -13.059 -4.527  1.00 4.61   ? 660  LYS C CA 1 
ATOM 547 C CA . THR C 3 82  ? -16.801 -14.417 -2.724  1.00 4.59   ? 661  THR C CA 1 
ATOM 548 C CA . LEU C 3 83  ? -14.038 -12.996 -0.537  1.00 18.10  ? 662  LEU C CA 1 
ATOM 549 C CA . GLU C 3 84  ? -10.809 -14.961 -0.314  1.00 13.65  ? 663  GLU C CA 1 
ATOM 550 C CA . VAL C 3 85  ? -8.630  -13.480 2.410   1.00 4.69   ? 664  VAL C CA 1 
ATOM 551 C CA . THR C 3 86  ? -5.309  -14.418 3.993   1.00 8.68   ? 665  THR C CA 1 
ATOM 552 C CA . LEU C 3 87  ? -4.268  -13.069 7.380   1.00 8.46   ? 666  LEU C CA 1 
ATOM 553 C CA . ARG C 3 88  ? -0.497  -12.966 7.575   1.00 22.81  ? 667  ARG C CA 1 
ATOM 554 C CA . ASP C 3 89  ? 1.675   -12.504 10.649  1.00 24.91  ? 668  ASP C CA 1 
ATOM 555 C CA . ILE C 3 90  ? -0.995  -10.825 12.694  1.00 5.78   ? 669  ILE C CA 1 
ATOM 556 C CA . ASN C 3 91  ? 0.073   -11.138 16.342  1.00 21.33  ? 670  ASN C CA 1 
ATOM 557 C CA . LYS C 3 92  ? -2.028  -8.234  17.582  1.00 9.80   ? 671  LYS C CA 1 
ATOM 558 C CA . LEU C 3 93  ? -5.794  -8.050  17.308  1.00 23.65  ? 672  LEU C CA 1 
ATOM 559 C CA . ASN C 3 94  ? -8.118  -5.600  19.061  1.00 12.52  ? 673  ASN C CA 1 
ATOM 560 C CA . LYS C 3 95  ? -11.771 -4.647  19.451  1.00 12.08  ? 674  LYS C CA 1 
ATOM 561 C CA . GLN C 3 96  ? -11.626 -2.465  16.342  1.00 39.12  ? 675  GLN C CA 1 
ATOM 562 C CA . ASP C 3 97  ? -9.680  -5.177  14.486  1.00 17.76  ? 676  ASP C CA 1 
ATOM 563 C CA . ILE C 3 98  ? -12.145 -7.968  15.375  1.00 8.92   ? 677  ILE C CA 1 
ATOM 564 C CA . LYS C 3 99  ? -15.156 -5.726  14.725  1.00 32.47  ? 678  LYS C CA 1 
ATOM 565 C CA . TYR C 3 100 ? -13.876 -4.528  11.358  1.00 40.70  ? 679  TYR C CA 1 
ATOM 566 C CA . LEU C 3 101 ? -12.713 -7.915  10.075  1.00 12.83  ? 680  LEU C CA 1 
ATOM 567 C CA . GLY C 3 102 ? -16.182 -9.065  11.063  1.00 43.70  ? 681  GLY C CA 1 
ATOM 568 C CA . LYS C 3 103 ? -17.595 -6.271  8.918   1.00 16.60  ? 682  LYS C CA 1 
ATOM 569 C CA . ILE C 3 104 ? -15.338 -7.082  5.946   1.00 30.56  ? 683  ILE C CA 1 
ATOM 570 C CA . PHE C 3 105 ? -16.027 -10.836 5.931   1.00 5.16   ? 684  PHE C CA 1 
ATOM 571 C CA . SER C 3 106 ? -19.769 -10.073 5.965   1.00 30.63  ? 685  SER C CA 1 
ATOM 572 C CA . SER C 3 107 ? -19.377 -8.215  2.708   1.00 28.67  ? 686  SER C CA 1 
ATOM 573 C CA . ALA C 3 108 ? -19.312 -11.512 0.829   1.00 18.80  ? 687  ALA C CA 1 
ATOM 574 C CA . THR C 3 109 ? -21.879 -14.302 0.567   1.00 4.92   ? 688  THR C CA 1 
ATOM 575 C CA . ASN C 3 110 ? -18.937 -16.702 0.469   1.00 37.59  ? 689  ASN C CA 1 
ATOM 576 C CA . LEU C 3 111 ? -15.721 -16.523 2.493   1.00 4.79   ? 690  LEU C CA 1 
ATOM 577 C CA . ARG C 3 112 ? -12.425 -18.396 2.224   1.00 6.79   ? 691  ARG C CA 1 
ATOM 578 C CA . LEU C 3 113 ? -9.992  -17.823 5.074   1.00 4.77   ? 692  LEU C CA 1 
ATOM 579 C CA . HIS C 3 114 ? -6.284  -18.546 5.340   1.00 5.05   ? 693  HIS C CA 1 
ATOM 580 C CA . ILE C 3 115 ? -4.692  -18.005 8.729   1.00 4.96   ? 694  ILE C CA 1 
ATOM 581 C CA . LYS C 3 116 ? -0.933  -17.906 8.347   1.00 4.79   ? 695  LYS C CA 1 
ATOM 582 C CA . ARG C 3 117 ? 1.444   -17.381 11.287  1.00 13.25  ? 696  ARG C CA 1 
ATOM 583 C CA . CYS C 3 118 ? -1.245  -15.553 13.277  1.00 13.10  ? 697  CYS C CA 1 
ATOM 584 C CA . ALA C 3 119 ? -0.714  -15.630 17.032  1.00 9.65   ? 698  ALA C CA 1 
ATOM 585 C CA . ALA C 3 120 ? -3.609  -13.210 17.552  1.00 13.71  ? 699  ALA C CA 1 
ATOM 586 C CA . MET C 3 121 ? -6.280  -15.859 16.921  1.00 32.46  ? 700  MET C CA 1 
ATOM 587 C CA . ALA C 3 122 ? -7.163  -17.401 20.313  1.00 25.27  ? 701  ALA C CA 1 
ATOM 588 C CA . GLY C 3 123 ? -10.793 -17.077 21.403  1.00 30.31  ? 702  GLY C CA 1 
ATOM 589 C CA . ARG C 3 124 ? -11.241 -14.719 18.530  1.00 30.80  ? 703  ARG C CA 1 
ATOM 590 C CA . LEU C 3 125 ? -12.136 -17.113 15.683  1.00 5.50   ? 704  LEU C CA 1 
ATOM 591 C CA . SER C 3 126 ? -15.764 -17.151 16.828  1.00 34.86  ? 705  SER C CA 1 
ATOM 592 C CA . SER C 3 127 ? -15.866 -13.365 17.229  1.00 18.61  ? 706  SER C CA 1 
ATOM 593 C CA . VAL C 3 128 ? -14.154 -12.560 13.920  1.00 10.88  ? 707  VAL C CA 1 
ATOM 594 C CA . LEU C 3 129 ? -16.427 -14.868 11.887  1.00 5.42   ? 708  LEU C CA 1 
ATOM 595 C CA . ARG C 3 130 ? -19.457 -13.535 13.784  1.00 18.85  ? 709  ARG C CA 1 
ATOM 596 C CA . THR C 3 131 ? -21.328 -12.644 10.593  1.00 39.17  ? 710  THR C CA 1 
ATOM 597 C CA . CYS C 3 132 ? -20.754 -15.337 7.962   1.00 42.60  ? 711  CYS C CA 1 
ATOM 598 C CA . LYS C 3 133 ? -23.359 -17.544 6.314   1.00 94.96  ? 712  LYS C CA 1 
ATOM 599 C CA . ASN C 3 134 ? -20.743 -19.458 4.356   1.00 59.15  ? 713  ASN C CA 1 
ATOM 600 C CA . MET C 3 135 ? -17.139 -20.250 5.001   1.00 13.18  ? 714  MET C CA 1 
ATOM 601 C CA . HIS C 3 136 ? -16.132 -22.303 1.969   1.00 41.59  ? 715  HIS C CA 1 
ATOM 602 C CA . THR C 3 137 ? -12.614 -23.159 3.084   1.00 4.60   ? 716  THR C CA 1 
ATOM 603 C CA . LEU C 3 138 ? -10.569 -22.771 6.242   1.00 4.75   ? 717  LEU C CA 1 
ATOM 604 C CA . MET C 3 139 ? -6.781  -22.831 6.416   1.00 4.68   ? 718  MET C CA 1 
ATOM 605 C CA . VAL C 3 140 ? -4.852  -22.481 9.664   1.00 4.84   ? 719  VAL C CA 1 
ATOM 606 C CA . GLU C 3 141 ? -1.070  -22.572 9.412   1.00 8.34   ? 720  GLU C CA 1 
ATOM 607 C CA . ALA C 3 142 ? 1.494   -22.389 12.222  1.00 15.85  ? 721  ALA C CA 1 
ATOM 608 C CA . SER C 3 143 ? -1.033  -20.499 14.336  1.00 5.73   ? 722  SER C CA 1 
ATOM 609 C CA . PRO C 3 144 ? -2.251  -21.492 17.771  1.00 6.93   ? 723  PRO C CA 1 
ATOM 610 C CA . LEU C 3 145 ? -5.872  -22.483 18.337  1.00 16.42  ? 724  LEU C CA 1 
ATOM 611 C CA . THR C 3 146 ? -7.852  -22.789 21.559  1.00 39.15  ? 725  THR C CA 1 
ATOM 612 C CA . THR C 3 147 ? -10.415 -25.536 22.096  1.00 28.60  ? 726  THR C CA 1 
ATOM 613 C CA . ASP C 3 148 ? -13.030 -22.814 21.563  1.00 35.59  ? 727  ASP C CA 1 
ATOM 614 C CA . ASP C 3 149 ? -11.785 -22.327 18.007  1.00 18.43  ? 728  ASP C CA 1 
ATOM 615 C CA . GLU C 3 150 ? -11.743 -26.044 17.217  1.00 5.39   ? 729  GLU C CA 1 
ATOM 616 C CA . GLN C 3 151 ? -15.273 -26.300 18.545  1.00 5.55   ? 730  GLN C CA 1 
ATOM 617 C CA . TYR C 3 152 ? -16.323 -23.403 16.321  1.00 9.74   ? 731  TYR C CA 1 
ATOM 618 C CA . ILE C 3 153 ? -14.632 -24.938 13.260  1.00 5.22   ? 732  ILE C CA 1 
ATOM 619 C CA . THR C 3 154 ? -16.623 -28.161 13.510  1.00 5.22   ? 733  THR C CA 1 
ATOM 620 C CA . SER C 3 155 ? -19.735 -26.069 14.119  1.00 14.11  ? 734  SER C CA 1 
ATOM 621 C CA . VAL C 3 156 ? -19.853 -24.764 10.548  1.00 17.70  ? 735  VAL C CA 1 
ATOM 622 C CA . THR C 3 157 ? -21.128 -27.698 8.514   1.00 18.95  ? 736  THR C CA 1 
ATOM 623 C CA . GLY C 3 158 ? -21.021 -26.007 5.109   1.00 8.96   ? 737  GLY C CA 1 
ATOM 624 C CA . LEU C 3 159 ? -17.235 -26.267 5.017   1.00 7.19   ? 738  LEU C CA 1 
ATOM 625 C CA . GLN C 3 160 ? -16.020 -28.072 1.891   1.00 19.99  ? 739  GLN C CA 1 
ATOM 626 C CA . ASN C 3 161 ? -12.300 -27.621 2.616   1.00 12.62  ? 740  ASN C CA 1 
ATOM 627 C CA . LEU C 3 162 ? -10.305 -27.758 5.853   1.00 4.62   ? 741  LEU C CA 1 
ATOM 628 C CA . SER C 3 163 ? -6.529  -27.627 6.308   1.00 13.11  ? 742  SER C CA 1 
ATOM 629 C CA . ILE C 3 164 ? -4.636  -27.105 9.575   1.00 5.35   ? 743  ILE C CA 1 
ATOM 630 C CA . HIS C 3 165 ? -0.825  -27.212 9.762   1.00 27.76  ? 744  HIS C CA 1 
ATOM 631 C CA . ARG C 3 166 ? 0.294   -26.796 13.373  1.00 16.77  ? 745  ARG C CA 1 
ATOM 632 C CA . LEU C 3 167 ? -1.633  -27.619 16.583  1.00 8.95   ? 746  LEU C CA 1 
ATOM 633 C CA . HIS C 3 168 ? 0.517   -28.875 19.518  1.00 15.29  ? 747  HIS C CA 1 
ATOM 634 C CA . THR C 3 169 ? -2.488  -28.487 21.838  1.00 8.58   ? 748  THR C CA 1 
ATOM 635 C CA . GLN C 3 170 ? -3.966  -31.629 23.397  1.00 45.26  ? 749  GLN C CA 1 
ATOM 636 C CA . GLN C 3 171 ? -7.205  -32.939 21.862  1.00 17.65  ? 750  GLN C CA 1 
ATOM 637 C CA . LEU C 3 172 ? -10.249 -33.160 24.143  1.00 5.69   ? 751  LEU C CA 1 
ATOM 638 C CA . PRO C 3 173 ? -13.981 -34.223 23.773  1.00 11.30  ? 752  PRO C CA 1 
ATOM 639 C CA . GLY C 3 174 ? -15.361 -31.103 22.086  1.00 24.61  ? 753  GLY C CA 1 
ATOM 640 C CA . GLY C 3 175 ? -12.360 -30.651 19.867  1.00 16.51  ? 754  GLY C CA 1 
ATOM 641 C CA . LEU C 3 176 ? -11.319 -30.813 16.242  1.00 17.45  ? 755  LEU C CA 1 
ATOM 642 C CA . ILE C 3 177 ? -10.718 -34.566 16.075  1.00 6.57   ? 756  ILE C CA 1 
ATOM 643 C CA . ASP C 3 178 ? -13.420 -35.868 18.455  1.00 48.40  ? 757  ASP C CA 1 
ATOM 644 C CA . SER C 3 179 ? -16.142 -34.368 16.328  1.00 48.00  ? 758  SER C CA 1 
ATOM 645 C CA . LEU C 3 180 ? -14.737 -34.118 12.833  1.00 39.49  ? 759  LEU C CA 1 
ATOM 646 C CA . GLY C 3 181 ? -17.796 -35.913 11.527  1.00 27.88  ? 760  GLY C CA 1 
ATOM 647 C CA . ASN C 3 182 ? -19.963 -32.830 11.824  1.00 11.68  ? 761  ASN C CA 1 
ATOM 648 C CA . LEU C 3 183 ? -18.680 -31.439 8.539   1.00 22.39  ? 762  LEU C CA 1 
ATOM 649 C CA . LYS C 3 184 ? -20.287 -33.773 6.034   1.00 33.97  ? 763  LYS C CA 1 
ATOM 650 C CA . ASN C 3 185 ? -19.689 -31.433 3.142   1.00 22.34  ? 764  ASN C CA 1 
ATOM 651 C CA . LEU C 3 186 ? -15.920 -31.620 3.489   1.00 10.80  ? 765  LEU C CA 1 
ATOM 652 C CA . GLU C 3 187 ? -14.415 -32.550 0.132   1.00 20.73  ? 766  GLU C CA 1 
ATOM 653 C CA . ARG C 3 188 ? -10.811 -31.890 1.193   1.00 12.18  ? 767  ARG C CA 1 
ATOM 654 C CA . LEU C 3 189 ? -9.132  -32.496 4.536   1.00 4.45   ? 768  LEU C CA 1 
ATOM 655 C CA . ILE C 3 190 ? -5.518  -31.777 5.439   1.00 4.45   ? 769  ILE C CA 1 
ATOM 656 C CA . LEU C 3 191 ? -4.184  -32.431 8.927   1.00 4.63   ? 770  LEU C CA 1 
ATOM 657 C CA . ASP C 3 192 ? -0.483  -31.752 9.381   1.00 13.19  ? 771  ASP C CA 1 
ATOM 658 C CA . ASP C 3 193 ? 1.529   -31.855 12.606  1.00 14.11  ? 772  ASP C CA 1 
ATOM 659 C CA . ILE C 3 194 ? -1.575  -32.364 14.720  1.00 4.95   ? 773  ILE C CA 1 
ATOM 660 C CA . ARG C 3 195 ? -0.752  -33.416 18.253  1.00 13.90  ? 774  ARG C CA 1 
ATOM 661 C CA . MET C 3 196 ? -2.613  -36.677 18.841  1.00 11.11  ? 775  MET C CA 1 
ATOM 662 C CA . ASN C 3 197 ? -2.513  -40.085 20.473  1.00 20.61  ? 776  ASN C CA 1 
ATOM 663 C CA . GLU C 3 198 ? -3.965  -43.503 19.649  1.00 29.42  ? 777  GLU C CA 1 
ATOM 664 C CA . GLU C 3 199 ? -7.427  -42.676 20.941  1.00 39.80  ? 778  GLU C CA 1 
ATOM 665 C CA . ASP C 3 200 ? -7.407  -39.444 18.955  1.00 10.88  ? 779  ASP C CA 1 
ATOM 666 C CA . ALA C 3 201 ? -6.426  -41.373 15.833  1.00 6.25   ? 780  ALA C CA 1 
ATOM 667 C CA . LYS C 3 202 ? -9.304  -43.820 16.318  1.00 14.97  ? 781  LYS C CA 1 
ATOM 668 C CA . ASN C 3 203 ? -11.711 -40.910 16.857  1.00 15.65  ? 782  ASN C CA 1 
ATOM 669 C CA . LEU C 3 204 ? -10.311 -39.444 13.642  1.00 7.54   ? 783  LEU C CA 1 
ATOM 670 C CA . ALA C 3 205 ? -11.065 -42.653 11.737  1.00 18.12  ? 784  ALA C CA 1 
ATOM 671 C CA . GLU C 3 206 ? -14.525 -42.872 13.289  1.00 20.59  ? 785  GLU C CA 1 
ATOM 672 C CA . GLY C 3 207 ? -15.057 -39.326 12.061  1.00 14.64  ? 786  GLY C CA 1 
ATOM 673 C CA . LEU C 3 208 ? -13.717 -40.109 8.593   1.00 11.89  ? 787  LEU C CA 1 
ATOM 674 C CA . ARG C 3 209 ? -16.400 -42.788 8.245   1.00 26.84  ? 788  ARG C CA 1 
ATOM 675 C CA . SER C 3 210 ? -19.037 -40.040 8.334   1.00 29.34  ? 789  SER C CA 1 
ATOM 676 C CA . LEU C 3 211 ? -17.538 -37.979 5.511   1.00 39.42  ? 790  LEU C CA 1 
ATOM 677 C CA . LYS C 3 212 ? -18.723 -39.417 2.208   1.00 30.73  ? 791  LYS C CA 1 
ATOM 678 C CA . LYS C 3 213 ? -17.684 -36.406 0.144   1.00 16.04  ? 792  LYS C CA 1 
ATOM 679 C CA . MET C 3 214 ? -13.901 -36.443 0.530   1.00 11.70  ? 793  MET C CA 1 
ATOM 680 C CA . ARG C 3 215 ? -11.944 -36.186 -2.711  1.00 19.54  ? 794  ARG C CA 1 
ATOM 681 C CA . LEU C 3 216 ? -8.746  -35.203 -0.872  1.00 4.44   ? 795  LEU C CA 1 
ATOM 682 C CA . LEU C 3 217 ? -7.054  -36.483 2.270   1.00 4.24   ? 796  LEU C CA 1 
ATOM 683 C CA . HIS C 3 218 ? -3.682  -35.572 3.726   1.00 4.28   ? 797  HIS C CA 1 
ATOM 684 C CA . LEU C 3 219 ? -2.738  -36.893 7.133   1.00 4.45   ? 798  LEU C CA 1 
ATOM 685 C CA . THR C 3 220 ? 0.897   -35.940 7.477   1.00 4.43   ? 799  THR C CA 1 
ATOM 686 C CA . HIS C 3 221 ? 3.679   -35.740 10.041  1.00 4.55   ? 800  HIS C CA 1 
ATOM 687 C CA . LEU C 3 222 ? 1.539   -37.456 12.688  1.00 12.55  ? 801  LEU C CA 1 
ATOM 688 C CA . SER C 3 223 ? 3.575   -38.740 15.638  1.00 24.33  ? 802  SER C CA 1 
ATOM 689 C CA . ASP C 3 224 ? 2.892   -40.948 18.663  1.00 33.43  ? 803  ASP C CA 1 
ATOM 690 C CA . ILE C 3 225 ? -0.445  -42.195 17.320  1.00 9.51   ? 804  ILE C CA 1 
ATOM 691 C CA . GLY C 3 226 ? 0.340   -45.831 18.074  1.00 22.81  ? 805  GLY C CA 1 
ATOM 692 C CA . GLU C 3 227 ? -1.295  -48.530 15.938  1.00 39.78  ? 806  GLU C CA 1 
ATOM 693 C CA . GLY C 3 228 ? -4.292  -46.288 15.181  1.00 18.47  ? 807  GLY C CA 1 
ATOM 694 C CA . MET C 3 229 ? -3.513  -45.956 11.459  1.00 30.23  ? 808  MET C CA 1 
ATOM 695 C CA . ASP C 3 230 ? -4.903  -49.454 10.820  1.00 34.25  ? 809  ASP C CA 1 
ATOM 696 C CA . TYR C 3 231 ? -8.215  -48.031 12.001  1.00 23.07  ? 810  TYR C CA 1 
ATOM 697 C CA . ILE C 3 232 ? -7.853  -44.903 9.868   1.00 5.77   ? 811  ILE C CA 1 
ATOM 698 C CA . VAL C 3 233 ? -6.944  -46.773 6.676   1.00 35.21  ? 812  VAL C CA 1 
ATOM 699 C CA . LYS C 3 234 ? -9.820  -49.170 7.342   1.00 12.63  ? 813  LYS C CA 1 
ATOM 700 C CA . SER C 3 235 ? -12.235 -46.221 7.522   1.00 11.43  ? 814  SER C CA 1 
ATOM 701 C CA . LEU C 3 236 ? -10.855 -44.800 4.302   1.00 32.84  ? 815  LEU C CA 1 
ATOM 702 C CA . SER C 3 237 ? -11.030 -48.065 2.442   1.00 34.53  ? 816  SER C CA 1 
ATOM 703 C CA . GLU C 3 238 ? -13.930 -49.863 4.205   1.00 29.21  ? 817  GLU C CA 1 
ATOM 704 C CA . GLU C 3 239 ? -16.430 -49.111 1.457   1.00 53.07  ? 818  GLU C CA 1 
ATOM 705 C CA . SER C 3 240 ? -16.277 -47.832 -2.113  1.00 26.28  ? 819  SER C CA 1 
ATOM 706 C CA . CYS C 3 241 ? -15.108 -44.227 -2.201  1.00 50.88  ? 820  CYS C CA 1 
ATOM 707 C CA . ASP C 3 242 ? -14.695 -41.400 -4.697  1.00 63.29  ? 821  ASP C CA 1 
ATOM 708 C CA . LEU C 3 243 ? -11.337 -40.569 -3.062  1.00 19.60  ? 822  LEU C CA 1 
ATOM 709 C CA . GLN C 3 244 ? -8.809  -39.035 -5.448  1.00 3.85   ? 823  GLN C CA 1 
ATOM 710 C CA . GLU C 3 245 ? -5.800  -37.804 -3.438  1.00 27.29  ? 824  GLU C CA 1 
ATOM 711 C CA . MET C 3 246 ? -4.399  -39.723 -0.512  1.00 12.47  ? 825  MET C CA 1 
ATOM 712 C CA . LYS C 3 247 ? -1.223  -38.557 1.254   1.00 4.08   ? 826  LYS C CA 1 
ATOM 713 C CA . LEU C 3 248 ? -0.406  -40.586 4.367   1.00 12.80  ? 827  LEU C CA 1 
ATOM 714 C CA . VAL C 3 249 ? 3.226   -39.421 4.464   1.00 12.00  ? 828  VAL C CA 1 
ATOM 715 C CA . ALA C 3 250 ? 5.322   -39.338 7.654   1.00 4.37   ? 829  ALA C CA 1 
ATOM 716 C CA . CYS C 3 251 ? 2.440   -40.313 9.944   1.00 16.25  ? 830  CYS C CA 1 
ATOM 717 C CA . CYS C 3 252 ? 2.869   -43.664 11.629  1.00 23.32  ? 831  CYS C CA 1 
ATOM 718 C CA . LEU C 3 253 ? 2.011   -46.162 8.912   1.00 17.22  ? 832  LEU C CA 1 
ATOM 719 C CA . THR C 3 254 ? 2.295   -49.857 9.657   1.00 9.68   ? 833  THR C CA 1 
ATOM 720 C CA . ALA C 3 255 ? 2.602   -52.892 7.402   1.00 48.56  ? 834  ALA C CA 1 
ATOM 721 C CA . ASN C 3 256 ? -0.926  -53.837 8.443   1.00 36.70  ? 835  ASN C CA 1 
ATOM 722 C CA . SER C 3 257 ? -2.283  -50.506 7.246   1.00 34.14  ? 836  SER C CA 1 
ATOM 723 C CA . VAL C 3 258 ? -0.565  -51.029 3.888   1.00 25.65  ? 837  VAL C CA 1 
ATOM 724 C CA . LYS C 3 259 ? -1.907  -54.595 3.778   1.00 24.97  ? 838  LYS C CA 1 
ATOM 725 C CA . VAL C 3 260 ? -5.404  -53.268 4.424   1.00 4.29   ? 839  VAL C CA 1 
ATOM 726 C CA . LEU C 3 261 ? -4.868  -50.489 1.879   1.00 24.77  ? 840  LEU C CA 1 
ATOM 727 C CA . ALA C 3 262 ? -4.038  -53.137 -0.716  1.00 68.99  ? 841  ALA C CA 1 
ATOM 728 C CA . GLN C 3 263 ? -6.917  -55.385 0.307   1.00 25.96  ? 842  GLN C CA 1 
ATOM 729 C CA . ASN C 3 264 ? -9.580  -52.689 0.105   1.00 29.58  ? 843  ASN C CA 1 
ATOM 730 C CA . LEU C 3 265 ? -7.916  -50.743 -2.724  1.00 13.03  ? 844  LEU C CA 1 
ATOM 731 C CA . HIS C 3 266 ? -10.693 -51.779 -5.112  1.00 33.46  ? 845  HIS C CA 1 
ATOM 732 C CA . ASN C 3 267 ? -13.014 -49.582 -3.065  1.00 27.84  ? 846  ASN C CA 1 
ATOM 733 C CA . LEU C 3 268 ? -11.083 -46.473 -4.031  1.00 26.96  ? 847  LEU C CA 1 
ATOM 734 C CA . ILE C 3 269 ? -10.801 -46.691 -7.824  1.00 42.72  ? 848  ILE C CA 1 
ATOM 735 C CA . LYS C 3 270 ? -10.779 -42.948 -8.518  1.00 32.40  ? 849  LYS C CA 1 
ATOM 736 C CA . LEU C 3 271 ? -7.465  -42.280 -6.812  1.00 36.95  ? 850  LEU C CA 1 
ATOM 737 C CA . SER C 3 272 ? -5.111  -40.469 -9.183  1.00 31.72  ? 851  SER C CA 1 
ATOM 738 C CA . ILE C 3 273 ? -2.664  -39.693 -6.371  1.00 3.70   ? 852  ILE C CA 1 
ATOM 739 C CA . LEU C 3 274 ? -1.093  -42.005 -3.801  1.00 12.60  ? 853  LEU C CA 1 
ATOM 740 C CA . ASP C 3 275 ? 1.652   -40.757 -1.511  1.00 3.89   ? 854  ASP C CA 1 
ATOM 741 C CA . ILE C 3 276 ? 2.492   -43.143 1.336   1.00 11.16  ? 855  ILE C CA 1 
ATOM 742 C CA . SER C 3 277 ? 6.185   -42.090 1.264   1.00 19.24  ? 856  SER C CA 1 
ATOM 743 C CA . GLU C 3 278 ? 8.375   -41.157 4.282   1.00 30.32  ? 857  GLU C CA 1 
ATOM 744 C CA . ASN C 3 279 ? 7.029   -44.265 6.016   1.00 7.95   ? 858  ASN C CA 1 
ATOM 745 C CA . TYR C 3 280 ? 9.083   -47.194 7.326   1.00 4.31   ? 859  TYR C CA 1 
ATOM 746 C CA . LEU C 3 281 ? 7.364   -50.585 7.381   1.00 6.75   ? 860  LEU C CA 1 
ATOM 747 C CA . GLU C 3 282 ? 8.870   -52.701 10.172  1.00 20.46  ? 861  GLU C CA 1 
ATOM 748 C CA . LYS C 3 283 ? 7.416   -56.189 10.299  1.00 28.38  ? 862  LYS C CA 1 
ATOM 749 C CA . ASP C 3 284 ? 6.049   -58.054 7.262   1.00 35.75  ? 863  ASP C CA 1 
ATOM 750 C CA . GLY C 3 285 ? 6.783   -54.794 5.423   1.00 25.75  ? 864  GLY C CA 1 
ATOM 751 C CA . ASN C 3 286 ? 7.976   -56.042 2.045   1.00 25.15  ? 865  ASN C CA 1 
ATOM 752 C CA . GLU C 3 287 ? 5.108   -58.537 2.029   1.00 23.48  ? 866  GLU C CA 1 
ATOM 753 C CA . ALA C 3 288 ? 2.566   -55.784 2.491   1.00 4.21   ? 867  ALA C CA 1 
ATOM 754 C CA . LEU C 3 289 ? 4.223   -53.548 -0.087  1.00 14.94  ? 868  LEU C CA 1 
ATOM 755 C CA . GLN C 3 290 ? 4.308   -56.368 -2.681  1.00 45.31  ? 869  GLN C CA 1 
ATOM 756 C CA . GLU C 3 291 ? 0.675   -57.081 -1.836  1.00 18.61  ? 870  GLU C CA 1 
ATOM 757 C CA . LEU C 3 292 ? -0.050  -53.438 -2.578  1.00 22.18  ? 871  LEU C CA 1 
ATOM 758 C CA . ILE C 3 293 ? 1.999   -53.516 -5.779  1.00 43.98  ? 872  ILE C CA 1 
ATOM 759 C CA . GLY C 3 294 ? -0.100  -56.392 -7.060  1.00 33.63  ? 873  GLY C CA 1 
ATOM 760 C CA . ARG C 3 295 ? -3.278  -54.336 -6.742  1.00 20.50  ? 874  ARG C CA 1 
ATOM 761 C CA . LEU C 3 296 ? -2.042  -51.215 -8.597  1.00 30.94  ? 875  LEU C CA 1 
ATOM 762 C CA . GLY C 3 297 ? -3.845  -52.273 -11.788 1.00 39.67  ? 876  GLY C CA 1 
ATOM 763 C CA . VAL C 3 298 ? -7.102  -51.454 -10.024 1.00 13.89  ? 877  VAL C CA 1 
ATOM 764 C CA . LEU C 3 299 ? -6.183  -47.773 -10.177 1.00 33.56  ? 878  LEU C CA 1 
ATOM 765 C CA . GLY C 3 300 ? -6.858  -46.593 -13.715 1.00 37.24  ? 879  GLY C CA 1 
ATOM 766 C CA . GLU C 3 301 ? -6.233  -42.886 -13.236 1.00 53.69  ? 880  GLU C CA 1 
ATOM 767 C CA . LEU C 3 302 ? -3.145  -43.092 -11.065 1.00 30.74  ? 881  LEU C CA 1 
ATOM 768 C CA . THR C 3 303 ? -0.754  -40.348 -12.171 1.00 20.60  ? 882  THR C CA 1 
ATOM 769 C CA . THR C 3 304 ? 1.191   -40.182 -8.902  1.00 14.88  ? 883  THR C CA 1 
ATOM 770 C CA . LEU C 3 305 ? 2.845   -42.996 -6.962  1.00 4.06   ? 884  LEU C CA 1 
ATOM 771 C CA . MET C 3 306 ? 5.088   -42.589 -3.915  1.00 3.73   ? 885  MET C CA 1 
ATOM 772 C CA . LEU C 3 307 ? 5.993   -45.746 -2.033  1.00 11.01  ? 886  LEU C CA 1 
ATOM 773 C CA . PRO C 3 308 ? 7.044   -46.293 1.563   1.00 6.80   ? 887  PRO C CA 1 
ATOM 774 C CA . TRP C 3 309 ? 10.221  -48.235 2.314   1.00 8.38   ? 888  TRP C CA 1 
ATOM 775 C CA . CYS C 3 310 ? 11.908  -50.875 4.425   1.00 19.79  ? 889  CYS C CA 1 
ATOM 776 C CA . TRP C 3 311 ? 15.257  -52.611 4.161   1.00 24.76  ? 890  TRP C CA 1 
ATOM 777 C CA . ASP C 3 312 ? 14.950  -55.165 1.268   1.00 39.92  ? 891  ASP C CA 1 
ATOM 778 C CA . VAL C 3 313 ? 12.174  -53.450 -0.766  1.00 8.76   ? 892  VAL C CA 1 
ATOM 779 C CA . HIS C 3 314 ? 14.271  -53.250 -3.931  1.00 22.84  ? 893  HIS C CA 1 
ATOM 780 C CA . THR C 3 315 ? 13.827  -56.962 -4.706  1.00 25.86  ? 894  THR C CA 1 
ATOM 781 C CA . SER C 3 316 ? 10.219  -55.990 -5.403  1.00 19.90  ? 895  SER C CA 1 
ATOM 782 C CA . LEU C 3 317 ? 11.154  -53.332 -7.987  1.00 3.56   ? 896  LEU C CA 1 
ATOM 783 C CA . PRO C 3 318 ? 10.708  -55.744 -10.931 1.00 49.13  ? 897  PRO C CA 1 
ATOM 784 C CA . LYS C 3 319 ? 7.233   -56.424 -9.527  1.00 21.40  ? 898  LYS C CA 1 
ATOM 785 C CA . LEU C 3 320 ? 6.472   -52.697 -9.432  1.00 6.22   ? 899  LEU C CA 1 
ATOM 786 C CA . LEU C 3 321 ? 7.829   -52.004 -12.931 1.00 10.83  ? 900  LEU C CA 1 
ATOM 787 C CA . LYS C 3 322 ? 5.594   -54.681 -14.460 1.00 29.22  ? 901  LYS C CA 1 
ATOM 788 C CA . GLN C 3 323 ? 2.596   -53.006 -12.849 1.00 28.56  ? 902  GLN C CA 1 
ATOM 789 C CA . LEU C 3 324 ? 3.944   -49.682 -14.105 1.00 47.40  ? 903  LEU C CA 1 
ATOM 790 C CA . GLU C 3 325 ? 3.755   -51.127 -17.606 1.00 57.71  ? 904  GLU C CA 1 
ATOM 791 C CA . GLY C 3 326 ? -0.005  -50.690 -17.318 1.00 46.39  ? 905  GLY C CA 1 
ATOM 792 C CA . THR C 3 327 ? 0.390   -47.135 -16.045 1.00 50.88  ? 906  THR C CA 1 
ATOM 793 C CA . PRO C 3 328 ? 1.990   -45.169 -18.938 1.00 29.80  ? 907  PRO C CA 1 
ATOM 794 C CA . GLY C 3 329 ? 0.378   -41.872 -17.918 1.00 27.67  ? 908  GLY C CA 1 
ATOM 795 C CA . LEU C 3 330 ? 2.298   -41.765 -14.646 1.00 33.61  ? 909  LEU C CA 1 
ATOM 796 C CA . ALA C 3 331 ? 3.252   -38.149 -13.854 1.00 26.97  ? 910  ALA C CA 1 
ATOM 797 C CA . LYS C 3 332 ? 5.037   -38.513 -10.514 1.00 22.31  ? 911  LYS C CA 1 
ATOM 798 C CA . LEU C 3 333 ? 7.100   -41.468 -9.372  1.00 4.74   ? 912  LEU C CA 1 
ATOM 799 C CA . GLY C 3 334 ? 9.132   -42.035 -6.291  1.00 10.87  ? 913  GLY C CA 1 
ATOM 800 C CA . LEU C 3 335 ? 10.680  -44.744 -4.237  1.00 14.83  ? 914  LEU C CA 1 
ATOM 801 C CA . LYS C 3 336 ? 12.190  -43.105 -1.187  1.00 17.56  ? 915  LYS C CA 1 
ATOM 802 C CA . ASN C 3 337 ? 14.847  -45.048 0.636   1.00 12.38  ? 916  ASN C CA 1 
ATOM 803 C CA . TRP C 3 338 ? 14.208  -48.084 -1.496  1.00 35.13  ? 917  TRP C CA 1 
ATOM 804 C CA . ARG C 3 339 ? 17.877  -48.766 -1.483  1.00 27.66  ? 918  ARG C CA 1 
ATOM 805 C CA . LEU C 3 340 ? 18.080  -49.588 -5.151  1.00 10.32  ? 919  LEU C CA 1 
ATOM 806 C CA . ARG C 3 341 ? 21.110  -51.160 -6.772  1.00 39.36  ? 920  ARG C CA 1 
ATOM 807 C CA . ASP C 3 342 ? 22.468  -51.189 -10.308 1.00 31.47  ? 921  ASP C CA 1 
ATOM 808 C CA . GLU C 3 343 ? 20.314  -54.215 -11.057 1.00 33.93  ? 922  GLU C CA 1 
ATOM 809 C CA . GLU C 3 344 ? 17.278  -52.116 -10.148 1.00 31.99  ? 923  GLU C CA 1 
ATOM 810 C CA . ILE C 3 345 ? 18.434  -48.953 -11.965 1.00 13.53  ? 924  ILE C CA 1 
ATOM 811 C CA . LYS C 3 346 ? 19.164  -51.087 -15.040 1.00 49.51  ? 925  LYS C CA 1 
ATOM 812 C CA . SER C 3 347 ? 15.791  -52.834 -14.750 1.00 9.88   ? 926  SER C CA 1 
ATOM 813 C CA . LEU C 3 348 ? 14.189  -49.420 -14.520 1.00 27.43  ? 927  LEU C CA 1 
ATOM 814 C CA . GLY C 3 349 ? 16.243  -48.329 -17.539 1.00 70.99  ? 928  GLY C CA 1 
ATOM 815 C CA . GLU C 3 350 ? 14.956  -51.211 -19.659 1.00 83.15  ? 929  GLU C CA 1 
ATOM 816 C CA . PHE C 3 351 ? 11.492  -50.384 -18.396 1.00 42.36  ? 930  PHE C CA 1 
ATOM 817 C CA . LEU C 3 352 ? 11.976  -46.715 -19.187 1.00 55.30  ? 931  LEU C CA 1 
ATOM 818 C CA . GLU C 3 353 ? 12.953  -47.279 -22.809 1.00 71.26  ? 932  GLU C CA 1 
ATOM 819 C CA . MET C 3 354 ? 10.583  -50.170 -23.563 1.00 55.24  ? 933  MET C CA 1 
ATOM 820 C CA . ASN C 3 355 ? 7.536   -49.115 -21.533 1.00 81.81  ? 934  ASN C CA 1 
ATOM 821 C CA . PRO C 3 356 ? 8.326   -45.476 -21.384 1.00 61.28  ? 935  PRO C CA 1 
ATOM 822 C CA . LEU C 3 357 ? 6.959   -42.870 -19.009 1.00 49.91  ? 936  LEU C CA 1 
ATOM 823 C CA . ARG C 3 358 ? 6.184   -39.986 -21.334 1.00 56.32  ? 937  ARG C CA 1 
ATOM 824 C CA . ASP C 3 359 ? 4.141   -37.913 -18.896 1.00 74.79  ? 938  ASP C CA 1 
ATOM 825 C CA . LEU C 3 360 ? 6.470   -38.432 -15.942 1.00 34.10  ? 939  LEU C CA 1 
ATOM 826 C CA . GLN C 3 361 ? 7.111   -35.004 -14.417 1.00 37.27  ? 940  GLN C CA 1 
ATOM 827 C CA . GLN C 3 362 ? 9.274   -35.870 -11.433 1.00 16.98  ? 941  GLN C CA 1 
ATOM 828 C CA . LEU C 3 363 ? 11.391  -38.745 -10.233 1.00 41.97  ? 942  LEU C CA 1 
ATOM 829 C CA . ASP C 3 364 ? 12.374  -39.342 -6.643  1.00 10.96  ? 943  ASP C CA 1 
ATOM 830 C CA . LEU C 3 365 ? 15.076  -41.864 -5.997  1.00 20.77  ? 944  LEU C CA 1 
ATOM 831 C CA . ALA C 3 366 ? 16.304  -40.959 -2.530  1.00 29.63  ? 945  ALA C CA 1 
ATOM 832 C CA . GLY C 3 367 ? 18.928  -42.858 -0.585  1.00 35.49  ? 946  GLY C CA 1 
ATOM 833 C CA . HIS C 3 368 ? 19.829  -45.606 -2.943  1.00 41.71  ? 947  HIS C CA 1 
ATOM 834 C CA . CYS C 3 369 ? 22.929  -47.662 -3.434  1.00 44.56  ? 948  CYS C CA 1 
ATOM 835 C CA . VAL C 3 370 ? 23.763  -46.893 -7.039  1.00 21.56  ? 949  VAL C CA 1 
ATOM 836 C CA . SER C 3 371 ? 27.349  -47.245 -8.200  1.00 55.52  ? 950  SER C CA 1 
ATOM 837 C CA . SER C 3 372 ? 29.021  -44.539 -10.270 1.00 54.04  ? 951  SER C CA 1 
ATOM 838 C CA . ASP C 3 373 ? 28.829  -46.881 -13.281 1.00 67.41  ? 952  ASP C CA 1 
ATOM 839 C CA . GLY C 3 374 ? 25.093  -47.378 -12.763 1.00 55.10  ? 953  GLY C CA 1 
ATOM 840 C CA . TRP C 3 375 ? 24.098  -43.714 -12.935 1.00 41.63  ? 954  TRP C CA 1 
ATOM 841 C CA . LEU C 3 376 ? 26.309  -43.361 -16.007 1.00 57.28  ? 955  LEU C CA 1 
ATOM 842 C CA . TYR C 3 377 ? 24.479  -46.205 -17.720 1.00 54.28  ? 956  TYR C CA 1 
ATOM 843 C CA . PHE C 3 378 ? 21.239  -44.701 -16.516 1.00 56.38  ? 957  PHE C CA 1 
ATOM 844 C CA . MET C 3 379 ? 21.930  -41.338 -18.175 1.00 42.23  ? 958  MET C CA 1 
ATOM 845 C CA . ASN C 3 380 ? 21.295  -42.734 -21.653 1.00 87.08  ? 959  ASN C CA 1 
ATOM 846 C CA . VAL C 3 381 ? 17.666  -43.658 -20.949 1.00 60.07  ? 960  VAL C CA 1 
ATOM 847 C CA . PHE C 3 382 ? 17.371  -40.825 -18.409 1.00 55.90  ? 961  PHE C CA 1 
ATOM 848 C CA . GLU C 3 383 ? 17.950  -38.505 -21.331 1.00 68.13  ? 962  GLU C CA 1 
ATOM 849 C CA . ASN C 3 384 ? 14.570  -39.343 -22.888 1.00 37.51  ? 963  ASN C CA 1 
ATOM 850 C CA . LEU C 3 385 ? 12.227  -38.208 -20.128 1.00 33.21  ? 964  LEU C CA 1 
ATOM 851 C CA . LYS C 3 386 ? 11.908  -34.675 -21.415 1.00 58.28  ? 965  LYS C CA 1 
ATOM 852 C CA . GLN C 3 387 ? 9.016   -33.528 -19.276 1.00 36.91  ? 966  GLN C CA 1 
ATOM 853 C CA . LEU C 3 388 ? 10.960  -34.012 -16.081 1.00 59.57  ? 967  LEU C CA 1 
ATOM 854 C CA . VAL C 3 389 ? 10.572  -30.948 -13.871 1.00 83.14  ? 968  VAL C CA 1 
ATOM 855 C CA . PHE C 3 390 ? 12.073  -32.289 -10.632 1.00 47.47  ? 969  PHE C CA 1 
ATOM 856 C CA . PHE C 3 391 ? 14.395  -35.145 -9.781  1.00 26.39  ? 970  PHE C CA 1 
ATOM 857 C CA . ASP C 3 392 ? 15.919  -36.132 -6.461  1.00 38.20  ? 971  ASP C CA 1 
ATOM 858 C CA . PHE C 3 393 ? 18.994  -38.328 -6.290  1.00 41.70  ? 972  PHE C CA 1 
ATOM 859 C CA . SER C 3 394 ? 20.440  -38.301 -2.779  1.00 16.37  ? 973  SER C CA 1 
ATOM 860 C CA . THR C 3 395 ? 22.667  -40.444 -0.535  1.00 47.38  ? 974  THR C CA 1 
ATOM 861 C CA . GLU C 3 396 ? 25.424  -40.137 2.076   1.00 61.09  ? 975  GLU C CA 1 
ATOM 862 C CA . GLU C 3 397 ? 28.799  -40.213 0.310   1.00 62.27  ? 976  GLU C CA 1 
ATOM 863 C CA . PHE C 3 398 ? 29.187  -40.052 -3.453  1.00 61.22  ? 977  PHE C CA 1 
ATOM 864 C CA . LEU C 3 399 ? 32.120  -39.569 -5.785  1.00 92.01  ? 978  LEU C CA 1 
ATOM 865 C CA . PRO C 3 400 ? 30.623  -39.121 -9.220  1.00 53.90  ? 979  PRO C CA 1 
ATOM 866 C CA . ASP C 3 401 ? 33.028  -40.225 -11.944 1.00 106.52 ? 980  ASP C CA 1 
ATOM 867 C CA . ALA C 3 402 ? 34.281  -37.369 -14.110 1.00 111.72 ? 981  ALA C CA 1 
ATOM 868 C CA . ALA C 3 403 ? 32.350  -38.978 -16.963 1.00 77.41  ? 982  ALA C CA 1 
ATOM 869 C CA . LEU C 3 404 ? 29.239  -39.066 -14.737 1.00 75.13  ? 983  LEU C CA 1 
ATOM 870 C CA . VAL C 3 405 ? 29.673  -35.296 -14.323 1.00 37.52  ? 984  VAL C CA 1 
ATOM 871 C CA . ARG C 3 406 ? 30.282  -34.903 -18.073 1.00 86.22  ? 985  ARG C CA 1 
ATOM 872 C CA . LYS C 3 407 ? 27.047  -36.639 -18.962 1.00 77.10  ? 986  LYS C CA 1 
ATOM 873 C CA . LEU C 3 408 ? 25.260  -34.983 -16.050 1.00 80.74  ? 987  LEU C CA 1 
ATOM 874 C CA . SER C 3 409 ? 26.007  -31.524 -17.385 1.00 65.82  ? 988  SER C CA 1 
ATOM 875 C CA . GLN C 3 410 ? 25.138  -32.738 -20.890 1.00 73.95  ? 989  GLN C CA 1 
ATOM 876 C CA . VAL C 3 411 ? 21.770  -34.397 -20.031 1.00 84.65  ? 990  VAL C CA 1 
ATOM 877 C CA . LEU C 3 412 ? 20.855  -31.672 -17.533 1.00 33.16  ? 991  LEU C CA 1 
ATOM 878 C CA . SER C 3 413 ? 21.378  -29.333 -20.467 1.00 81.99  ? 992  SER C CA 1 
ATOM 879 C CA . LYS C 3 414 ? 19.245  -31.702 -22.563 1.00 84.29  ? 993  LYS C CA 1 
ATOM 880 C CA . LEU C 3 415 ? 16.352  -31.572 -20.098 1.00 75.20  ? 994  LEU C CA 1 
ATOM 881 C CA . THR C 3 416 ? 14.697  -28.235 -20.779 1.00 66.84  ? 995  THR C CA 1 
ATOM 882 C CA . LEU C 3 417 ? 11.785  -28.196 -18.317 1.00 80.83  ? 996  LEU C CA 1 
ATOM 883 C CA . LEU C 3 418 ? 13.657  -28.866 -15.036 1.00 57.26  ? 997  LEU C CA 1 
ATOM 884 C CA . GLN C 3 419 ? 12.580  -26.509 -12.253 1.00 79.70  ? 998  GLN C CA 1 
ATOM 885 C CA . GLU C 3 420 ? 14.365  -28.245 -9.352  1.00 44.86  ? 999  GLU C CA 1 
ATOM 886 C CA . VAL C 3 421 ? 17.282  -30.704 -8.801  1.00 52.58  ? 1000 VAL C CA 1 
ATOM 887 C CA . LYS C 3 422 ? 18.213  -32.403 -5.499  1.00 36.93  ? 1001 LYS C CA 1 
ATOM 888 C CA . LEU C 3 423 ? 21.764  -33.829 -5.571  1.00 20.34  ? 1002 LEU C CA 1 
ATOM 889 C CA . THR C 3 424 ? 22.432  -33.872 -1.784  1.00 19.51  ? 1003 THR C CA 1 
ATOM 890 C CA . GLY C 3 425 ? 25.435  -36.014 -0.814  1.00 73.61  ? 1004 GLY C CA 1 
ATOM 891 C CA . TRP C 3 426 ? 26.878  -35.837 -4.327  1.00 56.73  ? 1005 TRP C CA 1 
ATOM 892 C CA . GLU C 3 427 ? 30.174  -34.072 -3.639  1.00 73.81  ? 1006 GLU C CA 1 
ATOM 893 C CA . PHE C 3 428 ? 31.239  -32.888 -7.142  1.00 97.69  ? 1007 PHE C CA 1 
ATOM 894 C CA . ALA C 3 435 ? 29.890  -24.531 -12.299 1.00 64.40  ? 1014 ALA C CA 1 
ATOM 895 C CA . ILE C 3 436 ? 27.143  -26.440 -14.063 1.00 73.08  ? 1015 ILE C CA 1 
ATOM 896 C CA . LYS C 3 437 ? 24.462  -24.730 -11.910 1.00 68.67  ? 1016 LYS C CA 1 
ATOM 897 C CA . GLY C 3 438 ? 21.715  -24.495 -14.469 1.00 41.85  ? 1017 GLY C CA 1 
ATOM 898 C CA . THR C 3 439 ? 18.485  -22.684 -15.240 1.00 74.94  ? 1018 THR C CA 1 
ATOM 899 C CA . PHE C 3 440 ? 16.957  -24.533 -12.256 1.00 55.80  ? 1019 PHE C CA 1 
ATOM 900 C CA . LYS C 3 441 ? 16.960  -24.569 -8.445  1.00 59.68  ? 1020 LYS C CA 1 
ATOM 901 C CA . LEU C 3 442 ? 19.826  -26.651 -7.083  1.00 45.92  ? 1021 LEU C CA 1 
ATOM 902 C CA . VAL C 3 443 ? 20.202  -28.451 -3.753  1.00 30.61  ? 1022 VAL C CA 1 
ATOM 903 C CA . THR C 3 444 ? 23.663  -29.938 -3.156  1.00 67.56  ? 1023 THR C CA 1 
ATOM 904 C CA . ALA C 3 445 ? 23.606  -30.419 0.634   1.00 42.39  ? 1024 ALA C CA 1 
# 
